data_6HT8
#
_entry.id   6HT8
#
_cell.length_a   70.788
_cell.length_b   70.921
_cell.length_c   98.342
_cell.angle_alpha   77.90
_cell.angle_beta   75.58
_cell.angle_gamma   85.33
#
_symmetry.space_group_name_H-M   'P 1'
#
loop_
_entity.id
_entity.type
_entity.pdbx_description
1 polymer 'Histone deacetylase'
2 non-polymer 'ZINC ION'
3 non-polymer 'POTASSIUM ION'
4 non-polymer 3-benzamido-4-methoxy-~{N}-oxidanyl-benzamide
5 non-polymer GLYCEROL
6 non-polymer DIMETHYLFORMAMIDE
7 water water
#
_entity_poly.entity_id   1
_entity_poly.type   'polypeptide(L)'
_entity_poly.pdbx_seq_one_letter_code
;HMSVGIVYGDQYRQLCCSSPKFGDRYALVMDLINAYKLIPELSRVPPLQWDSPSRMYEAVTAFHSTEYVDALKKLQMLHC
EEKELTADDELLMDSFSLNYDCPGFPSVFDYSLAAVQGSLAAASALICRHCEVVINWGGGWHHAKRSEASGFCYLNDIVL
AIHRLVSSTPPETSPNRQTRVLYVDLDLHHGDGVEEAFWYSPRVVTFSVHHASPGFFPGTGTWNMVDNDKLPIFLNGAGR
GRFSAFNLPLEEGINDLDWSNAIGPILDSLNIVIQPSYVVVQCGADCLATDPHRIFRLTNFYPNLNLDSDCDSECSLSGY
LYAIKKILSWKVPTLILGGGGYNFPDTARLWTRVTALTIEEVKGKKMTISPEIPEHSYFSRYGPDFELDIDYFPHESHNK
TLDSIQKHHRRILEQLRNYADLNKLIYDYDQVYQLYNLTGMGSLVPR
;
_entity_poly.pdbx_strand_id   A,B,C,D
#
loop_
_chem_comp.id
_chem_comp.type
_chem_comp.name
_chem_comp.formula
DMF non-polymer DIMETHYLFORMAMIDE 'C3 H7 N O'
GOL non-polymer GLYCEROL 'C3 H8 O3'
GQE non-polymer 3-benzamido-4-methoxy-~{N}-oxidanyl-benzamide 'C15 H14 N2 O4'
K non-polymer 'POTASSIUM ION' 'K 1'
ZN non-polymer 'ZINC ION' 'Zn 2'
#
# COMPACT_ATOMS: atom_id res chain seq x y z
N SER A 3 21.00 -16.94 27.41
CA SER A 3 19.93 -17.88 27.12
C SER A 3 20.10 -18.42 25.69
N VAL A 4 19.80 -19.70 25.47
CA VAL A 4 19.78 -20.32 24.15
C VAL A 4 18.34 -20.72 23.84
N GLY A 5 17.85 -20.31 22.68
CA GLY A 5 16.47 -20.53 22.30
C GLY A 5 16.32 -21.54 21.18
N ILE A 6 15.21 -22.27 21.19
CA ILE A 6 14.93 -23.26 20.16
C ILE A 6 13.46 -23.14 19.74
N VAL A 7 13.22 -23.12 18.43
CA VAL A 7 11.86 -23.02 17.90
C VAL A 7 11.23 -24.40 17.87
N TYR A 8 10.10 -24.55 18.56
CA TYR A 8 9.21 -25.67 18.30
C TYR A 8 7.82 -25.34 18.80
N GLY A 9 6.93 -26.30 18.67
CA GLY A 9 5.53 -26.11 18.97
C GLY A 9 4.82 -27.26 18.32
N ASP A 10 3.69 -27.70 18.86
CA ASP A 10 3.09 -28.94 18.39
C ASP A 10 2.55 -28.78 16.98
N GLN A 11 1.92 -27.64 16.70
CA GLN A 11 1.49 -27.38 15.34
C GLN A 11 2.69 -27.19 14.42
N TYR A 12 3.70 -26.45 14.91
CA TYR A 12 4.91 -26.23 14.13
C TYR A 12 5.54 -27.56 13.72
N ARG A 13 5.63 -28.50 14.67
CA ARG A 13 6.20 -29.81 14.35
C ARG A 13 5.33 -30.56 13.33
N GLN A 14 4.01 -30.54 13.50
CA GLN A 14 3.15 -31.16 12.48
C GLN A 14 3.38 -30.57 11.08
N LEU A 15 3.53 -29.23 11.00
CA LEU A 15 3.71 -28.56 9.71
C LEU A 15 5.09 -28.80 9.11
N CYS A 16 6.14 -28.75 9.91
CA CYS A 16 7.45 -29.09 9.34
C CYS A 16 7.54 -30.55 8.88
N CYS A 17 6.67 -31.44 9.38
CA CYS A 17 6.73 -32.87 9.03
C CYS A 17 5.73 -33.30 7.96
N SER A 18 5.10 -32.36 7.27
CA SER A 18 4.11 -32.72 6.26
C SER A 18 4.65 -32.67 4.85
N SER A 19 5.93 -32.57 4.69
CA SER A 19 6.39 -32.43 3.33
C SER A 19 6.83 -33.79 2.76
N PRO A 20 6.68 -33.97 1.46
CA PRO A 20 7.13 -35.23 0.85
C PRO A 20 8.64 -35.38 0.82
N LYS A 21 9.39 -34.29 0.71
CA LYS A 21 10.83 -34.39 0.62
C LYS A 21 11.48 -34.69 1.98
N PHE A 22 11.04 -34.06 3.07
CA PHE A 22 11.73 -34.21 4.34
C PHE A 22 10.95 -35.00 5.37
N GLY A 23 9.81 -35.56 5.00
CA GLY A 23 9.00 -36.36 5.90
C GLY A 23 9.09 -35.98 7.36
N ASP A 24 9.54 -36.89 8.21
CA ASP A 24 9.52 -36.70 9.65
C ASP A 24 10.87 -36.32 10.22
N ARG A 25 11.79 -35.84 9.37
CA ARG A 25 13.11 -35.42 9.85
C ARG A 25 13.01 -34.53 11.08
N TYR A 26 12.23 -33.44 10.98
CA TYR A 26 12.15 -32.45 12.06
C TYR A 26 11.78 -33.10 13.39
N ALA A 27 10.98 -34.18 13.33
CA ALA A 27 10.54 -34.91 14.52
C ALA A 27 11.64 -35.82 15.03
N LEU A 28 12.34 -36.53 14.14
CA LEU A 28 13.57 -37.20 14.55
C LEU A 28 14.53 -36.25 15.24
N VAL A 29 14.68 -35.05 14.68
CA VAL A 29 15.60 -34.07 15.26
C VAL A 29 15.13 -33.67 16.66
N MET A 30 13.87 -33.18 16.79
CA MET A 30 13.48 -32.63 18.07
C MET A 30 13.34 -33.71 19.11
N ASP A 31 12.98 -34.93 18.72
CA ASP A 31 12.83 -35.98 19.72
C ASP A 31 14.18 -36.54 20.16
N LEU A 32 15.19 -36.60 19.28
CA LEU A 32 16.54 -36.91 19.75
C LEU A 32 17.08 -35.83 20.68
N ILE A 33 16.83 -34.55 20.38
CA ILE A 33 17.21 -33.48 21.30
C ILE A 33 16.54 -33.73 22.65
N ASN A 34 15.32 -34.26 22.61
CA ASN A 34 14.54 -34.50 23.81
C ASN A 34 14.97 -35.78 24.54
N ALA A 35 15.26 -36.84 23.78
CA ALA A 35 15.78 -38.05 24.38
C ALA A 35 17.03 -37.77 25.20
N TYR A 36 17.79 -36.76 24.82
CA TYR A 36 19.03 -36.40 25.50
C TYR A 36 18.83 -35.32 26.58
N LYS A 37 17.62 -35.19 27.13
CA LYS A 37 17.37 -34.31 28.28
C LYS A 37 17.93 -32.91 28.06
N LEU A 38 17.83 -32.41 26.82
CA LEU A 38 18.39 -31.12 26.39
C LEU A 38 17.39 -29.97 26.40
N ILE A 39 16.09 -30.25 26.32
CA ILE A 39 15.04 -29.23 26.19
C ILE A 39 14.93 -28.38 27.46
N PRO A 40 15.05 -28.96 28.68
CA PRO A 40 15.07 -28.11 29.89
C PRO A 40 16.19 -27.07 29.92
N GLU A 41 17.32 -27.29 29.24
CA GLU A 41 18.34 -26.25 29.16
C GLU A 41 18.00 -25.15 28.15
N LEU A 42 16.95 -25.32 27.34
CA LEU A 42 16.66 -24.47 26.20
C LEU A 42 15.39 -23.66 26.42
N SER A 43 15.37 -22.44 25.90
CA SER A 43 14.21 -21.56 25.96
C SER A 43 13.39 -21.71 24.67
N ARG A 44 12.16 -22.23 24.79
CA ARG A 44 11.32 -22.41 23.61
C ARG A 44 10.92 -21.06 23.01
N VAL A 45 11.28 -20.83 21.76
CA VAL A 45 10.85 -19.65 21.00
C VAL A 45 9.67 -20.05 20.12
N PRO A 46 8.43 -19.63 20.46
CA PRO A 46 7.28 -20.07 19.66
C PRO A 46 7.31 -19.40 18.30
N PRO A 47 6.79 -20.06 17.27
CA PRO A 47 6.73 -19.42 15.94
C PRO A 47 5.75 -18.24 15.88
N LEU A 48 6.11 -17.27 15.06
CA LEU A 48 5.36 -16.02 15.00
C LEU A 48 4.01 -16.25 14.31
N GLN A 49 2.98 -15.59 14.83
CA GLN A 49 1.69 -15.60 14.17
C GLN A 49 1.25 -14.16 13.97
N TRP A 50 0.27 -13.97 13.06
CA TRP A 50 -0.07 -12.63 12.60
C TRP A 50 -1.51 -12.23 12.91
N ASP A 51 -1.70 -10.92 12.95
CA ASP A 51 -2.96 -10.30 13.34
C ASP A 51 -4.03 -10.51 12.29
N SER A 52 -3.65 -10.83 11.05
CA SER A 52 -4.56 -10.81 9.91
C SER A 52 -3.85 -11.31 8.66
N PRO A 53 -4.59 -11.74 7.63
CA PRO A 53 -3.96 -12.02 6.31
C PRO A 53 -3.05 -10.90 5.79
N SER A 54 -3.47 -9.64 5.93
CA SER A 54 -2.67 -8.54 5.40
C SER A 54 -1.32 -8.48 6.07
N ARG A 55 -1.30 -8.66 7.38
CA ARG A 55 -0.06 -8.65 8.13
C ARG A 55 0.86 -9.79 7.70
N MET A 56 0.33 -11.00 7.56
CA MET A 56 1.18 -12.07 7.02
C MET A 56 1.73 -11.66 5.65
N TYR A 57 0.87 -11.13 4.78
CA TYR A 57 1.30 -10.77 3.43
C TYR A 57 2.39 -9.71 3.45
N GLU A 58 2.29 -8.72 4.36
CA GLU A 58 3.34 -7.71 4.42
C GLU A 58 4.66 -8.31 4.84
N ALA A 59 4.64 -9.23 5.81
CA ALA A 59 5.89 -9.84 6.24
C ALA A 59 6.53 -10.61 5.11
N VAL A 60 5.74 -11.46 4.41
CA VAL A 60 6.32 -12.35 3.41
C VAL A 60 6.78 -11.56 2.19
N THR A 61 5.99 -10.55 1.76
CA THR A 61 6.43 -9.72 0.63
C THR A 61 7.44 -8.62 1.05
N ALA A 62 7.96 -8.64 2.27
CA ALA A 62 9.20 -7.91 2.50
C ALA A 62 10.28 -8.37 1.52
N PHE A 63 10.24 -9.64 1.11
CA PHE A 63 11.19 -10.18 0.12
C PHE A 63 10.47 -10.77 -1.10
N HIS A 64 9.44 -11.61 -0.89
CA HIS A 64 8.78 -12.31 -1.98
C HIS A 64 7.74 -11.44 -2.67
N SER A 65 7.61 -11.62 -3.98
CA SER A 65 6.62 -10.85 -4.73
C SER A 65 5.23 -11.37 -4.40
N THR A 66 4.26 -10.46 -4.34
CA THR A 66 2.96 -10.92 -3.88
C THR A 66 2.30 -11.83 -4.93
N GLU A 67 2.59 -11.64 -6.22
CA GLU A 67 2.05 -12.60 -7.19
C GLU A 67 2.68 -13.98 -7.01
N TYR A 68 3.92 -14.05 -6.53
CA TYR A 68 4.48 -15.34 -6.17
C TYR A 68 3.79 -15.91 -4.92
N VAL A 69 3.63 -15.10 -3.86
CA VAL A 69 2.92 -15.60 -2.68
C VAL A 69 1.54 -16.08 -3.05
N ASP A 70 0.81 -15.28 -3.86
CA ASP A 70 -0.49 -15.71 -4.40
C ASP A 70 -0.40 -17.08 -5.08
N ALA A 71 0.61 -17.28 -5.94
CA ALA A 71 0.72 -18.54 -6.67
C ALA A 71 0.96 -19.71 -5.73
N LEU A 72 1.77 -19.50 -4.69
CA LEU A 72 2.02 -20.59 -3.76
C LEU A 72 0.77 -20.96 -2.96
N LYS A 73 0.02 -19.95 -2.50
CA LYS A 73 -1.25 -20.23 -1.83
C LYS A 73 -2.21 -20.92 -2.78
N LYS A 74 -2.24 -20.51 -4.05
CA LYS A 74 -3.16 -21.18 -4.96
C LYS A 74 -2.73 -22.64 -5.14
N LEU A 75 -1.42 -22.89 -5.19
CA LEU A 75 -0.93 -24.27 -5.30
C LEU A 75 -1.41 -25.15 -4.14
N GLN A 76 -1.51 -24.59 -2.93
CA GLN A 76 -2.02 -25.41 -1.82
C GLN A 76 -3.48 -25.77 -2.02
N MET A 77 -4.33 -24.76 -2.27
CA MET A 77 -5.75 -25.01 -2.48
C MET A 77 -5.96 -26.05 -3.59
N LEU A 78 -5.17 -25.97 -4.66
CA LEU A 78 -5.34 -26.86 -5.82
C LEU A 78 -5.03 -28.30 -5.46
N HIS A 79 -4.04 -28.53 -4.58
CA HIS A 79 -3.72 -29.86 -4.11
C HIS A 79 -4.57 -30.31 -2.93
N CYS A 80 -5.48 -29.46 -2.44
CA CYS A 80 -6.53 -29.88 -1.53
C CYS A 80 -7.84 -30.18 -2.25
N GLU A 81 -7.84 -30.18 -3.58
CA GLU A 81 -8.95 -30.65 -4.38
C GLU A 81 -8.57 -31.96 -5.04
N GLU A 82 -9.56 -32.83 -5.28
CA GLU A 82 -9.30 -34.15 -5.85
C GLU A 82 -8.79 -34.06 -7.29
N LYS A 83 -9.17 -33.01 -8.00
CA LYS A 83 -9.05 -32.98 -9.45
C LYS A 83 -7.68 -32.44 -9.88
N GLU A 84 -7.40 -32.59 -11.18
CA GLU A 84 -6.16 -32.16 -11.77
C GLU A 84 -6.14 -30.65 -12.02
N LEU A 85 -4.94 -30.12 -12.14
CA LEU A 85 -4.75 -28.73 -12.52
C LEU A 85 -5.16 -28.51 -13.96
N THR A 86 -5.70 -27.33 -14.25
CA THR A 86 -5.89 -26.94 -15.63
C THR A 86 -4.54 -26.65 -16.31
N ALA A 87 -4.57 -26.61 -17.65
CA ALA A 87 -3.42 -26.18 -18.41
C ALA A 87 -2.99 -24.76 -18.03
N ASP A 88 -3.96 -23.88 -17.74
CA ASP A 88 -3.61 -22.51 -17.38
C ASP A 88 -2.92 -22.46 -16.01
N ASP A 89 -3.40 -23.28 -15.06
CA ASP A 89 -2.77 -23.36 -13.75
C ASP A 89 -1.37 -23.97 -13.83
N GLU A 90 -1.17 -24.98 -14.70
CA GLU A 90 0.17 -25.51 -14.93
C GLU A 90 1.12 -24.41 -15.43
N LEU A 91 0.72 -23.66 -16.46
CA LEU A 91 1.53 -22.55 -16.93
C LEU A 91 1.87 -21.58 -15.79
N LEU A 92 0.84 -21.18 -15.03
CA LEU A 92 1.04 -20.27 -13.90
C LEU A 92 2.12 -20.81 -12.95
N MET A 93 1.98 -22.07 -12.52
CA MET A 93 2.93 -22.66 -11.58
C MET A 93 4.35 -22.73 -12.19
N ASP A 94 4.45 -23.29 -13.40
CA ASP A 94 5.69 -23.26 -14.18
C ASP A 94 6.39 -21.90 -14.14
N SER A 95 5.62 -20.79 -14.31
CA SER A 95 6.26 -19.48 -14.37
C SER A 95 6.86 -19.06 -13.03
N PHE A 96 6.55 -19.78 -11.94
CA PHE A 96 7.25 -19.60 -10.68
C PHE A 96 8.05 -20.84 -10.29
N SER A 97 8.32 -21.73 -11.25
CA SER A 97 9.06 -22.98 -10.98
C SER A 97 8.43 -23.82 -9.87
N LEU A 98 7.11 -23.70 -9.71
CA LEU A 98 6.37 -24.55 -8.79
C LEU A 98 6.05 -25.86 -9.51
N ASN A 99 7.07 -26.71 -9.63
CA ASN A 99 7.02 -27.93 -10.44
C ASN A 99 8.33 -28.68 -10.20
N TYR A 100 8.41 -29.90 -10.75
CA TYR A 100 9.67 -30.64 -10.81
C TYR A 100 10.23 -30.80 -9.41
N ASP A 101 11.32 -30.09 -9.12
CA ASP A 101 11.95 -30.13 -7.81
C ASP A 101 11.11 -29.45 -6.72
N CYS A 102 10.16 -28.59 -7.09
CA CYS A 102 9.28 -27.90 -6.15
C CYS A 102 7.81 -28.20 -6.44
N PRO A 103 7.38 -29.43 -6.20
CA PRO A 103 5.99 -29.80 -6.49
C PRO A 103 5.04 -29.28 -5.42
N GLY A 104 3.76 -29.21 -5.80
CA GLY A 104 2.73 -28.92 -4.84
C GLY A 104 2.40 -30.16 -4.04
N PHE A 105 1.86 -29.92 -2.84
CA PHE A 105 1.30 -30.96 -2.01
C PHE A 105 0.28 -30.29 -1.08
N PRO A 106 -0.59 -31.08 -0.43
CA PRO A 106 -1.72 -30.47 0.31
C PRO A 106 -1.36 -29.36 1.29
N SER A 107 -0.16 -29.37 1.86
CA SER A 107 0.16 -28.36 2.87
C SER A 107 1.32 -27.47 2.46
N VAL A 108 1.62 -27.36 1.15
CA VAL A 108 2.89 -26.75 0.72
C VAL A 108 3.00 -25.30 1.19
N PHE A 109 1.92 -24.52 1.13
CA PHE A 109 1.98 -23.15 1.63
C PHE A 109 2.15 -23.10 3.16
N ASP A 110 1.42 -23.93 3.94
CA ASP A 110 1.56 -23.88 5.40
C ASP A 110 2.95 -24.31 5.85
N TYR A 111 3.43 -25.41 5.25
CA TYR A 111 4.81 -25.89 5.37
C TYR A 111 5.84 -24.80 5.11
N SER A 112 5.74 -24.14 3.97
CA SER A 112 6.74 -23.11 3.66
C SER A 112 6.65 -21.95 4.63
N LEU A 113 5.42 -21.59 5.02
CA LEU A 113 5.21 -20.41 5.86
C LEU A 113 5.67 -20.67 7.30
N ALA A 114 5.51 -21.91 7.78
CA ALA A 114 5.98 -22.23 9.13
C ALA A 114 7.44 -21.86 9.33
N ALA A 115 8.30 -22.30 8.39
CA ALA A 115 9.73 -22.00 8.50
C ALA A 115 9.98 -20.50 8.59
N VAL A 116 9.20 -19.70 7.83
CA VAL A 116 9.24 -18.24 7.96
C VAL A 116 8.74 -17.79 9.34
N GLN A 117 7.66 -18.37 9.85
CA GLN A 117 7.19 -17.97 11.18
C GLN A 117 8.23 -18.27 12.25
N GLY A 118 8.95 -19.38 12.10
CA GLY A 118 9.95 -19.70 13.11
C GLY A 118 11.20 -18.85 13.01
N SER A 119 11.72 -18.66 11.81
CA SER A 119 12.94 -17.86 11.71
C SER A 119 12.68 -16.38 11.98
N LEU A 120 11.43 -15.91 11.88
CA LEU A 120 11.12 -14.53 12.25
C LEU A 120 10.94 -14.37 13.75
N ALA A 121 10.40 -15.40 14.42
CA ALA A 121 10.35 -15.36 15.88
C ALA A 121 11.76 -15.43 16.46
N ALA A 122 12.64 -16.24 15.84
CA ALA A 122 14.03 -16.32 16.28
C ALA A 122 14.75 -14.98 16.11
N ALA A 123 14.65 -14.36 14.94
CA ALA A 123 15.27 -13.04 14.81
C ALA A 123 14.78 -12.10 15.90
N SER A 124 13.48 -12.15 16.22
CA SER A 124 12.96 -11.19 17.18
C SER A 124 13.44 -11.47 18.60
N ALA A 125 13.64 -12.73 18.97
CA ALA A 125 14.16 -13.02 20.30
C ALA A 125 15.62 -12.59 20.43
N LEU A 126 16.40 -12.68 19.35
CA LEU A 126 17.71 -12.05 19.36
C LEU A 126 17.60 -10.55 19.61
N ILE A 127 16.69 -9.88 18.88
CA ILE A 127 16.69 -8.42 18.82
C ILE A 127 16.30 -7.82 20.17
N CYS A 128 15.24 -8.35 20.78
CA CYS A 128 14.84 -7.89 22.11
C CYS A 128 15.78 -8.42 23.20
N ARG A 129 16.77 -9.24 22.83
CA ARG A 129 17.81 -9.76 23.71
C ARG A 129 17.32 -10.80 24.74
N HIS A 130 16.13 -11.39 24.52
CA HIS A 130 15.72 -12.56 25.31
C HIS A 130 16.70 -13.72 25.16
N CYS A 131 17.33 -13.87 23.97
CA CYS A 131 18.23 -14.96 23.67
C CYS A 131 19.50 -14.41 23.04
N GLU A 132 20.65 -14.96 23.46
CA GLU A 132 21.93 -14.73 22.81
C GLU A 132 22.03 -15.52 21.50
N VAL A 133 21.57 -16.77 21.51
CA VAL A 133 21.52 -17.63 20.33
C VAL A 133 20.13 -18.27 20.25
N VAL A 134 19.60 -18.43 19.02
CA VAL A 134 18.35 -19.16 18.80
C VAL A 134 18.55 -20.14 17.66
N ILE A 135 17.94 -21.31 17.80
CA ILE A 135 18.04 -22.44 16.91
C ILE A 135 16.67 -22.67 16.26
N ASN A 136 16.66 -22.88 14.96
CA ASN A 136 15.45 -23.29 14.26
C ASN A 136 15.88 -24.39 13.30
N TRP A 137 15.69 -25.64 13.70
CA TRP A 137 15.98 -26.75 12.79
C TRP A 137 14.90 -26.92 11.73
N GLY A 138 13.76 -26.26 11.90
CA GLY A 138 12.72 -26.17 10.89
C GLY A 138 13.01 -25.23 9.73
N GLY A 139 14.03 -24.37 9.83
CA GLY A 139 14.33 -23.39 8.78
C GLY A 139 15.64 -23.59 8.04
N GLY A 140 16.01 -22.60 7.22
CA GLY A 140 17.23 -22.70 6.44
C GLY A 140 17.08 -23.03 4.97
N TRP A 141 16.06 -22.43 4.32
CA TRP A 141 15.68 -22.71 2.93
C TRP A 141 16.26 -21.64 1.99
N HIS A 142 17.56 -21.77 1.76
CA HIS A 142 18.41 -20.73 1.19
C HIS A 142 18.28 -20.62 -0.33
N HIS A 143 17.51 -21.48 -0.98
CA HIS A 143 17.38 -21.43 -2.44
C HIS A 143 16.18 -20.62 -2.95
N ALA A 144 15.21 -20.24 -2.09
CA ALA A 144 14.02 -19.59 -2.61
C ALA A 144 14.35 -18.17 -3.05
N LYS A 145 13.94 -17.79 -4.25
CA LYS A 145 14.12 -16.44 -4.75
C LYS A 145 12.84 -15.64 -4.61
N ARG A 146 12.95 -14.35 -4.90
CA ARG A 146 11.82 -13.42 -4.85
C ARG A 146 10.54 -13.97 -5.47
N SER A 147 10.61 -14.55 -6.67
CA SER A 147 9.44 -15.09 -7.39
C SER A 147 9.69 -16.49 -7.97
N GLU A 148 10.34 -17.35 -7.20
CA GLU A 148 10.75 -18.64 -7.76
C GLU A 148 11.07 -19.59 -6.63
N ALA A 149 10.45 -20.77 -6.66
CA ALA A 149 10.87 -21.87 -5.84
C ALA A 149 12.13 -22.50 -6.41
N SER A 150 12.90 -23.16 -5.54
CA SER A 150 14.13 -23.77 -5.99
C SER A 150 14.63 -24.72 -4.92
N GLY A 151 15.15 -25.88 -5.35
CA GLY A 151 15.71 -26.86 -4.44
C GLY A 151 14.86 -27.14 -3.22
N PHE A 152 13.57 -27.39 -3.43
CA PHE A 152 12.57 -27.62 -2.39
C PHE A 152 12.47 -26.46 -1.39
N CYS A 153 12.85 -25.25 -1.81
CA CYS A 153 12.68 -24.06 -1.00
C CYS A 153 11.64 -23.18 -1.66
N TYR A 154 10.55 -22.92 -0.96
CA TYR A 154 9.49 -22.09 -1.52
C TYR A 154 9.49 -20.68 -0.95
N LEU A 155 9.84 -20.51 0.32
CA LEU A 155 9.91 -19.22 1.01
C LEU A 155 11.28 -19.07 1.68
N ASN A 156 11.94 -17.94 1.47
CA ASN A 156 13.28 -17.85 2.01
C ASN A 156 13.20 -17.29 3.42
N ASP A 157 13.08 -18.20 4.40
CA ASP A 157 13.00 -17.79 5.80
C ASP A 157 14.23 -17.00 6.24
N ILE A 158 15.41 -17.34 5.69
CA ILE A 158 16.66 -16.70 6.12
C ILE A 158 16.70 -15.25 5.67
N VAL A 159 16.44 -15.01 4.38
CA VAL A 159 16.37 -13.65 3.87
C VAL A 159 15.46 -12.81 4.77
N LEU A 160 14.30 -13.37 5.14
CA LEU A 160 13.34 -12.62 5.92
C LEU A 160 13.85 -12.39 7.34
N ALA A 161 14.34 -13.45 8.00
CA ALA A 161 14.96 -13.25 9.30
C ALA A 161 16.13 -12.26 9.22
N ILE A 162 16.93 -12.33 8.14
CA ILE A 162 18.05 -11.40 8.06
C ILE A 162 17.56 -9.98 7.84
N HIS A 163 16.56 -9.81 6.99
CA HIS A 163 16.04 -8.48 6.76
C HIS A 163 15.48 -7.87 8.05
N ARG A 164 14.84 -8.70 8.89
CA ARG A 164 14.41 -8.22 10.20
C ARG A 164 15.59 -7.86 11.09
N LEU A 165 16.72 -8.55 10.98
CA LEU A 165 17.85 -8.21 11.84
C LEU A 165 18.47 -6.87 11.46
N VAL A 166 18.58 -6.57 10.16
CA VAL A 166 19.28 -5.36 9.70
C VAL A 166 18.43 -4.12 9.81
N SER A 167 17.13 -4.26 10.04
CA SER A 167 16.27 -3.10 10.25
C SER A 167 15.90 -2.99 11.72
N SER A 168 16.85 -3.31 12.59
CA SER A 168 16.61 -3.23 14.03
C SER A 168 17.46 -2.13 14.71
N GLN A 178 25.71 1.34 13.05
CA GLN A 178 24.95 0.69 11.98
C GLN A 178 24.99 -0.85 12.10
N THR A 179 23.91 -1.48 11.68
CA THR A 179 23.76 -2.92 11.84
C THR A 179 24.32 -3.67 10.63
N ARG A 180 25.24 -4.60 10.89
CA ARG A 180 25.79 -5.49 9.88
C ARG A 180 25.52 -6.94 10.28
N VAL A 181 25.04 -7.74 9.33
CA VAL A 181 24.80 -9.17 9.56
C VAL A 181 25.83 -9.97 8.77
N LEU A 182 26.46 -10.94 9.43
CA LEU A 182 27.31 -11.93 8.75
C LEU A 182 26.51 -13.21 8.59
N TYR A 183 26.37 -13.67 7.36
CA TYR A 183 25.64 -14.89 7.03
C TYR A 183 26.64 -15.95 6.62
N VAL A 184 26.57 -17.11 7.28
CA VAL A 184 27.51 -18.21 7.10
C VAL A 184 26.70 -19.42 6.70
N ASP A 185 27.02 -20.00 5.54
CA ASP A 185 26.25 -21.07 4.88
C ASP A 185 27.12 -22.31 4.76
N LEU A 186 26.96 -23.25 5.70
CA LEU A 186 27.77 -24.47 5.78
C LEU A 186 27.20 -25.61 4.93
N ASP A 187 26.05 -25.41 4.32
CA ASP A 187 25.38 -26.41 3.52
C ASP A 187 26.26 -26.92 2.37
N LEU A 188 26.01 -28.17 1.97
CA LEU A 188 26.68 -28.71 0.79
C LEU A 188 26.46 -27.83 -0.45
N HIS A 189 25.36 -27.11 -0.51
CA HIS A 189 24.98 -26.41 -1.72
C HIS A 189 25.20 -24.92 -1.49
N HIS A 190 25.51 -24.23 -2.58
CA HIS A 190 25.69 -22.80 -2.54
C HIS A 190 24.39 -22.14 -2.08
N GLY A 191 24.48 -21.24 -1.10
CA GLY A 191 23.31 -20.46 -0.77
C GLY A 191 23.07 -19.34 -1.78
N ASP A 192 22.53 -19.64 -2.97
CA ASP A 192 22.36 -18.60 -3.98
C ASP A 192 21.28 -17.58 -3.60
N GLY A 193 20.13 -18.04 -3.09
CA GLY A 193 19.03 -17.12 -2.86
C GLY A 193 19.34 -16.06 -1.83
N VAL A 194 19.99 -16.46 -0.73
CA VAL A 194 20.42 -15.50 0.28
C VAL A 194 21.51 -14.59 -0.29
N GLU A 195 22.46 -15.16 -1.04
CA GLU A 195 23.49 -14.34 -1.65
C GLU A 195 22.88 -13.34 -2.63
N GLU A 196 21.89 -13.78 -3.39
CA GLU A 196 21.27 -12.88 -4.36
C GLU A 196 20.49 -11.78 -3.65
N ALA A 197 19.76 -12.13 -2.57
CA ALA A 197 18.89 -11.13 -1.96
C ALA A 197 19.68 -9.92 -1.50
N PHE A 198 20.90 -10.14 -1.02
CA PHE A 198 21.73 -9.08 -0.47
C PHE A 198 22.91 -8.75 -1.37
N TRP A 199 22.76 -9.08 -2.66
CA TRP A 199 23.80 -8.84 -3.66
C TRP A 199 24.20 -7.36 -3.76
N TYR A 200 23.26 -6.43 -3.49
CA TYR A 200 23.55 -5.00 -3.56
C TYR A 200 23.67 -4.34 -2.19
N SER A 201 23.67 -5.12 -1.11
CA SER A 201 23.69 -4.56 0.23
C SER A 201 25.01 -4.82 0.94
N PRO A 202 25.75 -3.80 1.36
CA PRO A 202 26.99 -4.03 2.11
C PRO A 202 26.79 -4.32 3.61
N ARG A 203 25.57 -4.24 4.14
CA ARG A 203 25.34 -4.46 5.57
C ARG A 203 25.10 -5.94 5.89
N VAL A 204 24.87 -6.76 4.88
CA VAL A 204 24.73 -8.19 5.01
C VAL A 204 25.83 -8.82 4.16
N VAL A 205 26.86 -9.34 4.80
CA VAL A 205 27.95 -10.01 4.10
C VAL A 205 27.66 -11.49 4.11
N THR A 206 27.58 -12.10 2.93
CA THR A 206 27.24 -13.51 2.85
C THR A 206 28.50 -14.30 2.51
N PHE A 207 28.64 -15.45 3.15
CA PHE A 207 29.78 -16.32 2.93
C PHE A 207 29.22 -17.73 2.92
N SER A 208 29.38 -18.41 1.77
CA SER A 208 28.97 -19.79 1.59
C SER A 208 30.19 -20.62 1.20
N VAL A 209 30.29 -21.81 1.78
CA VAL A 209 31.24 -22.84 1.40
C VAL A 209 30.42 -24.07 1.02
N HIS A 210 30.84 -24.80 0.00
CA HIS A 210 29.93 -25.73 -0.66
C HIS A 210 30.73 -26.54 -1.67
N HIS A 211 30.14 -27.65 -2.09
CA HIS A 211 30.65 -28.27 -3.30
C HIS A 211 30.21 -27.46 -4.51
N ALA A 212 31.07 -27.41 -5.52
CA ALA A 212 30.68 -26.89 -6.83
C ALA A 212 31.45 -27.65 -7.91
N SER A 213 30.74 -28.09 -8.93
CA SER A 213 31.31 -28.82 -10.04
C SER A 213 30.27 -28.86 -11.16
N PRO A 214 30.70 -29.09 -12.42
CA PRO A 214 29.78 -28.83 -13.54
C PRO A 214 28.58 -29.77 -13.51
N GLY A 215 27.39 -29.18 -13.61
CA GLY A 215 26.14 -29.92 -13.48
C GLY A 215 25.58 -30.05 -12.07
N PHE A 216 26.32 -29.63 -11.05
CA PHE A 216 25.90 -29.87 -9.67
C PHE A 216 25.06 -28.68 -9.21
N PHE A 217 24.04 -28.96 -8.42
CA PHE A 217 23.03 -27.95 -8.06
C PHE A 217 23.63 -26.97 -7.09
N PRO A 218 23.31 -25.65 -7.20
CA PRO A 218 22.49 -24.94 -8.21
C PRO A 218 23.30 -24.36 -9.36
N GLY A 219 24.62 -24.48 -9.29
CA GLY A 219 25.49 -24.04 -10.34
C GLY A 219 26.33 -22.84 -9.98
N THR A 220 25.89 -22.03 -9.03
CA THR A 220 26.58 -20.79 -8.77
C THR A 220 27.67 -21.01 -7.72
N GLY A 221 28.17 -19.91 -7.15
CA GLY A 221 29.16 -19.94 -6.08
C GLY A 221 30.55 -20.38 -6.52
N THR A 222 30.95 -20.05 -7.74
CA THR A 222 32.25 -20.47 -8.25
C THR A 222 32.59 -19.60 -9.45
N TRP A 223 33.74 -19.92 -10.06
CA TRP A 223 34.22 -19.23 -11.25
C TRP A 223 33.13 -19.18 -12.29
N ASN A 224 33.08 -18.08 -13.02
CA ASN A 224 31.88 -17.74 -13.76
C ASN A 224 32.14 -17.34 -15.20
N LEU A 231 39.54 -16.43 -19.14
CA LEU A 231 39.73 -16.57 -17.70
C LEU A 231 38.51 -16.08 -16.91
N PRO A 232 37.57 -16.99 -16.63
CA PRO A 232 36.39 -16.62 -15.84
C PRO A 232 36.76 -16.00 -14.50
N ILE A 233 35.85 -15.18 -13.97
CA ILE A 233 36.08 -14.45 -12.74
C ILE A 233 35.11 -14.93 -11.68
N PHE A 234 35.42 -14.57 -10.43
CA PHE A 234 34.49 -14.65 -9.33
C PHE A 234 33.66 -13.36 -9.24
N LEU A 235 32.35 -13.46 -9.45
CA LEU A 235 31.46 -12.37 -9.07
C LEU A 235 31.35 -12.29 -7.53
N ASN A 236 31.19 -11.08 -7.00
CA ASN A 236 31.21 -10.99 -5.54
C ASN A 236 30.33 -9.86 -4.97
N GLY A 237 29.27 -9.50 -5.68
CA GLY A 237 28.43 -8.36 -5.33
C GLY A 237 28.44 -7.29 -6.41
N ALA A 238 27.51 -6.34 -6.26
CA ALA A 238 27.39 -5.26 -7.23
C ALA A 238 26.95 -3.99 -6.50
N GLY A 239 27.12 -2.85 -7.16
CA GLY A 239 26.79 -1.59 -6.55
C GLY A 239 27.62 -1.34 -5.30
N ARG A 240 26.98 -0.75 -4.28
CA ARG A 240 27.63 -0.59 -3.00
C ARG A 240 27.85 -1.93 -2.29
N GLY A 241 27.23 -2.99 -2.77
CA GLY A 241 27.46 -4.35 -2.33
C GLY A 241 28.69 -5.03 -2.91
N ARG A 242 29.47 -4.35 -3.75
CA ARG A 242 30.63 -5.01 -4.37
C ARG A 242 31.58 -5.53 -3.29
N PHE A 243 32.07 -6.76 -3.50
CA PHE A 243 32.94 -7.51 -2.58
C PHE A 243 32.26 -8.05 -1.33
N SER A 244 30.92 -8.04 -1.24
CA SER A 244 30.21 -8.43 -0.01
C SER A 244 29.61 -9.83 -0.04
N ALA A 245 29.71 -10.53 -1.17
CA ALA A 245 29.30 -11.94 -1.28
C ALA A 245 30.55 -12.79 -1.44
N PHE A 246 30.78 -13.68 -0.48
CA PHE A 246 31.98 -14.52 -0.42
C PHE A 246 31.59 -15.96 -0.71
N ASN A 247 32.48 -16.68 -1.40
CA ASN A 247 32.22 -18.06 -1.78
C ASN A 247 33.50 -18.90 -1.74
N LEU A 248 33.41 -20.08 -1.14
CA LEU A 248 34.49 -21.07 -1.15
C LEU A 248 33.96 -22.40 -1.70
N PRO A 249 34.18 -22.68 -3.01
CA PRO A 249 33.78 -23.98 -3.57
C PRO A 249 34.88 -25.00 -3.41
N LEU A 250 34.54 -26.19 -2.96
CA LEU A 250 35.50 -27.22 -2.59
C LEU A 250 35.29 -28.47 -3.43
N GLU A 251 36.38 -29.17 -3.72
CA GLU A 251 36.33 -30.43 -4.47
C GLU A 251 35.70 -31.53 -3.62
N GLU A 252 35.11 -32.52 -4.29
CA GLU A 252 34.45 -33.59 -3.55
C GLU A 252 35.45 -34.40 -2.73
N GLY A 253 34.92 -35.11 -1.75
CA GLY A 253 35.74 -35.95 -0.91
C GLY A 253 36.32 -35.30 0.33
N ILE A 254 36.18 -33.97 0.51
CA ILE A 254 36.91 -33.28 1.57
C ILE A 254 36.48 -33.82 2.93
N ASN A 255 37.44 -33.88 3.86
CA ASN A 255 37.24 -34.46 5.18
C ASN A 255 37.10 -33.34 6.22
N ASP A 256 36.81 -33.73 7.48
CA ASP A 256 36.62 -32.76 8.56
C ASP A 256 37.77 -31.77 8.71
N LEU A 257 39.01 -32.28 8.83
CA LEU A 257 40.17 -31.43 9.10
C LEU A 257 40.50 -30.48 7.94
N ASP A 258 40.55 -31.00 6.70
CA ASP A 258 40.78 -30.12 5.56
C ASP A 258 39.67 -29.07 5.41
N TRP A 259 38.41 -29.48 5.56
CA TRP A 259 37.30 -28.52 5.54
C TRP A 259 37.44 -27.48 6.66
N SER A 260 37.76 -27.93 7.87
CA SER A 260 37.90 -27.02 9.02
C SER A 260 39.00 -25.99 8.77
N ASN A 261 40.12 -26.44 8.23
CA ASN A 261 41.25 -25.57 7.95
C ASN A 261 40.98 -24.66 6.76
N ALA A 262 40.07 -25.04 5.88
CA ALA A 262 39.79 -24.23 4.72
C ALA A 262 38.92 -23.05 5.09
N ILE A 263 38.00 -23.24 6.05
CA ILE A 263 37.05 -22.18 6.37
C ILE A 263 37.47 -21.38 7.59
N GLY A 264 38.23 -22.01 8.51
CA GLY A 264 38.53 -21.43 9.79
C GLY A 264 39.14 -20.04 9.71
N PRO A 265 40.21 -19.90 8.91
CA PRO A 265 40.77 -18.56 8.66
C PRO A 265 39.80 -17.57 8.01
N ILE A 266 38.96 -18.03 7.07
CA ILE A 266 37.97 -17.12 6.47
C ILE A 266 36.99 -16.60 7.53
N LEU A 267 36.54 -17.48 8.43
CA LEU A 267 35.56 -17.07 9.44
C LEU A 267 36.16 -16.03 10.38
N ASP A 268 37.35 -16.31 10.93
CA ASP A 268 38.00 -15.37 11.84
C ASP A 268 38.26 -14.02 11.17
N SER A 269 38.61 -14.04 9.89
CA SER A 269 38.84 -12.81 9.15
C SER A 269 37.56 -11.99 8.99
N LEU A 270 36.48 -12.63 8.57
CA LEU A 270 35.23 -11.89 8.38
C LEU A 270 34.79 -11.24 9.69
N ASN A 271 34.87 -11.96 10.79
CA ASN A 271 34.50 -11.40 12.07
C ASN A 271 35.35 -10.17 12.41
N ILE A 272 36.67 -10.35 12.45
CA ILE A 272 37.59 -9.26 12.75
C ILE A 272 37.27 -8.01 11.92
N VAL A 273 37.09 -8.19 10.60
CA VAL A 273 36.98 -7.05 9.70
C VAL A 273 35.57 -6.49 9.70
N ILE A 274 34.56 -7.34 9.56
CA ILE A 274 33.20 -6.82 9.47
C ILE A 274 32.64 -6.40 10.82
N GLN A 275 33.09 -7.04 11.92
CA GLN A 275 32.50 -6.85 13.23
C GLN A 275 30.97 -6.93 13.16
N PRO A 276 30.41 -8.10 12.90
CA PRO A 276 28.97 -8.20 12.70
C PRO A 276 28.16 -7.94 13.97
N SER A 277 26.99 -7.34 13.78
CA SER A 277 26.01 -7.19 14.87
C SER A 277 25.25 -8.48 15.13
N TYR A 278 24.99 -9.29 14.09
CA TYR A 278 24.43 -10.63 14.26
C TYR A 278 25.14 -11.58 13.31
N VAL A 279 25.15 -12.85 13.69
CA VAL A 279 25.59 -13.91 12.81
C VAL A 279 24.42 -14.87 12.61
N VAL A 280 24.14 -15.18 11.34
CA VAL A 280 23.11 -16.11 10.92
C VAL A 280 23.79 -17.27 10.22
N VAL A 281 23.63 -18.48 10.75
CA VAL A 281 24.36 -19.67 10.30
C VAL A 281 23.37 -20.66 9.70
N GLN A 282 23.50 -20.93 8.40
CA GLN A 282 22.81 -22.07 7.80
C GLN A 282 23.69 -23.30 7.97
N CYS A 283 23.13 -24.34 8.56
CA CYS A 283 23.88 -25.51 9.00
C CYS A 283 23.35 -26.80 8.36
N GLY A 284 23.23 -26.81 7.03
CA GLY A 284 22.72 -27.99 6.34
C GLY A 284 23.65 -29.18 6.49
N ALA A 285 23.05 -30.36 6.72
CA ALA A 285 23.79 -31.53 7.16
C ALA A 285 24.16 -32.45 6.01
N ASP A 286 24.06 -31.99 4.76
CA ASP A 286 24.32 -32.86 3.64
C ASP A 286 25.79 -32.90 3.24
N CYS A 287 26.67 -32.21 3.94
CA CYS A 287 28.11 -32.50 3.84
C CYS A 287 28.53 -33.77 4.58
N LEU A 288 27.64 -34.37 5.35
CA LEU A 288 27.99 -35.57 6.10
C LEU A 288 28.39 -36.71 5.15
N ALA A 289 29.43 -37.47 5.55
CA ALA A 289 29.89 -38.63 4.78
C ALA A 289 28.75 -39.59 4.46
N THR A 290 27.77 -39.66 5.33
CA THR A 290 26.68 -40.60 5.21
C THR A 290 25.48 -40.00 4.49
N ASP A 291 25.53 -38.73 4.12
CA ASP A 291 24.46 -38.17 3.30
C ASP A 291 24.42 -38.87 1.96
N PRO A 292 23.24 -39.13 1.41
CA PRO A 292 23.16 -39.84 0.12
C PRO A 292 23.81 -39.10 -1.05
N HIS A 293 24.05 -37.78 -0.93
CA HIS A 293 24.87 -37.12 -1.93
C HIS A 293 26.26 -37.72 -1.97
N ARG A 294 26.76 -38.18 -0.83
CA ARG A 294 28.08 -38.80 -0.74
C ARG A 294 29.12 -37.96 -1.48
N ILE A 295 29.15 -36.67 -1.17
CA ILE A 295 30.09 -35.72 -1.77
C ILE A 295 31.23 -35.38 -0.81
N PHE A 296 30.90 -34.87 0.37
CA PHE A 296 31.88 -34.59 1.41
C PHE A 296 31.93 -35.73 2.43
N ARG A 297 32.96 -35.67 3.28
CA ARG A 297 33.21 -36.69 4.30
C ARG A 297 33.23 -36.10 5.71
N LEU A 298 32.44 -35.07 5.93
CA LEU A 298 32.28 -34.49 7.25
C LEU A 298 31.56 -35.47 8.19
N THR A 299 31.88 -35.39 9.47
CA THR A 299 31.26 -36.22 10.50
C THR A 299 30.58 -35.33 11.56
N ASN A 300 30.00 -36.00 12.57
CA ASN A 300 29.52 -35.34 13.77
C ASN A 300 30.40 -35.71 14.97
N PHE A 301 31.67 -36.05 14.74
CA PHE A 301 32.53 -36.57 15.80
C PHE A 301 33.01 -35.42 16.69
N TYR A 302 32.95 -35.63 18.01
CA TYR A 302 33.41 -34.65 19.00
C TYR A 302 34.32 -35.39 19.97
N PRO A 303 35.61 -35.54 19.62
CA PRO A 303 36.58 -36.34 20.42
C PRO A 303 36.73 -35.92 21.87
N LEU A 317 37.43 -34.41 14.68
CA LEU A 317 36.50 -33.33 15.07
C LEU A 317 35.62 -32.82 13.90
N SER A 318 34.30 -32.92 14.08
CA SER A 318 33.34 -32.46 13.07
C SER A 318 33.65 -31.06 12.56
N GLY A 319 33.79 -30.93 11.24
CA GLY A 319 33.90 -29.59 10.65
C GLY A 319 32.77 -28.68 11.08
N TYR A 320 31.57 -29.23 11.19
CA TYR A 320 30.42 -28.44 11.66
C TYR A 320 30.63 -27.93 13.07
N LEU A 321 30.93 -28.85 14.00
CA LEU A 321 31.18 -28.47 15.39
C LEU A 321 32.32 -27.45 15.52
N TYR A 322 33.44 -27.68 14.81
CA TYR A 322 34.54 -26.73 14.84
C TYR A 322 34.05 -25.33 14.45
N ALA A 323 33.22 -25.24 13.39
CA ALA A 323 32.85 -23.93 12.85
C ALA A 323 31.84 -23.25 13.74
N ILE A 324 30.87 -24.01 14.23
CA ILE A 324 29.87 -23.46 15.14
C ILE A 324 30.56 -22.92 16.37
N LYS A 325 31.47 -23.73 16.95
CA LYS A 325 32.18 -23.33 18.16
C LYS A 325 33.07 -22.11 17.92
N LYS A 326 33.69 -22.03 16.74
CA LYS A 326 34.42 -20.81 16.42
C LYS A 326 33.48 -19.61 16.36
N ILE A 327 32.37 -19.71 15.60
CA ILE A 327 31.43 -18.59 15.46
C ILE A 327 30.89 -18.16 16.82
N LEU A 328 30.57 -19.12 17.70
CA LEU A 328 30.05 -18.82 19.03
C LEU A 328 31.08 -18.18 19.96
N SER A 329 32.37 -18.48 19.79
CA SER A 329 33.38 -17.83 20.62
C SER A 329 33.49 -16.33 20.36
N TRP A 330 32.86 -15.85 19.29
CA TRP A 330 32.84 -14.44 18.93
C TRP A 330 31.92 -13.63 19.82
N LYS A 331 30.93 -14.29 20.44
CA LYS A 331 30.02 -13.67 21.39
C LYS A 331 29.08 -12.67 20.72
N VAL A 332 28.79 -12.88 19.45
CA VAL A 332 27.81 -12.09 18.70
C VAL A 332 26.46 -12.82 18.75
N PRO A 333 25.33 -12.15 18.92
CA PRO A 333 24.04 -12.87 18.88
C PRO A 333 23.86 -13.64 17.57
N THR A 334 23.46 -14.91 17.68
CA THR A 334 23.57 -15.83 16.54
C THR A 334 22.29 -16.63 16.28
N LEU A 335 21.91 -16.65 15.03
CA LEU A 335 20.80 -17.46 14.54
C LEU A 335 21.41 -18.73 13.95
N ILE A 336 21.04 -19.90 14.49
CA ILE A 336 21.46 -21.18 13.91
C ILE A 336 20.29 -21.85 13.21
N LEU A 337 20.43 -22.09 11.90
CA LEU A 337 19.37 -22.67 11.07
C LEU A 337 19.76 -24.02 10.45
N GLY A 338 18.75 -24.84 10.20
CA GLY A 338 18.95 -26.07 9.45
C GLY A 338 19.17 -25.84 7.96
N GLY A 339 18.65 -26.74 7.16
CA GLY A 339 18.89 -26.72 5.75
C GLY A 339 18.80 -28.14 5.23
N GLY A 340 19.69 -28.45 4.28
CA GLY A 340 19.72 -29.78 3.70
C GLY A 340 20.06 -30.86 4.73
N GLY A 341 19.93 -32.10 4.28
CA GLY A 341 20.16 -33.24 5.15
C GLY A 341 19.17 -34.34 4.89
N TYR A 342 19.60 -35.36 4.14
CA TYR A 342 18.71 -36.34 3.54
C TYR A 342 18.88 -37.75 4.10
N ASN A 343 19.81 -37.97 5.00
CA ASN A 343 19.82 -39.16 5.86
C ASN A 343 19.30 -38.65 7.18
N PHE A 344 18.01 -38.89 7.46
CA PHE A 344 17.37 -38.18 8.57
C PHE A 344 17.98 -38.52 9.92
N PRO A 345 18.26 -39.80 10.27
CA PRO A 345 18.83 -40.08 11.61
C PRO A 345 20.18 -39.44 11.81
N ASP A 346 20.98 -39.38 10.74
CA ASP A 346 22.31 -38.78 10.84
C ASP A 346 22.24 -37.25 10.91
N THR A 347 21.31 -36.62 10.18
CA THR A 347 21.08 -35.21 10.43
C THR A 347 20.67 -34.97 11.87
N ALA A 348 19.76 -35.81 12.38
CA ALA A 348 19.41 -35.74 13.81
C ALA A 348 20.64 -35.89 14.71
N ARG A 349 21.57 -36.81 14.35
CA ARG A 349 22.78 -36.99 15.15
C ARG A 349 23.63 -35.73 15.16
N LEU A 350 23.89 -35.14 14.00
CA LEU A 350 24.63 -33.90 13.97
C LEU A 350 23.92 -32.79 14.74
N TRP A 351 22.66 -32.53 14.42
CA TRP A 351 22.06 -31.32 14.97
C TRP A 351 21.83 -31.45 16.46
N THR A 352 21.75 -32.68 16.99
CA THR A 352 21.69 -32.83 18.44
C THR A 352 23.00 -32.40 19.07
N ARG A 353 24.11 -32.86 18.50
CA ARG A 353 25.41 -32.43 19.01
C ARG A 353 25.58 -30.92 18.88
N VAL A 354 25.14 -30.35 17.77
CA VAL A 354 25.21 -28.89 17.63
C VAL A 354 24.41 -28.22 18.73
N THR A 355 23.25 -28.73 19.06
CA THR A 355 22.44 -28.08 20.07
C THR A 355 23.18 -28.02 21.41
N ALA A 356 23.69 -29.18 21.84
CA ALA A 356 24.41 -29.33 23.10
C ALA A 356 25.66 -28.47 23.14
N LEU A 357 26.42 -28.44 22.05
CA LEU A 357 27.55 -27.54 21.98
C LEU A 357 27.12 -26.10 22.22
N THR A 358 26.02 -25.67 21.58
CA THR A 358 25.55 -24.30 21.77
C THR A 358 25.16 -24.05 23.22
N ILE A 359 24.38 -24.95 23.81
CA ILE A 359 24.07 -24.89 25.24
C ILE A 359 25.35 -24.75 26.07
N GLU A 360 26.33 -25.60 25.79
CA GLU A 360 27.58 -25.60 26.55
C GLU A 360 28.35 -24.29 26.37
N GLU A 361 28.62 -23.89 25.12
CA GLU A 361 29.36 -22.67 24.79
C GLU A 361 28.70 -21.36 25.23
N VAL A 362 27.38 -21.31 25.38
CA VAL A 362 26.74 -20.08 25.81
C VAL A 362 26.48 -20.06 27.32
N LYS A 363 26.01 -21.14 27.89
CA LYS A 363 25.76 -21.11 29.32
C LYS A 363 26.97 -21.50 30.16
N GLY A 364 27.94 -22.18 29.55
CA GLY A 364 29.13 -22.52 30.28
C GLY A 364 29.09 -23.87 30.95
N LYS A 365 27.96 -24.57 30.92
CA LYS A 365 27.82 -25.83 31.65
C LYS A 365 28.05 -27.03 30.73
N LYS A 366 28.87 -27.97 31.19
CA LYS A 366 29.21 -29.12 30.35
C LYS A 366 27.97 -29.97 30.10
N MET A 367 27.87 -30.48 28.87
CA MET A 367 26.73 -31.28 28.42
C MET A 367 27.27 -32.67 28.10
N THR A 368 27.00 -33.63 28.99
CA THR A 368 27.44 -35.01 28.79
C THR A 368 26.41 -35.70 27.90
N ILE A 369 26.86 -36.15 26.73
CA ILE A 369 26.01 -36.82 25.77
C ILE A 369 26.46 -38.28 25.69
N SER A 370 25.56 -39.20 26.05
CA SER A 370 25.91 -40.62 25.95
C SER A 370 26.24 -41.01 24.51
N PRO A 371 27.29 -41.80 24.31
CA PRO A 371 27.59 -42.32 22.96
C PRO A 371 26.50 -43.22 22.40
N GLU A 372 25.57 -43.68 23.21
CA GLU A 372 24.49 -44.52 22.73
C GLU A 372 23.23 -43.68 22.63
N ILE A 373 22.36 -44.05 21.69
CA ILE A 373 21.09 -43.36 21.49
C ILE A 373 20.17 -43.79 22.63
N PRO A 374 19.66 -42.87 23.44
CA PRO A 374 18.70 -43.24 24.48
C PRO A 374 17.39 -43.71 23.90
N GLU A 375 16.66 -44.50 24.69
CA GLU A 375 15.36 -44.96 24.26
C GLU A 375 14.36 -43.82 24.13
N HIS A 376 13.57 -43.85 23.06
CA HIS A 376 12.56 -42.85 22.76
C HIS A 376 11.76 -43.34 21.56
N SER A 377 10.71 -42.57 21.26
CA SER A 377 9.77 -42.78 20.17
C SER A 377 10.40 -43.33 18.89
N TYR A 378 11.56 -42.80 18.50
CA TYR A 378 12.17 -43.08 17.20
C TYR A 378 13.44 -43.91 17.27
N PHE A 379 13.82 -44.36 18.47
CA PHE A 379 15.02 -45.17 18.72
C PHE A 379 15.30 -46.20 17.62
N SER A 380 14.27 -46.89 17.16
CA SER A 380 14.48 -47.93 16.16
C SER A 380 15.06 -47.38 14.86
N ARG A 381 14.90 -46.08 14.58
CA ARG A 381 15.44 -45.49 13.36
C ARG A 381 16.96 -45.38 13.37
N TYR A 382 17.58 -45.49 14.55
CA TYR A 382 19.01 -45.32 14.69
C TYR A 382 19.76 -46.65 14.69
N GLY A 383 19.13 -47.72 14.25
CA GLY A 383 19.83 -48.99 14.10
C GLY A 383 20.87 -49.06 12.97
N PRO A 384 21.62 -50.18 12.91
CA PRO A 384 21.47 -51.33 13.80
C PRO A 384 22.38 -51.28 15.03
N ASP A 385 23.29 -50.30 15.11
CA ASP A 385 24.19 -50.15 16.24
C ASP A 385 23.75 -49.09 17.25
N PHE A 386 22.82 -48.20 16.90
CA PHE A 386 22.26 -47.27 17.88
C PHE A 386 23.33 -46.45 18.58
N GLU A 387 24.33 -46.01 17.82
CA GLU A 387 25.33 -45.08 18.33
C GLU A 387 24.99 -43.66 17.90
N LEU A 388 25.49 -42.70 18.68
CA LEU A 388 25.34 -41.29 18.35
C LEU A 388 26.35 -40.83 17.30
N ASP A 389 27.57 -41.35 17.36
CA ASP A 389 28.52 -41.17 16.25
C ASP A 389 27.89 -41.75 14.99
N ILE A 390 28.00 -41.02 13.88
CA ILE A 390 27.61 -41.59 12.60
C ILE A 390 28.55 -42.74 12.26
N ASP A 391 28.06 -43.63 11.40
CA ASP A 391 28.71 -44.91 11.14
C ASP A 391 29.63 -44.76 9.92
N TYR A 392 30.84 -44.26 10.16
CA TYR A 392 31.74 -44.05 9.03
C TYR A 392 33.18 -44.04 9.51
N PHE A 393 34.08 -44.63 8.71
CA PHE A 393 35.50 -44.69 9.05
C PHE A 393 36.33 -43.84 8.10
N PRO A 394 36.91 -42.72 8.56
CA PRO A 394 37.66 -41.78 7.72
C PRO A 394 38.97 -42.34 7.20
N ASP A 403 45.94 -26.44 -1.53
CA ASP A 403 46.74 -25.66 -2.46
C ASP A 403 45.90 -24.90 -3.52
N SER A 404 44.91 -25.60 -4.07
CA SER A 404 43.76 -24.92 -4.64
C SER A 404 43.10 -24.01 -3.60
N ILE A 405 43.11 -24.43 -2.33
CA ILE A 405 42.55 -23.71 -1.21
C ILE A 405 43.45 -22.54 -0.83
N GLN A 406 44.75 -22.65 -1.06
CA GLN A 406 45.61 -21.50 -0.85
C GLN A 406 45.43 -20.44 -1.91
N LYS A 407 45.17 -20.84 -3.17
CA LYS A 407 44.76 -19.86 -4.19
C LYS A 407 43.41 -19.21 -3.86
N HIS A 408 42.49 -19.96 -3.24
CA HIS A 408 41.22 -19.41 -2.78
C HIS A 408 41.38 -18.49 -1.57
N HIS A 409 42.28 -18.83 -0.64
CA HIS A 409 42.50 -17.99 0.53
C HIS A 409 43.06 -16.64 0.13
N ARG A 410 44.06 -16.63 -0.75
CA ARG A 410 44.64 -15.36 -1.14
C ARG A 410 43.63 -14.50 -1.92
N ARG A 411 42.72 -15.15 -2.67
CA ARG A 411 41.68 -14.40 -3.37
C ARG A 411 40.70 -13.80 -2.39
N ILE A 412 40.27 -14.57 -1.38
CA ILE A 412 39.27 -14.09 -0.43
C ILE A 412 39.84 -12.98 0.44
N LEU A 413 41.10 -13.10 0.83
CA LEU A 413 41.73 -12.08 1.65
C LEU A 413 41.79 -10.75 0.91
N GLU A 414 41.96 -10.80 -0.40
CA GLU A 414 42.03 -9.57 -1.17
C GLU A 414 40.65 -8.96 -1.34
N GLN A 415 39.65 -9.83 -1.55
CA GLN A 415 38.27 -9.37 -1.59
C GLN A 415 37.86 -8.72 -0.26
N LEU A 416 38.34 -9.27 0.85
CA LEU A 416 38.03 -8.72 2.16
C LEU A 416 38.63 -7.33 2.31
N ARG A 417 39.87 -7.17 1.81
CA ARG A 417 40.53 -5.86 1.78
C ARG A 417 39.80 -4.88 0.87
N ASN A 418 39.29 -5.34 -0.29
CA ASN A 418 38.49 -4.49 -1.17
C ASN A 418 37.20 -4.07 -0.50
N TYR A 419 36.57 -4.99 0.22
CA TYR A 419 35.37 -4.68 0.97
C TYR A 419 35.64 -3.64 2.06
N ALA A 420 36.61 -3.93 2.93
CA ALA A 420 37.00 -2.99 3.97
C ALA A 420 37.31 -1.60 3.40
N ASP A 421 38.12 -1.55 2.34
CA ASP A 421 38.42 -0.26 1.72
C ASP A 421 37.18 0.37 1.11
N LEU A 422 36.33 -0.41 0.47
CA LEU A 422 35.12 0.20 -0.09
C LEU A 422 34.21 0.73 1.00
N ASN A 423 34.19 0.09 2.17
CA ASN A 423 33.28 0.49 3.24
C ASN A 423 33.98 1.23 4.38
N LYS A 424 35.11 1.89 4.08
CA LYS A 424 35.88 2.69 5.04
C LYS A 424 35.94 2.04 6.42
N LEU A 425 36.37 0.79 6.45
CA LEU A 425 36.50 0.04 7.70
C LEU A 425 37.97 -0.07 8.09
N ILE A 426 38.25 0.16 9.38
CA ILE A 426 39.59 0.03 9.93
C ILE A 426 39.85 -1.43 10.25
N TYR A 427 41.04 -1.92 9.87
CA TYR A 427 41.43 -3.31 10.13
C TYR A 427 42.94 -3.43 9.99
N ASP A 428 43.57 -4.06 10.97
CA ASP A 428 45.01 -4.30 10.86
C ASP A 428 45.25 -5.33 9.75
N TYR A 429 45.80 -4.89 8.62
CA TYR A 429 46.05 -5.83 7.53
C TYR A 429 46.80 -7.05 8.02
N ASP A 430 47.84 -6.85 8.81
CA ASP A 430 48.72 -7.97 9.12
C ASP A 430 48.12 -8.91 10.18
N GLN A 431 47.40 -8.37 11.17
CA GLN A 431 46.72 -9.25 12.12
C GLN A 431 45.80 -10.23 11.40
N VAL A 432 45.14 -9.78 10.33
CA VAL A 432 44.25 -10.64 9.54
C VAL A 432 45.07 -11.63 8.72
N TYR A 433 46.02 -11.11 7.92
CA TYR A 433 46.82 -11.96 7.05
C TYR A 433 47.52 -13.08 7.83
N GLN A 434 47.80 -12.86 9.11
CA GLN A 434 48.49 -13.88 9.91
C GLN A 434 47.61 -15.11 10.17
N LEU A 435 46.29 -14.91 10.22
CA LEU A 435 45.37 -16.04 10.41
C LEU A 435 45.61 -17.14 9.37
N TYR A 436 46.15 -16.78 8.20
CA TYR A 436 46.54 -17.77 7.20
C TYR A 436 48.03 -18.13 7.31
N SER B 3 -34.42 -13.91 36.23
CA SER B 3 -33.35 -13.08 36.75
C SER B 3 -32.14 -13.09 35.83
N VAL B 4 -31.73 -11.93 35.33
CA VAL B 4 -30.49 -11.79 34.56
C VAL B 4 -29.40 -11.33 35.52
N GLY B 5 -28.34 -12.14 35.67
CA GLY B 5 -27.24 -11.81 36.56
C GLY B 5 -26.07 -11.19 35.83
N ILE B 6 -25.28 -10.38 36.55
CA ILE B 6 -24.06 -9.85 35.96
C ILE B 6 -22.97 -9.85 37.02
N VAL B 7 -21.74 -10.17 36.62
CA VAL B 7 -20.62 -10.29 37.54
C VAL B 7 -19.92 -8.95 37.69
N TYR B 8 -19.86 -8.45 38.93
CA TYR B 8 -19.24 -7.18 39.24
C TYR B 8 -18.87 -7.09 40.73
N GLY B 9 -17.97 -6.15 41.03
CA GLY B 9 -17.63 -5.76 42.37
C GLY B 9 -16.48 -4.77 42.31
N ASP B 10 -16.24 -4.03 43.39
CA ASP B 10 -15.21 -3.00 43.37
C ASP B 10 -13.83 -3.60 43.16
N GLN B 11 -13.50 -4.64 43.92
CA GLN B 11 -12.21 -5.27 43.76
C GLN B 11 -12.12 -5.96 42.43
N TYR B 12 -13.24 -6.56 41.99
CA TYR B 12 -13.28 -7.26 40.70
C TYR B 12 -12.95 -6.30 39.57
N ARG B 13 -13.46 -5.09 39.65
CA ARG B 13 -13.22 -4.13 38.59
C ARG B 13 -11.76 -3.71 38.59
N GLN B 14 -11.23 -3.42 39.78
CA GLN B 14 -9.83 -3.01 39.92
C GLN B 14 -8.91 -4.03 39.24
N LEU B 15 -9.17 -5.33 39.48
CA LEU B 15 -8.32 -6.41 39.00
C LEU B 15 -8.51 -6.68 37.51
N CYS B 16 -9.77 -6.66 37.02
CA CYS B 16 -9.96 -6.78 35.57
C CYS B 16 -9.37 -5.61 34.79
N CYS B 17 -9.12 -4.47 35.46
CA CYS B 17 -8.52 -3.31 34.81
C CYS B 17 -7.01 -3.20 35.01
N SER B 18 -6.35 -4.27 35.45
CA SER B 18 -4.96 -4.15 35.87
C SER B 18 -3.96 -4.80 34.90
N SER B 19 -4.43 -5.35 33.72
CA SER B 19 -3.42 -5.92 32.81
C SER B 19 -2.95 -4.89 31.80
N PRO B 20 -1.72 -5.06 31.28
CA PRO B 20 -1.24 -4.16 30.21
C PRO B 20 -2.06 -4.22 28.94
N LYS B 21 -2.49 -5.42 28.52
CA LYS B 21 -3.16 -5.58 27.24
C LYS B 21 -4.60 -5.00 27.25
N PHE B 22 -5.39 -5.29 28.28
CA PHE B 22 -6.80 -4.94 28.23
C PHE B 22 -7.15 -3.70 29.05
N GLY B 23 -6.16 -3.02 29.61
CA GLY B 23 -6.33 -1.72 30.25
C GLY B 23 -7.61 -1.60 31.05
N ASP B 24 -8.31 -0.48 30.89
CA ASP B 24 -9.56 -0.16 31.57
C ASP B 24 -10.78 -0.61 30.79
N ARG B 25 -10.63 -1.58 29.88
CA ARG B 25 -11.74 -1.97 29.02
C ARG B 25 -12.96 -2.40 29.82
N TYR B 26 -12.73 -3.17 30.90
CA TYR B 26 -13.83 -3.69 31.70
C TYR B 26 -14.58 -2.57 32.38
N ALA B 27 -13.85 -1.52 32.81
CA ALA B 27 -14.48 -0.36 33.45
C ALA B 27 -15.37 0.41 32.47
N LEU B 28 -14.89 0.58 31.22
CA LEU B 28 -15.68 1.25 30.17
C LEU B 28 -16.97 0.46 29.88
N VAL B 29 -16.87 -0.87 29.82
CA VAL B 29 -18.04 -1.71 29.56
C VAL B 29 -19.07 -1.52 30.66
N MET B 30 -18.67 -1.77 31.92
CA MET B 30 -19.56 -1.67 33.08
C MET B 30 -20.07 -0.24 33.30
N ASP B 31 -19.22 0.76 33.06
CA ASP B 31 -19.71 2.14 33.19
C ASP B 31 -20.66 2.49 32.03
N LEU B 32 -20.48 1.90 30.85
CA LEU B 32 -21.44 2.20 29.81
C LEU B 32 -22.76 1.51 30.11
N ILE B 33 -22.72 0.30 30.65
CA ILE B 33 -23.99 -0.35 31.00
C ILE B 33 -24.69 0.45 32.10
N ASN B 34 -23.91 0.92 33.07
CA ASN B 34 -24.43 1.76 34.15
C ASN B 34 -24.99 3.08 33.63
N ALA B 35 -24.33 3.69 32.65
CA ALA B 35 -24.81 5.00 32.20
C ALA B 35 -26.13 4.86 31.43
N TYR B 36 -26.32 3.73 30.74
CA TYR B 36 -27.62 3.50 30.14
C TYR B 36 -28.65 2.97 31.16
N LYS B 37 -28.35 3.02 32.46
CA LYS B 37 -29.31 2.70 33.54
C LYS B 37 -29.73 1.22 33.53
N LEU B 38 -28.87 0.33 33.08
CA LEU B 38 -29.17 -1.09 33.04
C LEU B 38 -28.86 -1.83 34.33
N ILE B 39 -27.94 -1.31 35.15
CA ILE B 39 -27.57 -2.00 36.41
C ILE B 39 -28.76 -2.33 37.31
N PRO B 40 -29.78 -1.46 37.48
CA PRO B 40 -30.93 -1.89 38.31
C PRO B 40 -31.77 -3.03 37.71
N GLU B 41 -31.70 -3.27 36.40
CA GLU B 41 -32.40 -4.45 35.87
C GLU B 41 -31.73 -5.77 36.27
N LEU B 42 -30.50 -5.74 36.77
CA LEU B 42 -29.62 -6.89 36.83
C LEU B 42 -29.30 -7.30 38.26
N SER B 43 -29.29 -8.60 38.50
CA SER B 43 -28.89 -9.15 39.78
C SER B 43 -27.36 -9.29 39.79
N ARG B 44 -26.69 -8.45 40.58
CA ARG B 44 -25.23 -8.49 40.65
C ARG B 44 -24.77 -9.86 41.16
N VAL B 45 -23.90 -10.54 40.42
CA VAL B 45 -23.38 -11.82 40.88
C VAL B 45 -21.97 -11.61 41.42
N PRO B 46 -21.75 -11.74 42.73
CA PRO B 46 -20.41 -11.47 43.31
C PRO B 46 -19.41 -12.54 42.90
N PRO B 47 -18.17 -12.17 42.57
CA PRO B 47 -17.17 -13.19 42.23
C PRO B 47 -16.90 -14.14 43.39
N LEU B 48 -16.60 -15.39 43.06
CA LEU B 48 -16.32 -16.43 44.03
C LEU B 48 -15.07 -16.11 44.85
N GLN B 49 -15.16 -16.28 46.18
CA GLN B 49 -13.98 -16.29 47.05
C GLN B 49 -13.91 -17.61 47.82
N TRP B 50 -12.70 -18.03 48.19
CA TRP B 50 -12.53 -19.32 48.85
C TRP B 50 -12.13 -19.16 50.32
N ASP B 51 -12.31 -20.25 51.06
CA ASP B 51 -12.00 -20.33 52.48
C ASP B 51 -10.51 -20.52 52.78
N SER B 52 -9.66 -20.78 51.78
CA SER B 52 -8.24 -20.99 52.07
C SER B 52 -7.47 -21.02 50.74
N PRO B 53 -6.16 -20.73 50.78
CA PRO B 53 -5.32 -20.96 49.58
C PRO B 53 -5.48 -22.36 48.99
N SER B 54 -5.64 -23.40 49.82
CA SER B 54 -5.76 -24.76 49.31
C SER B 54 -7.08 -24.98 48.59
N ARG B 55 -8.19 -24.45 49.11
CA ARG B 55 -9.38 -24.62 48.29
C ARG B 55 -9.29 -23.82 46.99
N MET B 56 -8.61 -22.67 47.00
CA MET B 56 -8.43 -21.99 45.73
C MET B 56 -7.61 -22.85 44.79
N TYR B 57 -6.51 -23.40 45.30
CA TYR B 57 -5.61 -24.15 44.46
C TYR B 57 -6.28 -25.40 43.90
N GLU B 58 -7.19 -26.01 44.65
CA GLU B 58 -7.82 -27.22 44.14
C GLU B 58 -8.90 -26.88 43.10
N ALA B 59 -9.53 -25.70 43.25
CA ALA B 59 -10.50 -25.27 42.26
C ALA B 59 -9.82 -25.05 40.91
N VAL B 60 -8.66 -24.39 40.93
CA VAL B 60 -8.00 -24.03 39.71
C VAL B 60 -7.36 -25.24 39.07
N THR B 61 -6.85 -26.17 39.87
CA THR B 61 -6.28 -27.40 39.31
C THR B 61 -7.34 -28.46 39.04
N ALA B 62 -8.62 -28.12 39.06
CA ALA B 62 -9.58 -28.99 38.38
C ALA B 62 -9.23 -29.12 36.90
N PHE B 63 -8.66 -28.08 36.29
CA PHE B 63 -8.16 -28.09 34.93
C PHE B 63 -6.67 -27.88 34.82
N HIS B 64 -6.09 -26.91 35.54
CA HIS B 64 -4.71 -26.51 35.30
C HIS B 64 -3.75 -27.31 36.14
N SER B 65 -2.56 -27.56 35.60
CA SER B 65 -1.62 -28.39 36.33
C SER B 65 -1.08 -27.65 37.56
N THR B 66 -0.61 -28.43 38.54
CA THR B 66 -0.03 -27.82 39.74
C THR B 66 1.20 -26.99 39.39
N GLU B 67 2.05 -27.49 38.49
CA GLU B 67 3.29 -26.79 38.18
C GLU B 67 3.02 -25.49 37.41
N TYR B 68 2.01 -25.49 36.53
CA TYR B 68 1.71 -24.28 35.79
C TYR B 68 1.17 -23.19 36.71
N VAL B 69 0.31 -23.57 37.65
CA VAL B 69 -0.25 -22.61 38.60
C VAL B 69 0.85 -22.07 39.51
N ASP B 70 1.63 -22.96 40.13
CA ASP B 70 2.79 -22.54 40.91
C ASP B 70 3.65 -21.51 40.18
N ALA B 71 3.96 -21.78 38.90
CA ALA B 71 4.76 -20.84 38.10
C ALA B 71 4.03 -19.51 37.87
N LEU B 72 2.71 -19.56 37.69
CA LEU B 72 1.94 -18.33 37.55
C LEU B 72 2.01 -17.50 38.82
N LYS B 73 1.95 -18.15 39.98
CA LYS B 73 2.11 -17.46 41.26
C LYS B 73 3.47 -16.77 41.35
N LYS B 74 4.51 -17.49 40.91
CA LYS B 74 5.88 -17.01 41.07
C LYS B 74 6.15 -15.85 40.12
N LEU B 75 5.59 -15.90 38.90
CA LEU B 75 5.76 -14.79 37.97
C LEU B 75 5.24 -13.50 38.58
N GLN B 76 4.12 -13.59 39.29
CA GLN B 76 3.53 -12.42 39.92
C GLN B 76 4.38 -11.95 41.09
N MET B 77 4.78 -12.87 41.98
CA MET B 77 5.71 -12.53 43.06
C MET B 77 6.95 -11.88 42.50
N LEU B 78 7.50 -12.44 41.41
CA LEU B 78 8.70 -11.89 40.79
C LEU B 78 8.47 -10.47 40.28
N HIS B 79 7.34 -10.23 39.62
CA HIS B 79 7.15 -8.89 39.07
C HIS B 79 6.79 -7.85 40.14
N CYS B 80 6.53 -8.27 41.38
CA CYS B 80 6.22 -7.37 42.49
C CYS B 80 7.44 -6.88 43.26
N GLU B 81 8.61 -7.47 43.03
CA GLU B 81 9.84 -6.88 43.52
C GLU B 81 10.60 -6.23 42.36
N GLU B 82 11.70 -5.58 42.71
CA GLU B 82 12.70 -5.23 41.70
C GLU B 82 13.27 -6.48 41.04
N LYS B 83 12.93 -7.65 41.57
CA LYS B 83 13.60 -8.93 41.30
C LYS B 83 13.57 -9.31 39.83
N GLU B 84 14.64 -9.01 39.11
CA GLU B 84 14.80 -9.55 37.77
C GLU B 84 15.06 -11.04 37.84
N LEU B 85 14.71 -11.75 36.78
CA LEU B 85 14.63 -13.20 36.86
C LEU B 85 16.02 -13.81 36.83
N THR B 86 16.18 -14.94 37.51
CA THR B 86 17.37 -15.75 37.28
C THR B 86 17.24 -16.44 35.92
N ALA B 87 18.37 -16.80 35.32
CA ALA B 87 18.32 -17.56 34.08
C ALA B 87 17.42 -18.78 34.21
N ASP B 88 17.41 -19.42 35.39
CA ASP B 88 16.50 -20.54 35.59
C ASP B 88 15.04 -20.09 35.71
N ASP B 89 14.79 -18.98 36.42
CA ASP B 89 13.46 -18.35 36.40
C ASP B 89 12.97 -18.18 34.97
N GLU B 90 13.81 -17.56 34.11
CA GLU B 90 13.47 -17.35 32.72
C GLU B 90 13.13 -18.66 32.01
N LEU B 91 13.95 -19.71 32.22
CA LEU B 91 13.66 -20.99 31.57
C LEU B 91 12.35 -21.59 32.07
N LEU B 92 12.12 -21.57 33.39
CA LEU B 92 10.86 -22.07 33.94
C LEU B 92 9.66 -21.37 33.31
N MET B 93 9.68 -20.02 33.26
CA MET B 93 8.57 -19.27 32.66
C MET B 93 8.36 -19.63 31.19
N ASP B 94 9.43 -19.58 30.36
CA ASP B 94 9.34 -19.98 28.95
C ASP B 94 8.75 -21.38 28.78
N SER B 95 9.09 -22.30 29.68
CA SER B 95 8.48 -23.64 29.64
C SER B 95 6.97 -23.59 29.73
N PHE B 96 6.39 -22.50 30.25
CA PHE B 96 4.94 -22.38 30.36
C PHE B 96 4.37 -21.32 29.41
N SER B 97 5.20 -20.77 28.52
CA SER B 97 4.82 -19.67 27.62
C SER B 97 4.39 -18.43 28.41
N LEU B 98 4.99 -18.23 29.59
CA LEU B 98 4.75 -17.00 30.34
C LEU B 98 5.69 -15.90 29.86
N ASN B 99 5.61 -15.63 28.57
CA ASN B 99 6.52 -14.74 27.86
C ASN B 99 5.77 -14.23 26.64
N TYR B 100 6.49 -13.49 25.79
CA TYR B 100 5.98 -12.86 24.57
C TYR B 100 4.53 -12.39 24.71
N ASP B 101 3.57 -13.19 24.20
CA ASP B 101 2.17 -12.80 24.13
C ASP B 101 1.46 -12.88 25.49
N CYS B 102 2.11 -13.48 26.49
CA CYS B 102 1.59 -13.56 27.85
C CYS B 102 2.72 -13.19 28.80
N PRO B 103 3.06 -11.92 28.90
CA PRO B 103 4.11 -11.50 29.83
C PRO B 103 3.64 -11.51 31.27
N GLY B 104 4.62 -11.35 32.17
CA GLY B 104 4.30 -11.04 33.54
C GLY B 104 4.08 -9.56 33.78
N PHE B 105 3.30 -9.28 34.80
CA PHE B 105 3.13 -7.93 35.32
C PHE B 105 2.83 -8.08 36.79
N PRO B 106 2.90 -7.00 37.57
CA PRO B 106 2.66 -7.11 39.02
C PRO B 106 1.39 -7.85 39.47
N SER B 107 0.31 -7.87 38.70
CA SER B 107 -0.96 -8.45 39.14
C SER B 107 -1.42 -9.63 38.27
N VAL B 108 -0.49 -10.30 37.59
CA VAL B 108 -0.84 -11.28 36.55
C VAL B 108 -1.62 -12.47 37.11
N PHE B 109 -1.32 -12.87 38.36
CA PHE B 109 -2.05 -14.00 38.93
C PHE B 109 -3.43 -13.58 39.44
N ASP B 110 -3.51 -12.46 40.18
CA ASP B 110 -4.80 -11.94 40.65
C ASP B 110 -5.73 -11.62 39.48
N TYR B 111 -5.17 -11.01 38.43
CA TYR B 111 -5.94 -10.72 37.23
C TYR B 111 -6.56 -11.99 36.66
N SER B 112 -5.72 -13.04 36.48
CA SER B 112 -6.13 -14.32 35.92
C SER B 112 -7.11 -15.05 36.83
N LEU B 113 -6.84 -15.05 38.12
CA LEU B 113 -7.76 -15.69 39.04
C LEU B 113 -9.11 -14.96 39.10
N ALA B 114 -9.12 -13.64 38.94
CA ALA B 114 -10.38 -12.90 39.05
C ALA B 114 -11.43 -13.39 38.05
N ALA B 115 -11.02 -13.60 36.78
CA ALA B 115 -11.92 -14.18 35.77
C ALA B 115 -12.45 -15.55 36.20
N VAL B 116 -11.64 -16.38 36.85
CA VAL B 116 -12.16 -17.65 37.33
C VAL B 116 -13.20 -17.41 38.41
N GLN B 117 -12.96 -16.41 39.26
CA GLN B 117 -13.88 -16.13 40.36
C GLN B 117 -15.23 -15.68 39.82
N GLY B 118 -15.22 -14.86 38.76
CA GLY B 118 -16.49 -14.39 38.20
C GLY B 118 -17.25 -15.47 37.48
N SER B 119 -16.55 -16.26 36.65
CA SER B 119 -17.24 -17.26 35.84
C SER B 119 -17.66 -18.47 36.66
N LEU B 120 -16.93 -18.80 37.73
CA LEU B 120 -17.43 -19.86 38.61
C LEU B 120 -18.64 -19.40 39.38
N ALA B 121 -18.56 -18.21 39.99
CA ALA B 121 -19.73 -17.65 40.69
C ALA B 121 -20.94 -17.64 39.75
N ALA B 122 -20.76 -17.14 38.52
CA ALA B 122 -21.82 -17.17 37.51
C ALA B 122 -22.31 -18.61 37.22
N ALA B 123 -21.40 -19.58 37.17
CA ALA B 123 -21.84 -20.95 36.99
C ALA B 123 -22.68 -21.44 38.18
N SER B 124 -22.31 -21.04 39.41
CA SER B 124 -23.11 -21.44 40.56
C SER B 124 -24.51 -20.84 40.52
N ALA B 125 -24.62 -19.59 40.06
CA ALA B 125 -25.92 -18.94 40.03
C ALA B 125 -26.86 -19.61 39.03
N LEU B 126 -26.36 -20.14 37.90
CA LEU B 126 -27.21 -20.93 37.01
C LEU B 126 -27.60 -22.25 37.68
N ILE B 127 -26.67 -22.87 38.42
CA ILE B 127 -26.95 -24.19 38.97
C ILE B 127 -28.05 -24.12 40.02
N CYS B 128 -27.96 -23.15 40.94
CA CYS B 128 -28.99 -23.04 41.97
C CYS B 128 -30.24 -22.30 41.49
N ARG B 129 -30.34 -22.04 40.19
CA ARG B 129 -31.51 -21.40 39.57
C ARG B 129 -31.75 -19.99 40.10
N HIS B 130 -30.74 -19.36 40.69
CA HIS B 130 -30.91 -17.96 41.07
C HIS B 130 -30.99 -17.06 39.84
N CYS B 131 -30.30 -17.43 38.77
CA CYS B 131 -30.32 -16.67 37.52
C CYS B 131 -30.65 -17.59 36.37
N GLU B 132 -31.50 -17.11 35.45
CA GLU B 132 -31.66 -17.81 34.18
C GLU B 132 -30.46 -17.60 33.29
N VAL B 133 -29.90 -16.39 33.32
CA VAL B 133 -28.74 -15.98 32.53
C VAL B 133 -27.76 -15.19 33.41
N VAL B 134 -26.48 -15.37 33.17
CA VAL B 134 -25.48 -14.57 33.85
C VAL B 134 -24.44 -14.11 32.84
N ILE B 135 -24.08 -12.83 32.95
CA ILE B 135 -23.08 -12.17 32.13
C ILE B 135 -21.81 -11.97 32.98
N ASN B 136 -20.66 -12.34 32.44
CA ASN B 136 -19.36 -11.90 32.97
C ASN B 136 -18.53 -11.28 31.84
N TRP B 137 -18.45 -9.96 31.81
CA TRP B 137 -17.56 -9.33 30.85
C TRP B 137 -16.11 -9.28 31.29
N GLY B 138 -15.77 -9.79 32.47
CA GLY B 138 -14.40 -9.98 32.89
C GLY B 138 -13.83 -11.34 32.54
N GLY B 139 -14.63 -12.19 31.91
CA GLY B 139 -14.27 -13.56 31.63
C GLY B 139 -14.28 -13.84 30.14
N GLY B 140 -13.96 -15.11 29.82
CA GLY B 140 -14.02 -15.59 28.45
C GLY B 140 -12.65 -15.80 27.86
N TRP B 141 -11.71 -16.23 28.68
CA TRP B 141 -10.31 -16.40 28.28
C TRP B 141 -10.07 -17.82 27.71
N HIS B 142 -10.58 -18.00 26.50
CA HIS B 142 -10.66 -19.30 25.89
C HIS B 142 -9.33 -19.90 25.42
N HIS B 143 -8.20 -19.17 25.42
CA HIS B 143 -6.97 -19.78 24.87
C HIS B 143 -6.12 -20.53 25.89
N ALA B 144 -6.42 -20.43 27.18
CA ALA B 144 -5.50 -20.96 28.17
C ALA B 144 -5.53 -22.49 28.16
N LYS B 145 -4.34 -23.10 28.18
CA LYS B 145 -4.15 -24.54 28.19
C LYS B 145 -3.90 -25.06 29.60
N ARG B 146 -3.89 -26.39 29.71
CA ARG B 146 -3.60 -27.07 30.99
C ARG B 146 -2.34 -26.54 31.65
N SER B 147 -1.26 -26.48 30.87
CA SER B 147 0.05 -26.11 31.38
C SER B 147 0.66 -25.00 30.55
N GLU B 148 -0.17 -24.11 30.00
CA GLU B 148 0.36 -23.15 29.05
C GLU B 148 -0.55 -21.94 28.96
N ALA B 149 0.02 -20.76 29.14
CA ALA B 149 -0.66 -19.51 28.84
C ALA B 149 -0.65 -19.28 27.33
N SER B 150 -1.68 -18.61 26.83
CA SER B 150 -1.75 -18.42 25.39
C SER B 150 -2.65 -17.23 25.05
N GLY B 151 -2.15 -16.37 24.16
CA GLY B 151 -2.97 -15.33 23.55
C GLY B 151 -3.52 -14.36 24.57
N PHE B 152 -2.74 -14.07 25.60
CA PHE B 152 -3.07 -13.31 26.80
C PHE B 152 -4.14 -13.97 27.66
N CYS B 153 -4.34 -15.26 27.48
CA CYS B 153 -5.13 -16.08 28.40
C CYS B 153 -4.18 -16.85 29.29
N TYR B 154 -4.30 -16.69 30.61
CA TYR B 154 -3.40 -17.36 31.57
C TYR B 154 -4.08 -18.47 32.35
N LEU B 155 -5.35 -18.29 32.72
CA LEU B 155 -6.16 -19.32 33.35
C LEU B 155 -7.47 -19.38 32.59
N ASN B 156 -8.02 -20.57 32.41
CA ASN B 156 -9.12 -20.72 31.45
C ASN B 156 -10.40 -20.76 32.29
N ASP B 157 -10.96 -19.59 32.56
CA ASP B 157 -12.18 -19.52 33.33
C ASP B 157 -13.32 -20.26 32.63
N ILE B 158 -13.37 -20.20 31.28
CA ILE B 158 -14.41 -20.92 30.56
C ILE B 158 -14.35 -22.42 30.88
N VAL B 159 -13.17 -23.04 30.79
CA VAL B 159 -13.08 -24.47 31.06
C VAL B 159 -13.53 -24.76 32.49
N LEU B 160 -13.06 -23.94 33.43
CA LEU B 160 -13.44 -24.18 34.83
C LEU B 160 -14.95 -24.01 35.02
N ALA B 161 -15.57 -22.99 34.39
CA ALA B 161 -17.01 -22.78 34.54
C ALA B 161 -17.80 -23.94 33.94
N ILE B 162 -17.44 -24.36 32.72
CA ILE B 162 -18.13 -25.47 32.07
C ILE B 162 -18.01 -26.71 32.92
N HIS B 163 -16.88 -26.87 33.61
CA HIS B 163 -16.67 -28.09 34.34
C HIS B 163 -17.54 -28.14 35.58
N ARG B 164 -17.82 -26.98 36.17
CA ARG B 164 -18.71 -26.94 37.33
C ARG B 164 -20.14 -27.24 36.93
N LEU B 165 -20.60 -26.65 35.82
CA LEU B 165 -21.94 -26.90 35.31
C LEU B 165 -22.13 -28.38 34.98
N VAL B 166 -21.20 -28.96 34.23
CA VAL B 166 -21.38 -30.31 33.69
C VAL B 166 -21.30 -31.38 34.77
N SER B 167 -20.85 -31.06 35.98
CA SER B 167 -20.88 -32.03 37.06
C SER B 167 -21.90 -31.66 38.15
N SER B 168 -22.79 -30.72 37.88
CA SER B 168 -23.95 -30.49 38.74
C SER B 168 -25.03 -31.52 38.46
N THR B 169 -25.78 -31.86 39.50
CA THR B 169 -26.84 -32.84 39.30
C THR B 169 -28.09 -32.13 38.81
N GLN B 178 -26.38 -37.59 31.46
CA GLN B 178 -27.60 -36.80 31.27
C GLN B 178 -27.33 -35.29 31.15
N THR B 179 -26.42 -34.75 31.97
CA THR B 179 -26.17 -33.32 31.93
C THR B 179 -25.23 -32.99 30.78
N ARG B 180 -25.68 -32.09 29.89
CA ARG B 180 -24.89 -31.72 28.74
C ARG B 180 -24.82 -30.20 28.65
N VAL B 181 -23.63 -29.71 28.28
CA VAL B 181 -23.37 -28.30 28.05
C VAL B 181 -22.99 -28.11 26.59
N LEU B 182 -23.53 -27.06 25.98
CA LEU B 182 -23.17 -26.61 24.65
C LEU B 182 -22.35 -25.34 24.80
N TYR B 183 -21.13 -25.35 24.26
CA TYR B 183 -20.25 -24.19 24.26
C TYR B 183 -20.20 -23.57 22.87
N VAL B 184 -20.45 -22.26 22.82
CA VAL B 184 -20.60 -21.50 21.59
C VAL B 184 -19.61 -20.33 21.64
N ASP B 185 -18.70 -20.30 20.67
CA ASP B 185 -17.55 -19.39 20.69
C ASP B 185 -17.65 -18.48 19.47
N LEU B 186 -18.16 -17.25 19.68
CA LEU B 186 -18.33 -16.28 18.60
C LEU B 186 -17.08 -15.43 18.35
N ASP B 187 -16.07 -15.52 19.18
CA ASP B 187 -14.88 -14.68 19.09
C ASP B 187 -14.23 -14.79 17.70
N LEU B 188 -13.52 -13.71 17.31
CA LEU B 188 -12.74 -13.74 16.07
C LEU B 188 -11.84 -14.99 15.93
N HIS B 189 -11.33 -15.51 17.05
CA HIS B 189 -10.33 -16.57 17.04
C HIS B 189 -10.89 -17.94 17.43
N HIS B 190 -10.24 -18.98 16.94
CA HIS B 190 -10.59 -20.35 17.32
C HIS B 190 -10.50 -20.57 18.83
N GLY B 191 -11.61 -20.99 19.45
CA GLY B 191 -11.53 -21.29 20.87
C GLY B 191 -10.76 -22.56 21.23
N ASP B 192 -9.47 -22.62 20.84
CA ASP B 192 -8.69 -23.86 20.93
C ASP B 192 -8.62 -24.43 22.35
N GLY B 193 -8.52 -23.56 23.37
CA GLY B 193 -8.33 -24.04 24.74
C GLY B 193 -9.56 -24.73 25.32
N VAL B 194 -10.75 -24.16 25.09
CA VAL B 194 -11.95 -24.86 25.53
C VAL B 194 -12.10 -26.16 24.75
N GLU B 195 -11.67 -26.15 23.49
CA GLU B 195 -11.85 -27.33 22.63
C GLU B 195 -10.94 -28.46 23.07
N GLU B 196 -9.66 -28.17 23.36
CA GLU B 196 -8.74 -29.19 23.85
C GLU B 196 -9.21 -29.78 25.18
N ALA B 197 -9.66 -28.93 26.10
CA ALA B 197 -10.04 -29.37 27.43
C ALA B 197 -11.06 -30.50 27.38
N PHE B 198 -12.07 -30.38 26.51
CA PHE B 198 -13.17 -31.33 26.41
C PHE B 198 -13.10 -32.20 25.15
N TRP B 199 -11.92 -32.31 24.53
CA TRP B 199 -11.78 -33.07 23.30
C TRP B 199 -12.21 -34.54 23.46
N TYR B 200 -11.94 -35.15 24.63
CA TYR B 200 -12.33 -36.54 24.88
C TYR B 200 -13.67 -36.68 25.57
N SER B 201 -14.49 -35.62 25.66
CA SER B 201 -15.70 -35.66 26.50
C SER B 201 -16.97 -35.40 25.70
N PRO B 202 -17.83 -36.40 25.55
CA PRO B 202 -19.09 -36.18 24.82
C PRO B 202 -20.04 -35.17 25.45
N ARG B 203 -20.01 -34.97 26.77
CA ARG B 203 -21.06 -34.22 27.45
C ARG B 203 -20.88 -32.71 27.38
N VAL B 204 -19.77 -32.24 26.84
CA VAL B 204 -19.57 -30.84 26.57
C VAL B 204 -19.27 -30.74 25.10
N VAL B 205 -20.23 -30.28 24.34
CA VAL B 205 -20.04 -30.08 22.91
C VAL B 205 -19.61 -28.65 22.64
N THR B 206 -18.48 -28.48 21.97
CA THR B 206 -17.91 -27.18 21.66
C THR B 206 -18.20 -26.81 20.21
N PHE B 207 -18.62 -25.58 19.99
CA PHE B 207 -18.80 -25.07 18.63
C PHE B 207 -18.13 -23.71 18.52
N SER B 208 -17.18 -23.58 17.60
CA SER B 208 -16.47 -22.31 17.41
C SER B 208 -16.68 -21.82 15.98
N VAL B 209 -17.01 -20.53 15.83
CA VAL B 209 -17.00 -19.86 14.53
C VAL B 209 -15.86 -18.86 14.58
N HIS B 210 -15.15 -18.68 13.47
CA HIS B 210 -13.93 -17.88 13.60
C HIS B 210 -13.32 -17.69 12.23
N HIS B 211 -12.40 -16.74 12.15
CA HIS B 211 -11.46 -16.68 11.04
C HIS B 211 -10.31 -17.68 11.20
N ALA B 212 -9.97 -18.36 10.11
CA ALA B 212 -8.73 -19.11 10.02
C ALA B 212 -8.14 -18.87 8.64
N SER B 213 -6.82 -18.78 8.61
CA SER B 213 -6.04 -18.54 7.41
C SER B 213 -4.59 -18.79 7.79
N PRO B 214 -3.71 -19.12 6.83
CA PRO B 214 -2.34 -19.50 7.19
C PRO B 214 -1.59 -18.37 7.92
N GLY B 215 -0.97 -18.73 9.06
CA GLY B 215 -0.26 -17.81 9.92
C GLY B 215 -1.13 -17.05 10.92
N PHE B 216 -2.45 -17.24 10.91
CA PHE B 216 -3.36 -16.53 11.81
C PHE B 216 -3.55 -17.30 13.11
N PHE B 217 -3.48 -16.59 14.23
CA PHE B 217 -3.64 -17.15 15.56
C PHE B 217 -5.01 -17.80 15.78
N PRO B 218 -5.04 -18.97 16.42
CA PRO B 218 -3.87 -19.72 16.86
C PRO B 218 -3.53 -20.89 15.92
N GLY B 219 -4.24 -21.05 14.80
CA GLY B 219 -3.88 -21.99 13.76
C GLY B 219 -4.83 -23.17 13.63
N THR B 220 -5.57 -23.47 14.67
CA THR B 220 -6.43 -24.63 14.70
C THR B 220 -7.84 -24.23 14.29
N GLY B 221 -8.77 -25.18 14.40
CA GLY B 221 -10.17 -24.96 14.02
C GLY B 221 -10.43 -24.99 12.53
N THR B 222 -9.61 -25.71 11.76
CA THR B 222 -9.74 -25.76 10.31
C THR B 222 -9.18 -27.09 9.78
N TRP B 223 -9.06 -27.19 8.46
CA TRP B 223 -8.65 -28.43 7.82
C TRP B 223 -7.29 -28.94 8.33
N ASN B 224 -7.13 -30.26 8.27
CA ASN B 224 -5.92 -30.91 8.78
C ASN B 224 -5.42 -32.04 7.90
N PRO B 232 -7.39 -33.91 3.26
CA PRO B 232 -7.65 -32.84 4.23
C PRO B 232 -8.98 -33.04 4.95
N ILE B 233 -8.94 -33.18 6.27
CA ILE B 233 -10.12 -33.48 7.07
C ILE B 233 -10.20 -32.53 8.24
N PHE B 234 -11.42 -32.43 8.79
CA PHE B 234 -11.63 -31.76 10.07
C PHE B 234 -11.52 -32.79 11.18
N LEU B 235 -10.58 -32.57 12.10
CA LEU B 235 -10.68 -33.31 13.35
C LEU B 235 -11.79 -32.70 14.20
N ASN B 236 -12.41 -33.56 15.06
CA ASN B 236 -13.64 -33.20 15.77
C ASN B 236 -13.77 -33.90 17.14
N GLY B 237 -12.66 -34.21 17.80
CA GLY B 237 -12.68 -34.91 19.07
C GLY B 237 -12.34 -36.38 18.92
N ALA B 238 -12.09 -37.02 20.05
CA ALA B 238 -11.50 -38.35 19.99
C ALA B 238 -12.08 -39.26 21.08
N GLY B 239 -11.87 -40.56 20.85
CA GLY B 239 -12.42 -41.59 21.72
C GLY B 239 -13.89 -41.39 21.97
N ARG B 240 -14.28 -41.11 23.22
CA ARG B 240 -15.68 -40.86 23.52
C ARG B 240 -16.15 -39.49 23.03
N GLY B 241 -15.23 -38.55 22.86
CA GLY B 241 -15.58 -37.22 22.41
C GLY B 241 -15.56 -37.05 20.92
N ARG B 242 -15.36 -38.13 20.17
CA ARG B 242 -15.39 -38.03 18.72
C ARG B 242 -16.71 -37.41 18.27
N PHE B 243 -16.64 -36.55 17.26
CA PHE B 243 -17.73 -35.74 16.68
C PHE B 243 -18.29 -34.70 17.64
N SER B 244 -17.65 -34.46 18.80
CA SER B 244 -18.22 -33.49 19.75
C SER B 244 -17.59 -32.09 19.66
N ALA B 245 -16.59 -31.89 18.80
CA ALA B 245 -15.88 -30.63 18.63
C ALA B 245 -16.18 -30.09 17.23
N PHE B 246 -16.95 -29.00 17.15
CA PHE B 246 -17.42 -28.45 15.88
C PHE B 246 -16.71 -27.14 15.57
N ASN B 247 -16.38 -26.94 14.31
CA ASN B 247 -15.64 -25.76 13.87
C ASN B 247 -16.20 -25.27 12.56
N LEU B 248 -16.26 -23.96 12.42
CA LEU B 248 -16.66 -23.32 11.17
C LEU B 248 -15.70 -22.17 10.94
N PRO B 249 -14.63 -22.41 10.21
CA PRO B 249 -13.73 -21.30 9.87
C PRO B 249 -14.26 -20.55 8.65
N LEU B 250 -14.20 -19.22 8.70
CA LEU B 250 -14.69 -18.33 7.66
C LEU B 250 -13.58 -17.41 7.16
N GLU B 251 -13.66 -17.06 5.88
CA GLU B 251 -12.74 -16.12 5.26
C GLU B 251 -13.03 -14.70 5.74
N GLU B 252 -12.01 -13.84 5.66
CA GLU B 252 -12.18 -12.45 6.08
C GLU B 252 -13.25 -11.76 5.26
N GLY B 253 -13.75 -10.63 5.78
CA GLY B 253 -14.71 -9.78 5.13
C GLY B 253 -16.18 -10.04 5.43
N ILE B 254 -16.51 -11.02 6.27
CA ILE B 254 -17.93 -11.38 6.45
C ILE B 254 -18.66 -10.29 7.22
N ASN B 255 -19.90 -10.01 6.80
CA ASN B 255 -20.74 -8.99 7.40
C ASN B 255 -21.74 -9.65 8.34
N ASP B 256 -22.62 -8.83 8.95
CA ASP B 256 -23.56 -9.34 9.96
C ASP B 256 -24.49 -10.40 9.39
N LEU B 257 -25.00 -10.18 8.17
CA LEU B 257 -26.04 -11.05 7.61
C LEU B 257 -25.50 -12.41 7.18
N ASP B 258 -24.39 -12.44 6.46
CA ASP B 258 -23.84 -13.73 6.09
C ASP B 258 -23.35 -14.52 7.30
N TRP B 259 -22.84 -13.84 8.32
CA TRP B 259 -22.42 -14.51 9.56
C TRP B 259 -23.63 -15.03 10.32
N SER B 260 -24.70 -14.23 10.37
CA SER B 260 -25.92 -14.66 11.01
C SER B 260 -26.49 -15.88 10.30
N ASN B 261 -26.51 -15.84 8.97
CA ASN B 261 -26.98 -16.97 8.18
C ASN B 261 -26.03 -18.15 8.23
N ALA B 262 -24.75 -17.91 8.50
CA ALA B 262 -23.78 -18.98 8.64
C ALA B 262 -24.02 -19.83 9.89
N ILE B 263 -24.27 -19.21 11.04
CA ILE B 263 -24.32 -19.98 12.28
C ILE B 263 -25.73 -20.19 12.82
N GLY B 264 -26.71 -19.36 12.42
CA GLY B 264 -28.07 -19.51 12.86
C GLY B 264 -28.59 -20.94 12.85
N PRO B 265 -28.62 -21.56 11.66
CA PRO B 265 -29.15 -22.92 11.58
C PRO B 265 -28.26 -23.97 12.22
N ILE B 266 -26.96 -23.72 12.30
CA ILE B 266 -26.09 -24.65 12.99
C ILE B 266 -26.41 -24.66 14.49
N LEU B 267 -26.75 -23.48 15.03
CA LEU B 267 -27.02 -23.34 16.46
C LEU B 267 -28.37 -23.93 16.84
N ASP B 268 -29.40 -23.66 16.05
CA ASP B 268 -30.72 -24.27 16.26
C ASP B 268 -30.69 -25.79 16.16
N SER B 269 -29.87 -26.33 15.25
CA SER B 269 -29.71 -27.78 15.08
C SER B 269 -28.89 -28.39 16.21
N LEU B 270 -27.85 -27.71 16.66
CA LEU B 270 -27.13 -28.16 17.85
C LEU B 270 -28.06 -28.22 19.05
N ASN B 271 -28.94 -27.23 19.19
CA ASN B 271 -29.87 -27.25 20.31
C ASN B 271 -30.90 -28.35 20.14
N ILE B 272 -31.38 -28.58 18.91
CA ILE B 272 -32.40 -29.62 18.71
C ILE B 272 -31.87 -30.98 19.12
N VAL B 273 -30.67 -31.32 18.67
CA VAL B 273 -30.12 -32.68 18.82
C VAL B 273 -29.48 -32.89 20.19
N ILE B 274 -28.60 -31.99 20.60
CA ILE B 274 -27.85 -32.18 21.83
C ILE B 274 -28.72 -32.01 23.09
N GLN B 275 -29.72 -31.15 23.05
CA GLN B 275 -30.57 -30.86 24.20
C GLN B 275 -29.76 -30.48 25.44
N PRO B 276 -28.87 -29.47 25.34
CA PRO B 276 -28.05 -29.08 26.49
C PRO B 276 -28.87 -28.48 27.66
N SER B 277 -28.41 -28.77 28.87
CA SER B 277 -28.95 -28.20 30.11
C SER B 277 -28.42 -26.79 30.40
N TYR B 278 -27.31 -26.40 29.78
CA TYR B 278 -26.69 -25.09 29.92
C TYR B 278 -26.03 -24.76 28.59
N VAL B 279 -26.04 -23.48 28.29
CA VAL B 279 -25.31 -22.96 27.15
C VAL B 279 -24.30 -21.98 27.71
N VAL B 280 -23.09 -22.01 27.16
CA VAL B 280 -22.06 -21.06 27.52
C VAL B 280 -21.59 -20.39 26.25
N VAL B 281 -21.66 -19.06 26.23
CA VAL B 281 -21.42 -18.28 25.04
C VAL B 281 -20.22 -17.39 25.29
N GLN B 282 -19.14 -17.60 24.54
CA GLN B 282 -18.04 -16.66 24.52
C GLN B 282 -18.37 -15.60 23.46
N CYS B 283 -18.33 -14.35 23.85
CA CYS B 283 -18.89 -13.28 23.02
C CYS B 283 -17.85 -12.19 22.78
N GLY B 284 -16.61 -12.61 22.53
CA GLY B 284 -15.54 -11.68 22.26
C GLY B 284 -15.83 -10.86 21.01
N ALA B 285 -15.48 -9.58 21.08
CA ALA B 285 -15.95 -8.56 20.17
C ALA B 285 -14.93 -8.18 19.10
N ASP B 286 -13.97 -9.05 18.81
CA ASP B 286 -13.00 -8.70 17.76
C ASP B 286 -13.48 -9.04 16.37
N CYS B 287 -14.73 -9.49 16.22
CA CYS B 287 -15.32 -9.56 14.89
C CYS B 287 -15.91 -8.25 14.42
N LEU B 288 -15.89 -7.21 15.26
CA LEU B 288 -16.48 -5.94 14.87
C LEU B 288 -15.67 -5.31 13.74
N ALA B 289 -16.40 -4.67 12.81
CA ALA B 289 -15.76 -4.03 11.67
C ALA B 289 -14.61 -3.10 12.09
N THR B 290 -14.68 -2.54 13.29
CA THR B 290 -13.80 -1.46 13.73
C THR B 290 -12.74 -1.97 14.67
N ASP B 291 -12.68 -3.26 14.89
CA ASP B 291 -11.61 -3.81 15.68
C ASP B 291 -10.30 -3.67 14.92
N PRO B 292 -9.20 -3.32 15.60
CA PRO B 292 -7.92 -3.19 14.88
C PRO B 292 -7.52 -4.45 14.11
N HIS B 293 -8.07 -5.62 14.41
CA HIS B 293 -7.79 -6.79 13.58
C HIS B 293 -8.29 -6.62 12.13
N ARG B 294 -9.36 -5.85 11.92
CA ARG B 294 -9.96 -5.57 10.60
C ARG B 294 -10.09 -6.84 9.77
N ILE B 295 -10.78 -7.83 10.33
CA ILE B 295 -10.98 -9.05 9.58
C ILE B 295 -12.45 -9.26 9.24
N PHE B 296 -13.28 -9.48 10.26
CA PHE B 296 -14.71 -9.53 9.95
C PHE B 296 -15.28 -8.10 9.93
N ARG B 297 -16.51 -7.98 9.50
CA ARG B 297 -17.15 -6.67 9.37
C ARG B 297 -18.45 -6.63 10.16
N LEU B 298 -18.46 -7.14 11.39
CA LEU B 298 -19.69 -7.08 12.15
C LEU B 298 -19.83 -5.71 12.79
N THR B 299 -21.03 -5.44 13.28
CA THR B 299 -21.45 -4.19 13.87
C THR B 299 -22.22 -4.50 15.15
N ASN B 300 -22.63 -3.45 15.87
CA ASN B 300 -23.56 -3.58 16.99
C ASN B 300 -24.95 -3.00 16.66
N PHE B 301 -25.34 -3.01 15.39
CA PHE B 301 -26.54 -2.29 14.99
C PHE B 301 -27.79 -3.00 15.45
N TYR B 302 -28.80 -2.22 15.84
CA TYR B 302 -30.06 -2.78 16.33
C TYR B 302 -31.18 -1.90 15.82
N PRO B 303 -31.69 -2.18 14.62
CA PRO B 303 -32.77 -1.41 13.98
C PRO B 303 -34.06 -1.50 14.78
N SER B 316 -30.07 -5.66 8.51
CA SER B 316 -29.28 -4.55 9.05
C SER B 316 -28.98 -4.77 10.55
N LEU B 317 -29.06 -6.03 10.98
CA LEU B 317 -28.98 -6.43 12.37
C LEU B 317 -27.62 -7.03 12.72
N SER B 318 -27.10 -6.67 13.89
CA SER B 318 -25.84 -7.20 14.38
C SER B 318 -25.84 -8.72 14.45
N GLY B 319 -24.89 -9.35 13.77
CA GLY B 319 -24.68 -10.79 13.92
C GLY B 319 -24.64 -11.23 15.35
N TYR B 320 -23.87 -10.52 16.19
CA TYR B 320 -23.88 -10.80 17.62
C TYR B 320 -25.28 -10.86 18.22
N LEU B 321 -26.01 -9.75 18.17
CA LEU B 321 -27.36 -9.73 18.76
C LEU B 321 -28.25 -10.80 18.16
N TYR B 322 -28.13 -11.04 16.87
CA TYR B 322 -28.93 -12.09 16.26
C TYR B 322 -28.66 -13.45 16.90
N ALA B 323 -27.37 -13.79 17.10
CA ALA B 323 -27.05 -15.08 17.73
C ALA B 323 -27.43 -15.08 19.21
N ILE B 324 -27.15 -14.01 19.95
CA ILE B 324 -27.58 -13.98 21.35
C ILE B 324 -29.10 -14.08 21.44
N LYS B 325 -29.83 -13.38 20.57
CA LYS B 325 -31.27 -13.46 20.62
C LYS B 325 -31.74 -14.88 20.36
N LYS B 326 -31.14 -15.56 19.38
CA LYS B 326 -31.53 -16.94 19.06
C LYS B 326 -31.20 -17.92 20.19
N ILE B 327 -30.01 -17.82 20.82
CA ILE B 327 -29.65 -18.74 21.91
C ILE B 327 -30.60 -18.57 23.08
N LEU B 328 -30.99 -17.35 23.38
CA LEU B 328 -31.89 -17.12 24.51
C LEU B 328 -33.30 -17.61 24.19
N SER B 329 -33.65 -17.74 22.91
CA SER B 329 -35.00 -18.19 22.61
C SER B 329 -35.21 -19.64 23.01
N TRP B 330 -34.15 -20.41 23.21
CA TRP B 330 -34.31 -21.80 23.62
C TRP B 330 -34.64 -21.95 25.08
N LYS B 331 -34.54 -20.87 25.86
CA LYS B 331 -34.94 -20.90 27.27
C LYS B 331 -34.11 -21.90 28.07
N VAL B 332 -32.83 -22.00 27.75
CA VAL B 332 -31.88 -22.88 28.43
C VAL B 332 -30.95 -22.01 29.26
N PRO B 333 -30.74 -22.31 30.54
CA PRO B 333 -29.84 -21.50 31.37
C PRO B 333 -28.49 -21.28 30.69
N THR B 334 -28.03 -20.02 30.69
CA THR B 334 -26.97 -19.57 29.82
C THR B 334 -25.96 -18.74 30.57
N LEU B 335 -24.72 -18.86 30.15
CA LEU B 335 -23.64 -18.03 30.64
C LEU B 335 -23.11 -17.24 29.45
N ILE B 336 -23.01 -15.92 29.58
CA ILE B 336 -22.53 -15.05 28.53
C ILE B 336 -21.21 -14.42 28.98
N LEU B 337 -20.13 -14.74 28.27
CA LEU B 337 -18.78 -14.34 28.64
C LEU B 337 -18.26 -13.41 27.57
N GLY B 338 -17.27 -12.60 27.97
CA GLY B 338 -16.64 -11.66 27.08
C GLY B 338 -15.55 -12.33 26.29
N GLY B 339 -14.37 -11.68 26.21
CA GLY B 339 -13.28 -12.24 25.43
C GLY B 339 -12.45 -11.19 24.72
N GLY B 340 -12.08 -11.48 23.47
CA GLY B 340 -11.34 -10.54 22.65
C GLY B 340 -12.17 -9.30 22.34
N GLY B 341 -11.48 -8.25 21.92
CA GLY B 341 -12.10 -6.97 21.69
C GLY B 341 -11.14 -5.85 22.03
N TYR B 342 -10.53 -5.24 21.01
CA TYR B 342 -9.35 -4.41 21.20
C TYR B 342 -9.54 -2.98 20.73
N ASN B 343 -10.76 -2.61 20.34
CA ASN B 343 -11.26 -1.23 20.30
C ASN B 343 -12.14 -1.09 21.53
N PHE B 344 -11.63 -0.44 22.60
CA PHE B 344 -12.34 -0.60 23.87
C PHE B 344 -13.70 0.09 23.85
N PRO B 345 -13.82 1.33 23.30
CA PRO B 345 -15.15 1.94 23.17
C PRO B 345 -16.14 1.12 22.36
N ASP B 346 -15.71 0.51 21.26
CA ASP B 346 -16.65 -0.26 20.46
C ASP B 346 -17.03 -1.56 21.15
N THR B 347 -16.08 -2.20 21.87
CA THR B 347 -16.43 -3.36 22.70
C THR B 347 -17.53 -3.02 23.73
N ALA B 348 -17.40 -1.88 24.40
CA ALA B 348 -18.44 -1.46 25.32
C ALA B 348 -19.78 -1.21 24.61
N ARG B 349 -19.73 -0.63 23.39
CA ARG B 349 -20.97 -0.45 22.61
C ARG B 349 -21.64 -1.79 22.28
N LEU B 350 -20.84 -2.79 21.92
CA LEU B 350 -21.40 -4.10 21.60
C LEU B 350 -22.00 -4.77 22.85
N TRP B 351 -21.17 -5.00 23.87
CA TRP B 351 -21.57 -5.64 25.10
C TRP B 351 -22.70 -4.90 25.83
N THR B 352 -22.78 -3.57 25.71
CA THR B 352 -23.90 -2.88 26.36
C THR B 352 -25.21 -3.21 25.67
N ARG B 353 -25.21 -3.21 24.33
CA ARG B 353 -26.37 -3.67 23.56
C ARG B 353 -26.70 -5.13 23.82
N VAL B 354 -25.68 -6.01 23.89
CA VAL B 354 -25.97 -7.40 24.25
C VAL B 354 -26.67 -7.47 25.60
N THR B 355 -26.21 -6.67 26.57
CA THR B 355 -26.76 -6.74 27.91
C THR B 355 -28.23 -6.30 27.91
N ALA B 356 -28.55 -5.24 27.17
CA ALA B 356 -29.93 -4.77 27.11
C ALA B 356 -30.82 -5.83 26.48
N LEU B 357 -30.33 -6.50 25.42
CA LEU B 357 -31.12 -7.53 24.75
C LEU B 357 -31.35 -8.75 25.63
N THR B 358 -30.33 -9.13 26.42
CA THR B 358 -30.53 -10.22 27.38
C THR B 358 -31.66 -9.91 28.35
N ILE B 359 -31.65 -8.70 28.91
CA ILE B 359 -32.70 -8.24 29.82
C ILE B 359 -34.05 -8.28 29.12
N GLU B 360 -34.07 -7.83 27.86
CA GLU B 360 -35.31 -7.79 27.09
C GLU B 360 -35.83 -9.20 26.81
N GLU B 361 -34.95 -10.11 26.37
CA GLU B 361 -35.41 -11.46 26.02
C GLU B 361 -35.80 -12.26 27.25
N VAL B 362 -35.16 -12.03 28.39
CA VAL B 362 -35.38 -12.91 29.54
C VAL B 362 -36.50 -12.39 30.44
N LYS B 363 -36.48 -11.08 30.74
CA LYS B 363 -37.49 -10.48 31.60
C LYS B 363 -38.75 -10.03 30.84
N GLY B 364 -38.73 -10.01 29.51
CA GLY B 364 -39.86 -9.50 28.74
C GLY B 364 -40.04 -8.00 28.81
N LYS B 365 -39.00 -7.27 29.15
CA LYS B 365 -39.11 -5.86 29.52
C LYS B 365 -38.38 -5.00 28.48
N LYS B 366 -39.13 -4.19 27.75
CA LYS B 366 -38.57 -3.34 26.71
C LYS B 366 -37.43 -2.50 27.26
N MET B 367 -36.27 -2.58 26.61
CA MET B 367 -35.12 -1.76 26.95
C MET B 367 -34.86 -0.87 25.74
N THR B 368 -35.08 0.41 25.90
CA THR B 368 -34.82 1.39 24.86
C THR B 368 -33.54 2.11 25.20
N ILE B 369 -32.60 2.08 24.28
CA ILE B 369 -31.28 2.62 24.52
C ILE B 369 -31.14 3.83 23.61
N SER B 370 -30.94 5.00 24.19
CA SER B 370 -30.77 6.22 23.43
C SER B 370 -29.56 6.16 22.50
N PRO B 371 -29.67 6.65 21.26
CA PRO B 371 -28.50 6.62 20.34
C PRO B 371 -27.36 7.55 20.75
N GLU B 372 -27.60 8.51 21.62
CA GLU B 372 -26.55 9.33 22.18
C GLU B 372 -26.04 8.67 23.44
N ILE B 373 -24.72 8.50 23.53
CA ILE B 373 -23.99 8.00 24.70
C ILE B 373 -24.27 8.89 25.91
N PRO B 374 -24.77 8.33 27.01
CA PRO B 374 -25.12 9.17 28.17
C PRO B 374 -23.89 9.81 28.79
N GLU B 375 -24.14 10.85 29.59
CA GLU B 375 -23.12 11.50 30.40
C GLU B 375 -22.54 10.53 31.42
N HIS B 376 -21.24 10.32 31.37
CA HIS B 376 -20.56 9.59 32.44
C HIS B 376 -19.07 9.83 32.31
N SER B 377 -18.32 9.27 33.26
CA SER B 377 -16.90 9.57 33.45
C SER B 377 -16.08 9.25 32.21
N TYR B 378 -16.52 8.30 31.39
CA TYR B 378 -15.79 7.91 30.20
C TYR B 378 -16.48 8.37 28.90
N PHE B 379 -17.47 9.28 28.99
CA PHE B 379 -18.12 9.87 27.82
C PHE B 379 -17.10 10.26 26.76
N SER B 380 -16.03 10.95 27.18
CA SER B 380 -14.94 11.41 26.31
C SER B 380 -14.27 10.28 25.50
N ARG B 381 -14.46 9.00 25.83
CA ARG B 381 -13.87 7.94 25.04
C ARG B 381 -14.72 7.55 23.83
N TYR B 382 -15.93 8.08 23.71
CA TYR B 382 -16.81 7.72 22.60
C TYR B 382 -16.83 8.78 21.52
N GLY B 383 -15.73 9.49 21.30
CA GLY B 383 -15.71 10.57 20.32
C GLY B 383 -15.40 10.05 18.93
N PRO B 384 -15.59 10.88 17.88
CA PRO B 384 -16.09 12.26 17.80
C PRO B 384 -17.60 12.37 17.60
N ASP B 385 -18.29 11.24 17.54
CA ASP B 385 -19.73 11.19 17.35
C ASP B 385 -20.52 11.04 18.66
N PHE B 386 -19.95 10.41 19.68
CA PHE B 386 -20.61 10.12 20.97
C PHE B 386 -21.98 9.44 20.77
N GLU B 387 -22.04 8.58 19.77
CA GLU B 387 -23.23 7.78 19.47
C GLU B 387 -22.99 6.32 19.85
N LEU B 388 -24.08 5.57 20.01
CA LEU B 388 -23.99 4.17 20.41
C LEU B 388 -23.65 3.21 19.23
N ASP B 389 -24.20 3.46 18.04
CA ASP B 389 -23.79 2.72 16.84
C ASP B 389 -22.31 2.95 16.58
N ILE B 390 -21.58 1.86 16.31
CA ILE B 390 -20.17 1.98 15.97
C ILE B 390 -20.05 2.77 14.67
N ASP B 391 -18.94 3.46 14.53
CA ASP B 391 -18.77 4.33 13.37
C ASP B 391 -18.27 3.46 12.25
N TYR B 392 -19.21 2.88 11.53
CA TYR B 392 -18.86 2.02 10.42
C TYR B 392 -19.96 2.12 9.39
N PHE B 393 -19.56 1.96 8.13
CA PHE B 393 -20.49 2.06 7.01
C PHE B 393 -20.47 0.76 6.23
N PRO B 394 -21.49 -0.09 6.39
CA PRO B 394 -21.49 -1.38 5.71
C PRO B 394 -21.75 -1.21 4.23
N HIS B 395 -20.82 -1.74 3.43
CA HIS B 395 -20.94 -1.66 1.98
C HIS B 395 -20.84 -3.05 1.39
N GLU B 396 -20.73 -3.17 0.08
CA GLU B 396 -20.64 -4.47 -0.57
C GLU B 396 -19.96 -4.36 -1.91
N THR B 401 -22.00 -15.94 -6.51
CA THR B 401 -22.48 -17.13 -5.80
C THR B 401 -21.48 -17.75 -4.86
N LEU B 402 -20.20 -17.45 -5.10
CA LEU B 402 -19.09 -18.38 -4.84
C LEU B 402 -18.50 -18.30 -3.44
N ASP B 403 -19.02 -17.44 -2.55
CA ASP B 403 -18.55 -17.32 -1.17
C ASP B 403 -19.42 -18.10 -0.17
N SER B 404 -20.45 -18.80 -0.62
CA SER B 404 -21.27 -19.57 0.28
C SER B 404 -20.43 -20.65 0.98
N ILE B 405 -21.04 -21.27 1.99
CA ILE B 405 -20.37 -22.25 2.85
C ILE B 405 -21.33 -23.43 3.01
N GLN B 406 -22.12 -23.71 1.97
CA GLN B 406 -23.12 -24.76 2.09
C GLN B 406 -22.48 -26.13 2.31
N LYS B 407 -21.28 -26.39 1.76
CA LYS B 407 -20.59 -27.64 2.08
C LYS B 407 -20.26 -27.78 3.59
N HIS B 408 -19.94 -26.67 4.27
CA HIS B 408 -19.70 -26.71 5.71
C HIS B 408 -20.96 -27.08 6.48
N HIS B 409 -22.08 -26.45 6.16
CA HIS B 409 -23.36 -26.87 6.74
C HIS B 409 -23.55 -28.38 6.60
N ARG B 410 -23.26 -28.92 5.42
CA ARG B 410 -23.50 -30.33 5.20
C ARG B 410 -22.53 -31.18 6.00
N ARG B 411 -21.24 -30.83 5.95
CA ARG B 411 -20.25 -31.49 6.78
C ARG B 411 -20.64 -31.44 8.26
N ILE B 412 -21.07 -30.25 8.75
CA ILE B 412 -21.42 -30.08 10.16
C ILE B 412 -22.65 -30.91 10.53
N LEU B 413 -23.68 -30.94 9.68
CA LEU B 413 -24.86 -31.74 9.98
C LEU B 413 -24.55 -33.23 9.93
N GLU B 414 -23.68 -33.66 9.01
CA GLU B 414 -23.28 -35.07 9.03
C GLU B 414 -22.52 -35.38 10.31
N GLN B 415 -21.63 -34.48 10.72
CA GLN B 415 -20.98 -34.63 12.01
C GLN B 415 -21.99 -34.75 13.13
N LEU B 416 -23.07 -33.97 13.09
CA LEU B 416 -24.01 -33.95 14.22
C LEU B 416 -24.80 -35.26 14.30
N ARG B 417 -25.16 -35.83 13.13
CA ARG B 417 -25.74 -37.16 13.09
C ARG B 417 -24.76 -38.22 13.64
N ASN B 418 -23.47 -38.11 13.30
CA ASN B 418 -22.49 -39.04 13.85
C ASN B 418 -22.39 -38.94 15.36
N TYR B 419 -22.45 -37.72 15.90
CA TYR B 419 -22.43 -37.53 17.35
C TYR B 419 -23.67 -38.18 17.98
N ALA B 420 -24.83 -38.02 17.34
CA ALA B 420 -26.06 -38.58 17.90
C ALA B 420 -26.02 -40.11 17.94
N ASP B 421 -25.47 -40.76 16.91
CA ASP B 421 -25.37 -42.22 16.91
C ASP B 421 -24.40 -42.69 17.98
N LEU B 422 -23.19 -42.14 17.98
CA LEU B 422 -22.21 -42.56 18.97
C LEU B 422 -22.80 -42.51 20.37
N ASN B 423 -23.60 -41.49 20.67
CA ASN B 423 -24.03 -41.22 22.03
C ASN B 423 -25.46 -41.68 22.28
N LYS B 424 -26.11 -42.31 21.31
CA LYS B 424 -27.42 -42.92 21.49
C LYS B 424 -28.46 -41.86 21.86
N LEU B 425 -28.45 -40.76 21.12
CA LEU B 425 -29.43 -39.71 21.23
C LEU B 425 -30.37 -39.74 20.02
N ILE B 426 -31.58 -39.23 20.24
CA ILE B 426 -32.51 -39.05 19.14
C ILE B 426 -31.97 -38.01 18.17
N TYR B 427 -31.85 -38.39 16.90
CA TYR B 427 -31.65 -37.47 15.78
C TYR B 427 -33.01 -37.23 15.10
N ASP B 428 -33.63 -36.11 15.41
CA ASP B 428 -34.95 -35.77 14.85
C ASP B 428 -34.72 -35.13 13.47
N TYR B 429 -34.57 -36.00 12.47
CA TYR B 429 -34.35 -35.56 11.09
C TYR B 429 -35.39 -34.53 10.66
N ASP B 430 -36.67 -34.81 10.94
CA ASP B 430 -37.74 -33.98 10.42
C ASP B 430 -37.64 -32.54 10.92
N GLN B 431 -37.39 -32.37 12.22
CA GLN B 431 -37.26 -31.02 12.75
C GLN B 431 -36.07 -30.29 12.13
N VAL B 432 -34.89 -30.95 12.08
CA VAL B 432 -33.74 -30.28 11.50
C VAL B 432 -33.98 -29.97 10.03
N TYR B 433 -34.58 -30.91 9.30
CA TYR B 433 -34.97 -30.62 7.93
C TYR B 433 -35.88 -29.40 7.86
N GLN B 434 -36.97 -29.41 8.65
CA GLN B 434 -37.87 -28.26 8.71
C GLN B 434 -37.07 -26.98 8.92
N LEU B 435 -36.07 -27.04 9.78
CA LEU B 435 -35.26 -25.88 10.07
C LEU B 435 -34.50 -25.38 8.85
N TYR B 436 -33.72 -26.26 8.21
CA TYR B 436 -32.99 -25.82 7.02
C TYR B 436 -33.90 -25.55 5.83
N ASN B 437 -35.09 -26.16 5.78
CA ASN B 437 -35.99 -25.86 4.68
C ASN B 437 -36.59 -24.46 4.74
N LEU B 438 -36.59 -23.83 5.92
CA LEU B 438 -36.97 -22.42 5.99
C LEU B 438 -36.10 -21.57 5.07
N THR B 439 -34.82 -21.90 4.98
CA THR B 439 -33.88 -21.24 4.10
C THR B 439 -33.96 -21.74 2.65
N GLY B 440 -34.68 -22.84 2.41
CA GLY B 440 -34.59 -23.53 1.14
C GLY B 440 -33.45 -24.53 1.04
N MET B 441 -32.92 -24.98 2.18
CA MET B 441 -31.73 -25.81 2.23
C MET B 441 -31.96 -27.15 2.94
N GLY B 442 -33.22 -27.61 3.00
CA GLY B 442 -33.51 -28.92 3.57
C GLY B 442 -32.64 -30.02 3.01
N SER B 443 -32.39 -30.00 1.70
CA SER B 443 -31.60 -31.07 1.09
C SER B 443 -30.22 -31.19 1.70
N LEU B 444 -29.81 -30.23 2.52
CA LEU B 444 -28.50 -30.32 3.15
C LEU B 444 -28.48 -31.27 4.34
N VAL B 445 -29.65 -31.71 4.82
CA VAL B 445 -29.77 -32.41 6.10
C VAL B 445 -29.67 -33.92 5.86
N PRO B 446 -28.70 -34.60 6.43
CA PRO B 446 -28.67 -36.08 6.32
C PRO B 446 -29.79 -36.75 7.10
N ARG B 447 -30.22 -37.93 6.64
CA ARG B 447 -31.31 -38.69 7.31
C ARG B 447 -30.91 -39.19 8.71
N SER C 3 38.86 29.61 -17.56
CA SER C 3 38.25 30.17 -16.36
C SER C 3 36.82 29.64 -16.15
N VAL C 4 36.57 29.03 -15.00
CA VAL C 4 35.22 28.58 -14.62
C VAL C 4 34.58 29.66 -13.77
N GLY C 5 33.40 30.15 -14.19
CA GLY C 5 32.71 31.19 -13.46
C GLY C 5 31.52 30.67 -12.67
N ILE C 6 31.18 31.37 -11.60
CA ILE C 6 29.99 31.00 -10.83
C ILE C 6 29.29 32.28 -10.38
N VAL C 7 27.95 32.27 -10.45
CA VAL C 7 27.11 33.42 -10.11
C VAL C 7 26.81 33.42 -8.61
N TYR C 8 27.34 34.40 -7.86
CA TYR C 8 26.84 34.60 -6.50
CA TYR C 8 26.97 34.58 -6.45
C TYR C 8 26.96 36.06 -6.09
N GLY C 9 26.26 36.38 -5.01
CA GLY C 9 26.38 37.66 -4.35
C GLY C 9 25.54 37.60 -3.10
N ASP C 10 25.77 38.58 -2.22
CA ASP C 10 25.06 38.61 -0.95
C ASP C 10 23.57 38.85 -1.18
N GLN C 11 23.25 39.95 -1.87
CA GLN C 11 21.85 40.21 -2.15
C GLN C 11 21.27 39.12 -3.07
N TYR C 12 22.09 38.63 -4.00
CA TYR C 12 21.67 37.51 -4.84
C TYR C 12 21.22 36.33 -3.99
N ARG C 13 22.02 35.98 -2.98
CA ARG C 13 21.72 34.78 -2.22
C ARG C 13 20.51 35.00 -1.30
N GLN C 14 20.34 36.23 -0.81
CA GLN C 14 19.17 36.50 0.03
C GLN C 14 17.89 36.34 -0.78
N LEU C 15 17.95 36.75 -2.05
CA LEU C 15 16.79 36.69 -2.94
C LEU C 15 16.53 35.26 -3.41
N CYS C 16 17.59 34.52 -3.75
CA CYS C 16 17.39 33.14 -4.16
C CYS C 16 16.79 32.32 -3.04
N CYS C 17 17.00 32.75 -1.79
CA CYS C 17 16.58 32.03 -0.59
C CYS C 17 15.27 32.51 -0.01
N SER C 18 14.49 33.30 -0.78
CA SER C 18 13.37 34.06 -0.26
C SER C 18 12.00 33.53 -0.66
N SER C 19 11.94 32.40 -1.58
CA SER C 19 10.71 31.81 -2.09
C SER C 19 10.20 30.73 -1.13
N PRO C 20 8.87 30.59 -1.03
CA PRO C 20 8.33 29.50 -0.20
C PRO C 20 8.67 28.11 -0.72
N LYS C 21 8.79 27.92 -2.03
CA LYS C 21 9.01 26.57 -2.55
C LYS C 21 10.45 26.10 -2.31
N PHE C 22 11.42 26.95 -2.61
CA PHE C 22 12.81 26.50 -2.64
C PHE C 22 13.61 26.94 -1.45
N GLY C 23 13.00 27.63 -0.48
CA GLY C 23 13.60 27.92 0.81
C GLY C 23 15.07 28.31 0.70
N ASP C 24 15.91 27.73 1.56
CA ASP C 24 17.32 28.09 1.62
C ASP C 24 18.21 27.22 0.72
N ARG C 25 17.61 26.48 -0.21
CA ARG C 25 18.36 25.51 -1.00
C ARG C 25 19.61 26.12 -1.65
N TYR C 26 19.52 27.37 -2.14
CA TYR C 26 20.68 27.98 -2.81
C TYR C 26 21.80 28.24 -1.84
N ALA C 27 21.44 28.58 -0.57
CA ALA C 27 22.42 28.77 0.49
C ALA C 27 23.16 27.47 0.82
N LEU C 28 22.42 26.36 0.98
CA LEU C 28 23.08 25.06 1.21
C LEU C 28 24.09 24.76 0.11
N VAL C 29 23.68 24.98 -1.15
CA VAL C 29 24.50 24.56 -2.30
C VAL C 29 25.80 25.36 -2.30
N MET C 30 25.68 26.68 -2.27
CA MET C 30 26.82 27.57 -2.31
C MET C 30 27.71 27.39 -1.09
N ASP C 31 27.13 27.08 0.07
CA ASP C 31 27.96 26.87 1.25
C ASP C 31 28.58 25.49 1.28
N LEU C 32 27.91 24.44 0.77
CA LEU C 32 28.63 23.18 0.59
C LEU C 32 29.80 23.36 -0.37
N ILE C 33 29.58 24.11 -1.46
CA ILE C 33 30.69 24.32 -2.39
C ILE C 33 31.79 25.12 -1.70
N ASN C 34 31.39 26.11 -0.92
CA ASN C 34 32.35 26.89 -0.14
C ASN C 34 33.03 26.01 0.91
N ALA C 35 32.29 25.07 1.50
CA ALA C 35 32.89 24.33 2.59
C ALA C 35 33.90 23.34 2.05
N TYR C 36 33.71 22.85 0.82
CA TYR C 36 34.71 22.02 0.16
C TYR C 36 35.87 22.84 -0.43
N LYS C 37 35.94 24.14 -0.18
CA LYS C 37 37.06 25.00 -0.59
C LYS C 37 37.18 25.15 -2.12
N LEU C 38 36.04 25.06 -2.81
CA LEU C 38 35.97 25.24 -4.25
C LEU C 38 35.93 26.70 -4.70
N ILE C 39 35.43 27.61 -3.85
CA ILE C 39 35.16 29.00 -4.23
C ILE C 39 36.45 29.71 -4.65
N PRO C 40 37.63 29.45 -4.08
CA PRO C 40 38.85 30.07 -4.63
C PRO C 40 39.22 29.57 -6.04
N GLU C 41 38.75 28.39 -6.46
CA GLU C 41 39.01 27.96 -7.83
C GLU C 41 38.19 28.72 -8.87
N LEU C 42 37.16 29.46 -8.46
CA LEU C 42 36.10 29.92 -9.35
C LEU C 42 36.05 31.44 -9.40
N SER C 43 35.84 31.97 -10.58
CA SER C 43 35.65 33.40 -10.80
C SER C 43 34.19 33.78 -10.48
N ARG C 44 33.99 34.66 -9.50
CA ARG C 44 32.64 35.05 -9.14
C ARG C 44 32.02 35.88 -10.27
N VAL C 45 30.88 35.44 -10.79
CA VAL C 45 30.21 36.18 -11.85
C VAL C 45 29.08 36.99 -11.19
N PRO C 46 29.18 38.31 -11.14
CA PRO C 46 28.19 39.11 -10.41
C PRO C 46 26.90 39.23 -11.21
N PRO C 47 25.74 39.23 -10.54
CA PRO C 47 24.46 39.31 -11.28
C PRO C 47 24.28 40.65 -12.02
N LEU C 48 23.66 40.57 -13.20
CA LEU C 48 23.40 41.77 -14.01
C LEU C 48 22.50 42.73 -13.25
N GLN C 49 22.88 44.03 -13.25
CA GLN C 49 21.99 45.11 -12.86
C GLN C 49 21.85 46.13 -14.00
N TRP C 50 20.74 46.87 -13.96
CA TRP C 50 20.39 47.80 -15.04
C TRP C 50 20.47 49.25 -14.56
N ASP C 51 20.58 50.15 -15.53
CA ASP C 51 20.62 51.59 -15.35
C ASP C 51 19.25 52.22 -15.08
N SER C 52 18.15 51.45 -15.23
CA SER C 52 16.82 52.03 -15.00
C SER C 52 15.75 50.92 -15.04
N PRO C 53 14.62 51.10 -14.34
CA PRO C 53 13.48 50.19 -14.54
C PRO C 53 13.20 49.98 -16.02
N SER C 54 13.44 50.99 -16.84
CA SER C 54 13.11 50.90 -18.24
C SER C 54 14.07 49.97 -18.99
N ARG C 55 15.35 50.01 -18.67
CA ARG C 55 16.24 49.02 -19.28
C ARG C 55 15.98 47.62 -18.72
N MET C 56 15.62 47.50 -17.45
CA MET C 56 15.25 46.19 -16.92
C MET C 56 14.02 45.65 -17.65
N TYR C 57 12.97 46.46 -17.71
CA TYR C 57 11.76 46.05 -18.39
C TYR C 57 12.06 45.65 -19.83
N GLU C 58 13.04 46.28 -20.44
CA GLU C 58 13.38 45.97 -21.83
C GLU C 58 14.11 44.63 -21.93
N ALA C 59 14.98 44.35 -20.98
CA ALA C 59 15.60 43.02 -20.97
C ALA C 59 14.54 41.94 -20.81
N VAL C 60 13.68 42.06 -19.80
CA VAL C 60 12.75 40.99 -19.46
C VAL C 60 11.69 40.78 -20.53
N THR C 61 11.25 41.84 -21.23
CA THR C 61 10.28 41.67 -22.29
C THR C 61 10.91 41.31 -23.64
N ALA C 62 12.21 41.04 -23.69
CA ALA C 62 12.72 40.41 -24.91
C ALA C 62 12.13 39.02 -25.10
N PHE C 63 11.57 38.43 -24.05
CA PHE C 63 10.78 37.22 -24.15
C PHE C 63 9.37 37.38 -23.57
N HIS C 64 9.24 37.98 -22.39
CA HIS C 64 7.97 38.00 -21.66
C HIS C 64 7.12 39.19 -22.07
N SER C 65 5.81 39.00 -22.03
CA SER C 65 4.93 40.10 -22.44
C SER C 65 5.00 41.23 -21.41
N THR C 66 4.79 42.47 -21.88
CA THR C 66 4.74 43.58 -20.94
C THR C 66 3.68 43.37 -19.88
N GLU C 67 2.54 42.79 -20.26
CA GLU C 67 1.42 42.66 -19.34
C GLU C 67 1.64 41.59 -18.28
N TYR C 68 2.31 40.49 -18.66
CA TYR C 68 2.62 39.46 -17.68
C TYR C 68 3.64 39.97 -16.66
N VAL C 69 4.59 40.78 -17.14
CA VAL C 69 5.59 41.38 -16.26
C VAL C 69 4.94 42.40 -15.33
N ASP C 70 4.05 43.25 -15.87
CA ASP C 70 3.31 44.20 -15.02
C ASP C 70 2.59 43.46 -13.91
N ALA C 71 1.90 42.37 -14.29
CA ALA C 71 1.15 41.57 -13.33
C ALA C 71 2.07 40.93 -12.29
N LEU C 72 3.26 40.48 -12.71
CA LEU C 72 4.20 39.94 -11.75
C LEU C 72 4.66 41.01 -10.78
N LYS C 73 4.85 42.24 -11.27
CA LYS C 73 5.18 43.38 -10.42
C LYS C 73 4.04 43.68 -9.44
N LYS C 74 2.83 43.80 -9.97
CA LYS C 74 1.64 44.10 -9.17
C LYS C 74 1.44 43.04 -8.08
N LEU C 75 1.62 41.76 -8.42
CA LEU C 75 1.47 40.68 -7.44
C LEU C 75 2.41 40.86 -6.25
N GLN C 76 3.63 41.34 -6.50
CA GLN C 76 4.60 41.48 -5.41
C GLN C 76 4.24 42.65 -4.51
N MET C 77 3.99 43.83 -5.11
CA MET C 77 3.53 44.96 -4.31
C MET C 77 2.27 44.61 -3.54
N LEU C 78 1.35 43.89 -4.18
CA LEU C 78 0.15 43.41 -3.50
C LEU C 78 0.50 42.56 -2.28
N HIS C 79 1.44 41.63 -2.42
CA HIS C 79 1.74 40.78 -1.26
C HIS C 79 2.53 41.51 -0.18
N CYS C 80 3.07 42.68 -0.46
CA CYS C 80 3.75 43.50 0.54
C CYS C 80 2.83 44.39 1.35
N GLU C 81 1.52 44.34 1.14
CA GLU C 81 0.62 45.18 1.92
C GLU C 81 -0.64 44.43 2.36
N LEU C 85 -6.42 41.34 -1.91
CA LEU C 85 -6.72 41.40 -3.35
C LEU C 85 -8.19 41.60 -3.62
N THR C 86 -8.50 42.31 -4.69
CA THR C 86 -9.89 42.47 -5.14
C THR C 86 -10.22 41.41 -6.21
N ALA C 87 -11.52 41.17 -6.38
CA ALA C 87 -12.00 40.22 -7.39
C ALA C 87 -11.36 40.45 -8.76
N ASP C 88 -11.10 41.71 -9.12
CA ASP C 88 -10.43 41.95 -10.40
C ASP C 88 -8.93 41.62 -10.33
N ASP C 89 -8.29 41.89 -9.20
CA ASP C 89 -6.91 41.45 -9.02
C ASP C 89 -6.80 39.92 -9.12
N GLU C 90 -7.67 39.20 -8.40
CA GLU C 90 -7.66 37.74 -8.47
C GLU C 90 -7.87 37.26 -9.90
N LEU C 91 -8.82 37.87 -10.63
CA LEU C 91 -9.05 37.42 -12.01
C LEU C 91 -7.86 37.72 -12.90
N LEU C 92 -7.20 38.87 -12.69
CA LEU C 92 -6.03 39.21 -13.50
C LEU C 92 -4.86 38.27 -13.22
N MET C 93 -4.61 37.96 -11.94
CA MET C 93 -3.55 37.02 -11.59
C MET C 93 -3.80 35.64 -12.22
N ASP C 94 -4.99 35.07 -11.97
CA ASP C 94 -5.42 33.81 -12.62
C ASP C 94 -5.26 33.87 -14.14
N SER C 95 -5.50 35.03 -14.74
CA SER C 95 -5.32 35.11 -16.18
C SER C 95 -3.86 34.87 -16.59
N PHE C 96 -2.90 34.92 -15.65
CA PHE C 96 -1.50 34.66 -15.97
C PHE C 96 -0.98 33.41 -15.27
N SER C 97 -1.88 32.62 -14.68
CA SER C 97 -1.54 31.46 -13.87
C SER C 97 -0.70 31.87 -12.64
N LEU C 98 -0.90 33.09 -12.13
CA LEU C 98 -0.28 33.52 -10.88
C LEU C 98 -1.09 33.01 -9.68
N ASN C 99 -1.23 31.69 -9.64
CA ASN C 99 -2.01 31.00 -8.62
C ASN C 99 -1.45 29.60 -8.40
N TYR C 100 -2.07 28.87 -7.47
CA TYR C 100 -1.83 27.48 -7.16
C TYR C 100 -0.35 27.13 -7.02
N ASP C 101 0.25 26.57 -8.09
CA ASP C 101 1.65 26.14 -8.10
C ASP C 101 2.62 27.30 -8.25
N CYS C 102 2.12 28.48 -8.64
CA CYS C 102 2.91 29.70 -8.74
C CYS C 102 2.22 30.80 -7.97
N PRO C 103 2.24 30.73 -6.65
CA PRO C 103 1.57 31.76 -5.84
C PRO C 103 2.43 33.01 -5.70
N GLY C 104 1.75 34.08 -5.31
CA GLY C 104 2.46 35.26 -4.91
C GLY C 104 3.01 35.16 -3.51
N PHE C 105 4.02 35.95 -3.25
CA PHE C 105 4.62 36.06 -1.92
C PHE C 105 5.44 37.34 -1.93
N PRO C 106 5.84 37.84 -0.75
CA PRO C 106 6.35 39.22 -0.69
C PRO C 106 7.47 39.56 -1.68
N SER C 107 8.34 38.63 -2.04
CA SER C 107 9.46 38.92 -2.93
C SER C 107 9.39 38.18 -4.27
N VAL C 108 8.17 37.85 -4.72
CA VAL C 108 8.01 36.95 -5.85
C VAL C 108 8.62 37.54 -7.11
N PHE C 109 8.59 38.86 -7.27
CA PHE C 109 9.13 39.49 -8.47
C PHE C 109 10.65 39.61 -8.40
N ASP C 110 11.17 40.18 -7.29
CA ASP C 110 12.61 40.25 -7.07
C ASP C 110 13.27 38.87 -7.14
N TYR C 111 12.57 37.83 -6.66
CA TYR C 111 13.09 36.47 -6.70
C TYR C 111 13.19 35.96 -8.13
N SER C 112 12.15 36.19 -8.94
CA SER C 112 12.18 35.74 -10.32
C SER C 112 13.14 36.55 -11.16
N LEU C 113 13.33 37.83 -10.80
CA LEU C 113 14.21 38.66 -11.59
C LEU C 113 15.67 38.31 -11.33
N ALA C 114 15.98 37.94 -10.07
CA ALA C 114 17.35 37.60 -9.69
C ALA C 114 17.93 36.49 -10.56
N ALA C 115 17.12 35.47 -10.91
CA ALA C 115 17.61 34.43 -11.81
C ALA C 115 17.90 34.97 -13.22
N VAL C 116 17.14 35.96 -13.67
CA VAL C 116 17.45 36.60 -14.94
C VAL C 116 18.76 37.37 -14.84
N GLN C 117 18.91 38.17 -13.79
CA GLN C 117 20.17 38.85 -13.54
C GLN C 117 21.34 37.88 -13.59
N GLY C 118 21.22 36.75 -12.88
CA GLY C 118 22.34 35.80 -12.79
C GLY C 118 22.64 35.14 -14.13
N SER C 119 21.59 34.62 -14.77
CA SER C 119 21.80 33.86 -16.00
C SER C 119 22.24 34.76 -17.15
N LEU C 120 21.68 35.98 -17.23
CA LEU C 120 22.14 36.93 -18.23
C LEU C 120 23.58 37.35 -17.97
N ALA C 121 23.93 37.60 -16.70
CA ALA C 121 25.32 37.94 -16.43
C ALA C 121 26.25 36.78 -16.77
N ALA C 122 25.79 35.55 -16.49
CA ALA C 122 26.54 34.35 -16.87
C ALA C 122 26.74 34.30 -18.38
N ALA C 123 25.66 34.54 -19.14
CA ALA C 123 25.75 34.62 -20.58
C ALA C 123 26.83 35.60 -21.04
N SER C 124 26.85 36.82 -20.47
CA SER C 124 27.80 37.82 -20.95
C SER C 124 29.25 37.40 -20.68
N ALA C 125 29.50 36.73 -19.54
CA ALA C 125 30.85 36.31 -19.23
C ALA C 125 31.36 35.25 -20.23
N LEU C 126 30.48 34.44 -20.81
CA LEU C 126 30.87 33.56 -21.91
C LEU C 126 31.10 34.37 -23.18
N ILE C 127 30.23 35.35 -23.47
CA ILE C 127 30.30 36.05 -24.76
C ILE C 127 31.60 36.80 -24.90
N CYS C 128 32.01 37.52 -23.84
CA CYS C 128 33.26 38.26 -23.80
C CYS C 128 34.45 37.39 -23.38
N ARG C 129 34.24 36.08 -23.24
CA ARG C 129 35.32 35.10 -23.05
C ARG C 129 36.05 35.27 -21.71
N HIS C 130 35.42 35.92 -20.73
CA HIS C 130 35.95 35.91 -19.37
C HIS C 130 35.89 34.53 -18.73
N CYS C 131 34.99 33.66 -19.19
CA CYS C 131 34.84 32.35 -18.60
C CYS C 131 34.58 31.34 -19.71
N GLU C 132 35.25 30.18 -19.62
CA GLU C 132 34.91 29.14 -20.57
C GLU C 132 33.58 28.52 -20.22
N VAL C 133 33.30 28.38 -18.91
CA VAL C 133 32.09 27.81 -18.37
C VAL C 133 31.59 28.73 -17.26
N VAL C 134 30.29 28.86 -17.14
CA VAL C 134 29.73 29.60 -16.03
C VAL C 134 28.60 28.80 -15.43
N ILE C 135 28.57 28.74 -14.12
CA ILE C 135 27.56 28.03 -13.34
C ILE C 135 26.62 29.05 -12.67
N ASN C 136 25.30 28.80 -12.76
CA ASN C 136 24.30 29.52 -11.96
C ASN C 136 23.32 28.54 -11.30
N TRP C 137 23.57 28.22 -10.03
CA TRP C 137 22.68 27.33 -9.29
C TRP C 137 21.43 28.03 -8.78
N GLY C 138 21.35 29.36 -8.91
CA GLY C 138 20.16 30.13 -8.65
C GLY C 138 19.18 30.20 -9.81
N GLY C 139 19.56 29.66 -10.96
CA GLY C 139 18.72 29.76 -12.13
C GLY C 139 18.38 28.38 -12.66
N GLY C 140 17.77 28.31 -13.84
CA GLY C 140 17.38 27.05 -14.43
C GLY C 140 15.88 26.87 -14.56
N TRP C 141 15.12 27.95 -14.70
CA TRP C 141 13.67 27.92 -14.52
C TRP C 141 12.94 27.74 -15.87
N HIS C 142 12.81 26.48 -16.26
CA HIS C 142 12.48 26.18 -17.64
C HIS C 142 10.97 26.16 -17.93
N HIS C 143 10.10 26.22 -16.93
CA HIS C 143 8.68 26.10 -17.24
C HIS C 143 7.99 27.41 -17.57
N ALA C 144 8.66 28.55 -17.40
CA ALA C 144 7.98 29.83 -17.45
C ALA C 144 7.69 30.18 -18.92
N LYS C 145 6.44 30.58 -19.19
CA LYS C 145 5.97 30.94 -20.52
C LYS C 145 5.99 32.45 -20.72
N ARG C 146 5.84 32.86 -21.99
CA ARG C 146 5.85 34.27 -22.36
C ARG C 146 4.85 35.10 -21.55
N SER C 147 3.64 34.57 -21.35
CA SER C 147 2.59 35.28 -20.61
C SER C 147 2.00 34.40 -19.54
N GLU C 148 2.80 33.50 -18.98
CA GLU C 148 2.26 32.50 -18.07
C GLU C 148 3.34 32.04 -17.11
N ALA C 149 3.02 32.04 -15.81
CA ALA C 149 3.79 31.32 -14.81
C ALA C 149 3.45 29.84 -14.85
N SER C 150 4.44 29.00 -14.50
CA SER C 150 4.26 27.55 -14.54
C SER C 150 5.28 26.85 -13.64
N GLY C 151 4.80 25.91 -12.81
CA GLY C 151 5.67 24.99 -12.10
C GLY C 151 6.72 25.67 -11.26
N PHE C 152 6.26 26.64 -10.46
CA PHE C 152 7.09 27.61 -9.72
C PHE C 152 8.14 28.31 -10.60
N CYS C 153 7.90 28.41 -11.90
CA CYS C 153 8.74 29.23 -12.77
C CYS C 153 7.92 30.46 -13.18
N TYR C 154 8.43 31.65 -12.83
CA TYR C 154 7.76 32.92 -13.07
C TYR C 154 8.38 33.70 -14.22
N LEU C 155 9.72 33.78 -14.30
CA LEU C 155 10.42 34.33 -15.44
C LEU C 155 11.43 33.29 -15.93
N ASN C 156 11.64 33.24 -17.22
CA ASN C 156 12.40 32.15 -17.82
C ASN C 156 13.81 32.72 -18.07
N ASP C 157 14.66 32.61 -17.06
CA ASP C 157 16.04 33.05 -17.26
C ASP C 157 16.72 32.27 -18.39
N ILE C 158 16.38 30.99 -18.57
CA ILE C 158 17.02 30.21 -19.63
C ILE C 158 16.73 30.82 -21.00
N VAL C 159 15.46 31.10 -21.31
CA VAL C 159 15.13 31.70 -22.61
C VAL C 159 15.88 33.02 -22.78
N LEU C 160 15.95 33.83 -21.72
CA LEU C 160 16.59 35.13 -21.88
C LEU C 160 18.11 34.97 -22.09
N ALA C 161 18.76 34.07 -21.37
CA ALA C 161 20.20 33.87 -21.55
C ALA C 161 20.52 33.26 -22.90
N ILE C 162 19.74 32.26 -23.34
CA ILE C 162 19.96 31.69 -24.66
C ILE C 162 19.84 32.78 -25.70
N HIS C 163 18.88 33.68 -25.47
CA HIS C 163 18.63 34.73 -26.43
C HIS C 163 19.82 35.69 -26.51
N ARG C 164 20.42 36.01 -25.38
CA ARG C 164 21.62 36.84 -25.43
C ARG C 164 22.74 36.11 -26.16
N LEU C 165 22.90 34.80 -25.89
CA LEU C 165 23.96 34.03 -26.54
C LEU C 165 23.77 33.99 -28.04
N VAL C 166 22.55 33.76 -28.48
CA VAL C 166 22.34 33.61 -29.91
C VAL C 166 22.31 34.95 -30.62
N SER C 167 22.14 36.07 -29.91
CA SER C 167 22.19 37.41 -30.49
C SER C 167 23.58 38.03 -30.52
N SER C 168 24.62 37.34 -30.06
CA SER C 168 25.98 37.86 -30.08
C SER C 168 26.68 37.46 -31.38
N THR C 169 27.60 38.30 -31.81
CA THR C 169 28.24 38.05 -33.09
C THR C 169 29.61 37.38 -32.93
N GLN C 178 24.71 32.09 -38.00
CA GLN C 178 25.72 31.03 -37.90
C GLN C 178 26.04 30.67 -36.42
N THR C 179 25.58 31.47 -35.48
CA THR C 179 25.69 31.06 -34.08
C THR C 179 24.54 30.12 -33.77
N ARG C 180 24.89 28.93 -33.27
CA ARG C 180 23.93 27.95 -32.82
C ARG C 180 24.18 27.67 -31.35
N VAL C 181 23.09 27.55 -30.59
CA VAL C 181 23.10 27.15 -29.19
C VAL C 181 22.48 25.76 -29.10
N LEU C 182 23.15 24.84 -28.41
CA LEU C 182 22.59 23.55 -28.04
C LEU C 182 22.07 23.64 -26.61
N TYR C 183 20.77 23.39 -26.43
CA TYR C 183 20.13 23.41 -25.10
C TYR C 183 19.85 21.98 -24.64
N VAL C 184 20.42 21.62 -23.49
CA VAL C 184 20.39 20.26 -22.94
C VAL C 184 19.68 20.34 -21.60
N ASP C 185 18.56 19.62 -21.48
CA ASP C 185 17.68 19.71 -20.31
C ASP C 185 17.68 18.34 -19.61
N LEU C 186 18.48 18.20 -18.55
CA LEU C 186 18.58 16.92 -17.85
C LEU C 186 17.55 16.77 -16.74
N ASP C 187 16.82 17.85 -16.42
CA ASP C 187 15.81 17.85 -15.37
C ASP C 187 14.81 16.70 -15.53
N LEU C 188 14.26 16.23 -14.40
CA LEU C 188 13.21 15.21 -14.41
C LEU C 188 12.01 15.57 -15.29
N HIS C 189 11.76 16.87 -15.47
CA HIS C 189 10.57 17.33 -16.19
C HIS C 189 10.92 17.88 -17.56
N HIS C 190 9.95 17.82 -18.48
CA HIS C 190 10.10 18.35 -19.82
C HIS C 190 10.34 19.87 -19.82
N GLY C 191 11.45 20.31 -20.40
CA GLY C 191 11.62 21.76 -20.53
C GLY C 191 10.67 22.43 -21.52
N ASP C 192 9.35 22.36 -21.31
CA ASP C 192 8.37 22.96 -22.22
C ASP C 192 8.62 24.45 -22.48
N GLY C 193 8.97 25.22 -21.43
CA GLY C 193 9.19 26.66 -21.60
C GLY C 193 10.33 26.99 -22.56
N VAL C 194 11.45 26.30 -22.45
CA VAL C 194 12.53 26.59 -23.39
C VAL C 194 12.14 26.07 -24.77
N GLU C 195 11.47 24.92 -24.84
CA GLU C 195 11.15 24.29 -26.12
C GLU C 195 10.15 25.12 -26.90
N GLU C 196 9.17 25.70 -26.20
CA GLU C 196 8.12 26.48 -26.83
C GLU C 196 8.62 27.85 -27.31
N ALA C 197 9.56 28.45 -26.59
CA ALA C 197 10.10 29.75 -26.98
C ALA C 197 10.88 29.68 -28.29
N PHE C 198 11.68 28.62 -28.49
CA PHE C 198 12.51 28.43 -29.68
C PHE C 198 11.93 27.44 -30.69
N TRP C 199 10.63 27.14 -30.58
CA TRP C 199 9.99 26.14 -31.43
C TRP C 199 10.11 26.49 -32.91
N TYR C 200 10.10 27.77 -33.28
CA TYR C 200 10.19 28.18 -34.68
C TYR C 200 11.60 28.60 -35.07
N SER C 201 12.62 28.24 -34.29
CA SER C 201 13.97 28.79 -34.49
C SER C 201 14.97 27.66 -34.71
N PRO C 202 15.64 27.65 -35.86
CA PRO C 202 16.68 26.63 -36.10
C PRO C 202 17.98 26.84 -35.32
N ARG C 203 18.35 28.07 -34.93
CA ARG C 203 19.66 28.27 -34.32
C ARG C 203 19.70 27.96 -32.82
N VAL C 204 18.59 27.56 -32.21
CA VAL C 204 18.54 27.10 -30.83
C VAL C 204 17.92 25.71 -30.86
N VAL C 205 18.73 24.70 -30.65
CA VAL C 205 18.28 23.31 -30.67
C VAL C 205 18.04 22.88 -29.23
N THR C 206 16.81 22.47 -28.94
CA THR C 206 16.45 22.05 -27.60
C THR C 206 16.51 20.53 -27.56
N PHE C 207 17.04 19.99 -26.48
CA PHE C 207 16.97 18.56 -26.26
C PHE C 207 16.63 18.34 -24.81
N SER C 208 15.57 17.57 -24.56
CA SER C 208 15.11 17.31 -23.20
C SER C 208 15.01 15.82 -22.98
N VAL C 209 15.64 15.32 -21.90
CA VAL C 209 15.42 13.96 -21.40
C VAL C 209 14.65 14.12 -20.11
N HIS C 210 13.65 13.27 -19.90
CA HIS C 210 12.73 13.51 -18.80
C HIS C 210 11.85 12.29 -18.65
N HIS C 211 11.15 12.25 -17.53
CA HIS C 211 10.00 11.38 -17.41
C HIS C 211 8.75 11.99 -18.04
N ALA C 212 8.01 11.16 -18.78
CA ALA C 212 6.65 11.48 -19.22
C ALA C 212 5.79 10.24 -19.03
N SER C 213 4.58 10.47 -18.53
CA SER C 213 3.57 9.45 -18.34
C SER C 213 2.26 10.18 -18.13
N PRO C 214 1.12 9.49 -18.23
CA PRO C 214 -0.16 10.23 -18.22
C PRO C 214 -0.42 10.90 -16.86
N GLY C 215 -0.79 12.19 -16.91
CA GLY C 215 -1.02 12.98 -15.73
C GLY C 215 0.22 13.54 -15.05
N PHE C 216 1.41 13.29 -15.59
CA PHE C 216 2.64 13.79 -15.02
C PHE C 216 2.96 15.15 -15.63
N PHE C 217 3.22 16.14 -14.77
CA PHE C 217 3.64 17.48 -15.19
C PHE C 217 4.90 17.48 -16.08
N PRO C 218 4.91 18.28 -17.16
CA PRO C 218 3.73 19.08 -17.56
C PRO C 218 2.89 18.42 -18.68
N GLY C 219 3.29 17.25 -19.16
CA GLY C 219 2.49 16.52 -20.12
C GLY C 219 3.01 16.54 -21.54
N THR C 220 4.01 17.36 -21.84
CA THR C 220 4.55 17.42 -23.19
C THR C 220 5.91 16.69 -23.23
N GLY C 221 6.55 16.74 -24.40
CA GLY C 221 7.81 16.04 -24.62
C GLY C 221 7.62 14.54 -24.80
N THR C 222 6.48 14.13 -25.38
CA THR C 222 6.16 12.73 -25.61
C THR C 222 5.20 12.64 -26.80
N TRP C 223 4.77 11.41 -27.09
CA TRP C 223 3.92 11.14 -28.25
C TRP C 223 2.66 11.99 -28.24
N ASN C 224 2.15 12.26 -29.45
CA ASN C 224 0.96 13.06 -29.66
C ASN C 224 0.00 12.43 -30.68
N LYS C 230 -4.67 6.61 -37.20
CA LYS C 230 -3.23 6.74 -37.43
C LYS C 230 -2.38 6.68 -36.15
N LEU C 231 -1.11 6.31 -36.34
CA LEU C 231 -0.19 6.14 -35.22
C LEU C 231 0.22 7.50 -34.63
N PRO C 232 0.48 7.57 -33.32
CA PRO C 232 0.87 8.84 -32.70
C PRO C 232 2.28 9.22 -33.11
N ILE C 233 2.57 10.52 -32.97
CA ILE C 233 3.81 11.08 -33.49
C ILE C 233 4.46 11.98 -32.46
N PHE C 234 5.76 12.21 -32.67
CA PHE C 234 6.51 13.25 -31.98
C PHE C 234 6.49 14.53 -32.80
N LEU C 235 6.00 15.61 -32.20
CA LEU C 235 6.21 16.93 -32.76
C LEU C 235 7.60 17.42 -32.36
N ASN C 236 8.19 18.25 -33.18
CA ASN C 236 9.62 18.50 -33.02
C ASN C 236 10.06 19.86 -33.60
N GLY C 237 9.19 20.85 -33.54
CA GLY C 237 9.47 22.11 -34.19
C GLY C 237 8.54 22.35 -35.36
N ALA C 238 8.37 23.61 -35.70
CA ALA C 238 7.54 23.96 -36.84
C ALA C 238 8.23 25.04 -37.64
N GLY C 239 7.75 25.23 -38.87
CA GLY C 239 8.27 26.26 -39.74
C GLY C 239 9.76 26.11 -39.97
N ARG C 240 10.49 27.23 -39.85
CA ARG C 240 11.94 27.13 -39.96
C ARG C 240 12.54 26.30 -38.82
N GLY C 241 11.81 26.10 -37.72
CA GLY C 241 12.26 25.27 -36.63
C GLY C 241 11.96 23.78 -36.71
N ARG C 242 11.36 23.29 -37.79
CA ARG C 242 11.12 21.86 -37.91
C ARG C 242 12.39 21.07 -37.58
N PHE C 243 12.22 20.00 -36.84
CA PHE C 243 13.25 19.04 -36.47
C PHE C 243 14.26 19.59 -35.46
N SER C 244 14.00 20.77 -34.86
CA SER C 244 14.99 21.36 -33.94
C SER C 244 14.61 21.23 -32.46
N ALA C 245 13.49 20.57 -32.13
CA ALA C 245 13.08 20.30 -30.75
C ALA C 245 13.14 18.78 -30.52
N PHE C 246 14.09 18.31 -29.71
CA PHE C 246 14.30 16.87 -29.50
C PHE C 246 13.82 16.45 -28.12
N ASN C 247 13.18 15.28 -28.03
CA ASN C 247 12.68 14.82 -26.74
C ASN C 247 12.99 13.35 -26.57
N LEU C 248 13.44 12.99 -25.35
CA LEU C 248 13.66 11.59 -24.97
C LEU C 248 12.86 11.32 -23.70
N PRO C 249 11.63 10.83 -23.83
CA PRO C 249 10.85 10.51 -22.62
C PRO C 249 11.14 9.08 -22.19
N LEU C 250 11.42 8.90 -20.89
CA LEU C 250 11.78 7.61 -20.31
C LEU C 250 10.80 7.24 -19.19
N GLU C 251 10.56 5.95 -19.08
CA GLU C 251 9.73 5.39 -18.02
C GLU C 251 10.45 5.48 -16.68
N GLU C 252 9.68 5.48 -15.61
CA GLU C 252 10.29 5.57 -14.29
C GLU C 252 11.20 4.38 -14.02
N GLY C 253 12.08 4.54 -13.05
CA GLY C 253 12.92 3.48 -12.56
C GLY C 253 14.35 3.51 -13.06
N ILE C 254 14.67 4.39 -14.04
CA ILE C 254 15.96 4.29 -14.72
C ILE C 254 17.12 4.61 -13.76
N ASN C 255 18.24 3.91 -13.95
CA ASN C 255 19.41 4.09 -13.09
C ASN C 255 20.44 4.90 -13.84
N ASP C 256 21.60 5.09 -13.22
CA ASP C 256 22.63 5.95 -13.80
C ASP C 256 23.11 5.42 -15.14
N LEU C 257 23.34 4.11 -15.24
CA LEU C 257 23.96 3.56 -16.44
C LEU C 257 23.02 3.62 -17.63
N ASP C 258 21.79 3.18 -17.45
CA ASP C 258 20.86 3.21 -18.56
C ASP C 258 20.56 4.65 -18.99
N TRP C 259 20.52 5.56 -18.01
CA TRP C 259 20.34 6.98 -18.33
C TRP C 259 21.54 7.49 -19.13
N SER C 260 22.74 7.15 -18.68
CA SER C 260 23.97 7.55 -19.36
C SER C 260 24.06 6.95 -20.75
N ASN C 261 23.79 5.64 -20.86
CA ASN C 261 23.74 5.01 -22.18
C ASN C 261 22.65 5.63 -23.04
N ALA C 262 21.58 6.13 -22.41
CA ALA C 262 20.45 6.64 -23.17
C ALA C 262 20.79 7.95 -23.87
N ILE C 263 21.38 8.91 -23.16
CA ILE C 263 21.59 10.23 -23.73
C ILE C 263 23.02 10.48 -24.21
N GLY C 264 23.99 9.65 -23.79
CA GLY C 264 25.36 9.84 -24.18
C GLY C 264 25.60 9.95 -25.68
N PRO C 265 25.20 8.91 -26.42
CA PRO C 265 25.33 8.97 -27.88
C PRO C 265 24.49 10.07 -28.52
N ILE C 266 23.31 10.38 -27.98
CA ILE C 266 22.50 11.46 -28.55
C ILE C 266 23.23 12.79 -28.39
N LEU C 267 23.93 12.97 -27.25
CA LEU C 267 24.64 14.22 -26.99
C LEU C 267 25.83 14.41 -27.92
N ASP C 268 26.64 13.35 -28.12
CA ASP C 268 27.74 13.44 -29.08
C ASP C 268 27.24 13.65 -30.51
N SER C 269 26.15 12.97 -30.88
CA SER C 269 25.61 13.11 -32.24
C SER C 269 25.07 14.51 -32.48
N LEU C 270 24.46 15.12 -31.45
CA LEU C 270 24.01 16.49 -31.57
C LEU C 270 25.18 17.46 -31.71
N ASN C 271 26.24 17.27 -30.90
CA ASN C 271 27.41 18.16 -31.00
C ASN C 271 28.11 17.99 -32.35
N ILE C 272 28.18 16.76 -32.88
CA ILE C 272 28.86 16.52 -34.15
C ILE C 272 28.16 17.25 -35.30
N VAL C 273 26.82 17.21 -35.31
CA VAL C 273 26.06 17.70 -36.44
C VAL C 273 25.74 19.19 -36.31
N ILE C 274 25.18 19.61 -35.18
CA ILE C 274 24.81 21.01 -34.98
C ILE C 274 26.03 21.90 -34.88
N GLN C 275 27.09 21.40 -34.25
CA GLN C 275 28.29 22.19 -33.99
C GLN C 275 28.00 23.49 -33.27
N PRO C 276 27.40 23.45 -32.08
CA PRO C 276 26.94 24.68 -31.42
C PRO C 276 28.09 25.59 -30.95
N SER C 277 27.81 26.89 -30.92
CA SER C 277 28.82 27.84 -30.45
C SER C 277 28.78 28.00 -28.95
N TYR C 278 27.64 27.65 -28.35
CA TYR C 278 27.48 27.56 -26.92
C TYR C 278 26.61 26.35 -26.61
N VAL C 279 26.79 25.82 -25.41
CA VAL C 279 25.89 24.81 -24.83
C VAL C 279 25.29 25.41 -23.57
N VAL C 280 23.98 25.28 -23.42
CA VAL C 280 23.30 25.66 -22.19
C VAL C 280 22.69 24.41 -21.61
N VAL C 281 23.02 24.11 -20.36
CA VAL C 281 22.62 22.87 -19.67
C VAL C 281 21.82 23.23 -18.43
N GLN C 282 20.57 22.78 -18.40
CA GLN C 282 19.75 22.84 -17.18
C GLN C 282 19.94 21.50 -16.51
N CYS C 283 20.27 21.53 -15.22
CA CYS C 283 20.83 20.39 -14.51
C CYS C 283 20.04 20.15 -13.22
N GLY C 284 18.72 20.29 -13.33
CA GLY C 284 17.85 20.05 -12.20
C GLY C 284 18.01 18.67 -11.62
N ALA C 285 17.90 18.57 -10.31
CA ALA C 285 18.35 17.42 -9.58
C ALA C 285 17.21 16.52 -9.14
N ASP C 286 16.01 16.66 -9.73
CA ASP C 286 14.93 15.79 -9.27
C ASP C 286 14.99 14.38 -9.90
N CYS C 287 16.03 14.06 -10.64
CA CYS C 287 16.21 12.67 -11.08
C CYS C 287 16.92 11.82 -10.04
N LEU C 288 17.37 12.40 -8.94
CA LEU C 288 18.04 11.64 -7.91
C LEU C 288 17.11 10.62 -7.29
N ALA C 289 17.67 9.42 -7.03
CA ALA C 289 16.93 8.37 -6.36
C ALA C 289 16.24 8.88 -5.09
N THR C 290 16.80 9.90 -4.45
CA THR C 290 16.33 10.35 -3.14
C THR C 290 15.47 11.60 -3.23
N ASP C 291 15.18 12.08 -4.44
CA ASP C 291 14.21 13.14 -4.61
C ASP C 291 12.84 12.66 -4.14
N PRO C 292 12.01 13.53 -3.55
CA PRO C 292 10.66 13.10 -3.15
C PRO C 292 9.76 12.73 -4.32
N HIS C 293 10.11 13.09 -5.56
CA HIS C 293 9.35 12.55 -6.68
C HIS C 293 9.49 11.02 -6.79
N ARG C 294 10.67 10.48 -6.47
CA ARG C 294 10.90 9.04 -6.48
C ARG C 294 10.53 8.47 -7.84
N ILE C 295 11.07 9.07 -8.88
CA ILE C 295 10.80 8.54 -10.20
C ILE C 295 12.05 7.90 -10.78
N PHE C 296 13.08 8.71 -11.03
CA PHE C 296 14.32 8.12 -11.51
C PHE C 296 15.18 7.69 -10.33
N ARG C 297 16.22 6.92 -10.63
CA ARG C 297 17.09 6.45 -9.56
C ARG C 297 18.54 6.87 -9.84
N LEU C 298 18.75 8.15 -10.11
CA LEU C 298 20.12 8.59 -10.32
C LEU C 298 20.79 8.91 -8.97
N THR C 299 22.12 9.02 -8.99
CA THR C 299 22.93 9.22 -7.82
C THR C 299 23.93 10.34 -8.08
N ASN C 300 24.71 10.72 -7.06
CA ASN C 300 25.82 11.65 -7.25
C ASN C 300 27.17 10.93 -7.13
N PHE C 301 27.19 9.63 -7.40
CA PHE C 301 28.38 8.83 -7.11
C PHE C 301 29.50 9.08 -8.11
N TYR C 302 30.73 8.98 -7.61
CA TYR C 302 31.92 9.30 -8.38
C TYR C 302 33.03 8.36 -7.93
N PRO C 303 33.32 7.30 -8.69
CA PRO C 303 34.35 6.30 -8.34
C PRO C 303 35.74 6.89 -8.30
N LEU C 317 28.96 5.24 -11.49
CA LEU C 317 29.07 6.63 -11.91
C LEU C 317 27.71 7.32 -12.12
N SER C 318 27.61 8.54 -11.59
CA SER C 318 26.44 9.39 -11.73
C SER C 318 26.16 9.74 -13.19
N GLY C 319 24.95 9.40 -13.65
CA GLY C 319 24.55 9.82 -14.98
C GLY C 319 24.68 11.32 -15.17
N TYR C 320 24.47 12.08 -14.10
CA TYR C 320 24.71 13.52 -14.15
C TYR C 320 26.15 13.84 -14.51
N LEU C 321 27.08 13.39 -13.67
CA LEU C 321 28.48 13.69 -13.88
C LEU C 321 28.96 13.14 -15.22
N TYR C 322 28.46 11.97 -15.61
CA TYR C 322 28.83 11.41 -16.90
C TYR C 322 28.42 12.34 -18.05
N ALA C 323 27.18 12.83 -18.04
CA ALA C 323 26.75 13.76 -19.08
C ALA C 323 27.48 15.11 -18.99
N ILE C 324 27.65 15.67 -17.78
CA ILE C 324 28.38 16.94 -17.68
C ILE C 324 29.82 16.79 -18.17
N LYS C 325 30.46 15.66 -17.86
CA LYS C 325 31.83 15.46 -18.33
C LYS C 325 31.88 15.28 -19.85
N LYS C 326 30.90 14.58 -20.43
CA LYS C 326 30.80 14.47 -21.90
C LYS C 326 30.61 15.84 -22.58
N ILE C 327 29.71 16.67 -22.06
CA ILE C 327 29.47 17.99 -22.64
C ILE C 327 30.72 18.86 -22.51
N LEU C 328 31.39 18.81 -21.37
CA LEU C 328 32.56 19.69 -21.23
C LEU C 328 33.73 19.20 -22.07
N SER C 329 33.68 17.96 -22.54
CA SER C 329 34.77 17.42 -23.33
C SER C 329 34.77 17.96 -24.76
N TRP C 330 33.70 18.64 -25.16
CA TRP C 330 33.61 19.23 -26.48
C TRP C 330 34.37 20.54 -26.59
N LYS C 331 34.74 21.13 -25.45
CA LYS C 331 35.45 22.40 -25.37
C LYS C 331 34.63 23.53 -25.98
N VAL C 332 33.32 23.46 -25.81
CA VAL C 332 32.42 24.51 -26.25
C VAL C 332 32.02 25.35 -25.04
N PRO C 333 32.05 26.67 -25.14
CA PRO C 333 31.59 27.51 -24.03
C PRO C 333 30.19 27.10 -23.55
N THR C 334 30.01 27.07 -22.24
CA THR C 334 28.90 26.36 -21.65
C THR C 334 28.35 27.13 -20.46
N LEU C 335 27.05 27.22 -20.41
CA LEU C 335 26.34 27.68 -19.24
C LEU C 335 25.75 26.44 -18.55
N ILE C 336 25.94 26.34 -17.23
CA ILE C 336 25.36 25.25 -16.43
C ILE C 336 24.39 25.82 -15.37
N LEU C 337 23.14 25.38 -15.45
CA LEU C 337 22.05 25.97 -14.69
C LEU C 337 21.47 24.91 -13.75
N GLY C 338 20.90 25.39 -12.63
CA GLY C 338 20.20 24.57 -11.68
C GLY C 338 18.86 24.09 -12.18
N GLY C 339 17.86 24.09 -11.32
CA GLY C 339 16.53 23.66 -11.72
C GLY C 339 15.79 23.06 -10.54
N GLY C 340 15.11 21.95 -10.81
CA GLY C 340 14.41 21.20 -9.80
C GLY C 340 15.36 20.48 -8.85
N GLY C 341 14.78 19.91 -7.82
CA GLY C 341 15.55 19.28 -6.78
C GLY C 341 14.96 19.69 -5.46
N TYR C 342 14.25 18.75 -4.83
CA TYR C 342 13.37 19.03 -3.71
C TYR C 342 13.78 18.28 -2.46
N ASN C 343 14.94 17.63 -2.49
CA ASN C 343 15.69 17.18 -1.33
C ASN C 343 16.87 18.16 -1.28
N PHE C 344 16.83 19.16 -0.39
CA PHE C 344 17.82 20.21 -0.58
C PHE C 344 19.25 19.72 -0.26
N PRO C 345 19.49 18.94 0.82
CA PRO C 345 20.85 18.43 1.05
C PRO C 345 21.39 17.57 -0.08
N ASP C 346 20.54 16.74 -0.67
CA ASP C 346 20.99 15.89 -1.73
C ASP C 346 21.24 16.68 -3.00
N THR C 347 20.42 17.72 -3.27
CA THR C 347 20.70 18.63 -4.39
C THR C 347 22.03 19.37 -4.21
N ALA C 348 22.32 19.80 -2.99
CA ALA C 348 23.63 20.36 -2.73
C ALA C 348 24.75 19.35 -2.98
N ARG C 349 24.54 18.09 -2.53
CA ARG C 349 25.56 17.04 -2.72
C ARG C 349 25.89 16.85 -4.20
N LEU C 350 24.88 16.92 -5.05
CA LEU C 350 25.08 16.68 -6.48
C LEU C 350 25.74 17.87 -7.17
N TRP C 351 25.20 19.07 -6.94
CA TRP C 351 25.74 20.26 -7.60
C TRP C 351 27.12 20.62 -7.07
N THR C 352 27.44 20.20 -5.86
CA THR C 352 28.79 20.44 -5.38
C THR C 352 29.77 19.59 -6.17
N ARG C 353 29.41 18.33 -6.41
CA ARG C 353 30.22 17.42 -7.22
C ARG C 353 30.33 17.88 -8.66
N VAL C 354 29.19 18.28 -9.23
CA VAL C 354 29.19 18.87 -10.56
C VAL C 354 30.14 20.07 -10.62
N THR C 355 30.13 20.92 -9.61
CA THR C 355 31.02 22.08 -9.61
C THR C 355 32.48 21.62 -9.62
N ALA C 356 32.82 20.66 -8.77
CA ALA C 356 34.19 20.19 -8.71
C ALA C 356 34.60 19.51 -10.01
N LEU C 357 33.71 18.70 -10.59
CA LEU C 357 33.96 18.10 -11.90
C LEU C 357 34.27 19.17 -12.96
N THR C 358 33.44 20.19 -13.05
CA THR C 358 33.66 21.28 -14.01
C THR C 358 35.02 21.96 -13.83
N ILE C 359 35.45 22.19 -12.59
CA ILE C 359 36.79 22.73 -12.33
C ILE C 359 37.84 21.78 -12.83
N GLU C 360 37.65 20.49 -12.58
CA GLU C 360 38.60 19.48 -13.03
C GLU C 360 38.64 19.41 -14.54
N GLU C 361 37.49 19.44 -15.20
CA GLU C 361 37.49 19.29 -16.66
C GLU C 361 38.06 20.52 -17.36
N VAL C 362 37.79 21.71 -16.84
CA VAL C 362 38.16 22.93 -17.56
C VAL C 362 39.58 23.38 -17.23
N LYS C 363 39.94 23.41 -15.95
CA LYS C 363 41.27 23.83 -15.55
C LYS C 363 42.31 22.70 -15.60
N GLY C 364 41.88 21.46 -15.87
CA GLY C 364 42.76 20.31 -15.83
C GLY C 364 43.48 20.13 -14.51
N LYS C 365 42.74 20.17 -13.41
CA LYS C 365 43.31 20.36 -12.09
C LYS C 365 42.54 19.49 -11.11
N LYS C 366 43.24 18.54 -10.48
CA LYS C 366 42.59 17.55 -9.64
C LYS C 366 41.88 18.20 -8.47
N MET C 367 40.61 17.87 -8.31
CA MET C 367 39.78 18.34 -7.21
C MET C 367 39.34 17.10 -6.46
N THR C 368 39.91 16.89 -5.28
CA THR C 368 39.58 15.72 -4.49
C THR C 368 38.68 16.14 -3.36
N ILE C 369 37.57 15.44 -3.23
CA ILE C 369 36.50 15.87 -2.35
C ILE C 369 36.38 14.82 -1.27
N SER C 370 36.48 15.23 -0.01
CA SER C 370 36.41 14.27 1.07
C SER C 370 35.02 13.64 1.14
N PRO C 371 34.93 12.33 1.40
CA PRO C 371 33.61 11.70 1.58
C PRO C 371 32.79 12.26 2.73
N GLU C 372 33.43 12.74 3.79
CA GLU C 372 32.75 13.35 4.91
C GLU C 372 32.48 14.82 4.62
N ILE C 373 31.24 15.26 4.89
CA ILE C 373 30.85 16.66 4.72
C ILE C 373 31.66 17.54 5.67
N PRO C 374 32.29 18.61 5.20
CA PRO C 374 33.11 19.46 6.08
C PRO C 374 32.27 20.26 7.09
N GLU C 375 32.97 20.71 8.15
CA GLU C 375 32.40 21.68 9.07
C GLU C 375 31.98 22.96 8.35
N HIS C 376 30.70 23.29 8.49
CA HIS C 376 30.15 24.55 8.06
C HIS C 376 28.77 24.67 8.69
N SER C 377 28.18 25.85 8.56
CA SER C 377 27.00 26.18 9.36
C SER C 377 25.78 25.33 9.01
N TYR C 378 25.78 24.58 7.89
CA TYR C 378 24.67 23.68 7.58
C TYR C 378 25.04 22.20 7.67
N PHE C 379 26.19 21.86 8.28
CA PHE C 379 26.60 20.47 8.48
C PHE C 379 25.44 19.59 8.96
N SER C 380 24.70 20.07 9.99
CA SER C 380 23.57 19.33 10.57
C SER C 380 22.46 18.94 9.56
N ARG C 381 22.34 19.62 8.42
CA ARG C 381 21.39 19.23 7.38
C ARG C 381 21.81 17.95 6.62
N TYR C 382 23.05 17.51 6.75
CA TYR C 382 23.55 16.37 5.99
C TYR C 382 23.47 15.08 6.78
N GLY C 383 22.58 15.01 7.75
CA GLY C 383 22.47 13.82 8.58
C GLY C 383 21.68 12.73 7.88
N PRO C 384 21.61 11.54 8.50
CA PRO C 384 22.29 11.13 9.72
C PRO C 384 23.73 10.65 9.46
N ASP C 385 24.09 10.56 8.18
CA ASP C 385 25.37 10.03 7.73
C ASP C 385 26.46 11.08 7.66
N PHE C 386 26.12 12.32 7.28
CA PHE C 386 27.09 13.41 7.11
C PHE C 386 28.16 13.08 6.08
N GLU C 387 27.80 12.32 5.06
CA GLU C 387 28.71 12.02 3.98
C GLU C 387 28.20 12.60 2.68
N LEU C 388 29.10 12.65 1.69
CA LEU C 388 28.85 13.31 0.40
C LEU C 388 28.01 12.45 -0.58
N ASP C 389 28.27 11.16 -0.69
CA ASP C 389 27.36 10.33 -1.47
C ASP C 389 25.98 10.33 -0.83
N ILE C 390 24.94 10.45 -1.67
CA ILE C 390 23.56 10.40 -1.19
C ILE C 390 23.30 9.04 -0.55
N ASP C 391 22.34 9.01 0.38
CA ASP C 391 22.08 7.80 1.15
C ASP C 391 21.18 6.89 0.33
N TYR C 392 21.80 6.12 -0.56
CA TYR C 392 21.00 5.34 -1.49
C TYR C 392 21.77 4.09 -1.89
N PHE C 393 21.01 3.03 -2.14
CA PHE C 393 21.55 1.70 -2.39
C PHE C 393 20.99 1.21 -3.73
N PRO C 394 21.75 1.37 -4.83
CA PRO C 394 21.26 0.92 -6.14
C PRO C 394 21.22 -0.60 -6.24
N HIS C 395 20.15 -1.12 -6.82
CA HIS C 395 19.89 -2.55 -6.73
C HIS C 395 19.49 -3.15 -8.06
N THR C 401 15.31 -8.36 -21.75
CA THR C 401 15.71 -7.57 -22.91
C THR C 401 14.83 -6.33 -23.14
N LEU C 402 13.79 -6.17 -22.31
CA LEU C 402 12.59 -5.46 -22.71
C LEU C 402 12.74 -3.93 -22.73
N ASP C 403 13.15 -3.30 -21.60
CA ASP C 403 13.07 -1.84 -21.36
C ASP C 403 14.02 -0.94 -22.19
N SER C 404 14.62 -1.43 -23.26
CA SER C 404 15.49 -0.62 -24.05
C SER C 404 14.70 0.47 -24.78
N ILE C 405 15.44 1.43 -25.35
CA ILE C 405 14.83 2.58 -26.05
C ILE C 405 15.56 2.76 -27.38
N GLN C 406 15.82 1.66 -28.07
CA GLN C 406 16.59 1.73 -29.31
C GLN C 406 15.77 2.29 -30.46
N LYS C 407 14.45 2.14 -30.45
CA LYS C 407 13.68 2.86 -31.46
C LYS C 407 13.72 4.39 -31.24
N HIS C 408 13.98 4.85 -30.01
CA HIS C 408 14.10 6.28 -29.79
C HIS C 408 15.39 6.82 -30.37
N HIS C 409 16.50 6.09 -30.17
CA HIS C 409 17.76 6.45 -30.82
C HIS C 409 17.55 6.59 -32.32
N ARG C 410 16.75 5.71 -32.89
CA ARG C 410 16.64 5.63 -34.33
C ARG C 410 15.80 6.78 -34.86
N ARG C 411 14.74 7.11 -34.12
CA ARG C 411 13.89 8.26 -34.43
C ARG C 411 14.64 9.57 -34.25
N ILE C 412 15.30 9.72 -33.10
CA ILE C 412 16.04 10.93 -32.79
C ILE C 412 17.12 11.17 -33.85
N LEU C 413 17.84 10.11 -34.22
CA LEU C 413 18.89 10.26 -35.23
C LEU C 413 18.31 10.55 -36.61
N GLU C 414 17.12 10.02 -36.93
CA GLU C 414 16.43 10.43 -38.16
C GLU C 414 15.94 11.88 -38.05
N GLN C 415 15.50 12.30 -36.87
CA GLN C 415 15.20 13.71 -36.73
C GLN C 415 16.42 14.57 -37.00
N LEU C 416 17.58 14.16 -36.49
CA LEU C 416 18.80 14.95 -36.64
C LEU C 416 19.27 15.01 -38.09
N ARG C 417 19.02 13.95 -38.88
CA ARG C 417 19.35 13.96 -40.29
C ARG C 417 18.43 14.91 -41.07
N ASN C 418 17.12 14.86 -40.81
CA ASN C 418 16.20 15.89 -41.32
C ASN C 418 16.63 17.30 -40.94
N TYR C 419 16.91 17.51 -39.65
CA TYR C 419 17.36 18.84 -39.24
C TYR C 419 18.54 19.31 -40.09
N ALA C 420 19.48 18.41 -40.37
CA ALA C 420 20.65 18.79 -41.17
C ALA C 420 20.26 19.08 -42.62
N ASP C 421 19.33 18.31 -43.19
CA ASP C 421 18.85 18.57 -44.56
C ASP C 421 18.14 19.92 -44.65
N LEU C 422 17.13 20.13 -43.81
CA LEU C 422 16.42 21.40 -43.84
C LEU C 422 17.36 22.60 -43.67
N ASN C 423 18.48 22.44 -42.96
CA ASN C 423 19.30 23.57 -42.61
C ASN C 423 20.61 23.62 -43.39
N LYS C 424 20.78 22.73 -44.36
CA LYS C 424 21.97 22.66 -45.20
C LYS C 424 23.26 22.60 -44.38
N LEU C 425 23.27 21.72 -43.38
CA LEU C 425 24.48 21.45 -42.60
C LEU C 425 25.10 20.13 -43.04
N ILE C 426 26.40 20.00 -42.88
CA ILE C 426 27.00 18.70 -43.14
C ILE C 426 26.49 17.72 -42.10
N TYR C 427 25.99 16.59 -42.58
CA TYR C 427 25.60 15.46 -41.76
C TYR C 427 26.63 14.36 -42.00
N ASP C 428 27.56 14.20 -41.05
CA ASP C 428 28.72 13.32 -41.20
C ASP C 428 28.33 11.93 -40.71
N TYR C 429 27.75 11.16 -41.63
CA TYR C 429 27.34 9.79 -41.31
C TYR C 429 28.48 8.98 -40.70
N ASP C 430 29.69 9.10 -41.25
CA ASP C 430 30.80 8.31 -40.75
C ASP C 430 31.06 8.59 -39.29
N GLN C 431 31.15 9.87 -38.91
CA GLN C 431 31.46 10.15 -37.52
C GLN C 431 30.34 9.68 -36.60
N VAL C 432 29.08 9.91 -36.98
CA VAL C 432 27.97 9.46 -36.13
C VAL C 432 27.91 7.94 -36.07
N TYR C 433 28.03 7.28 -37.22
CA TYR C 433 28.07 5.81 -37.23
C TYR C 433 29.15 5.29 -36.30
N GLN C 434 30.38 5.79 -36.45
CA GLN C 434 31.47 5.32 -35.61
C GLN C 434 31.16 5.51 -34.13
N LEU C 435 30.50 6.63 -33.79
CA LEU C 435 29.97 6.87 -32.46
C LEU C 435 29.06 5.74 -31.95
N TYR C 436 27.90 5.57 -32.61
CA TYR C 436 26.97 4.53 -32.21
C TYR C 436 27.58 3.12 -32.36
N ASN C 437 28.55 2.95 -33.25
CA ASN C 437 29.10 1.61 -33.38
C ASN C 437 30.01 1.23 -32.22
N LEU C 438 30.51 2.19 -31.45
CA LEU C 438 31.20 1.83 -30.23
C LEU C 438 30.32 0.93 -29.35
N THR C 439 29.01 1.18 -29.34
CA THR C 439 28.02 0.47 -28.55
C THR C 439 27.50 -0.82 -29.21
N GLY C 440 27.86 -1.07 -30.47
CA GLY C 440 27.25 -2.11 -31.25
C GLY C 440 26.02 -1.67 -32.01
N MET C 441 25.76 -0.36 -32.10
CA MET C 441 24.50 0.15 -32.59
C MET C 441 24.65 1.02 -33.84
N GLY C 442 25.70 0.80 -34.63
CA GLY C 442 25.84 1.51 -35.90
C GLY C 442 24.61 1.43 -36.78
N SER C 443 23.92 0.30 -36.77
CA SER C 443 22.77 0.13 -37.66
C SER C 443 21.63 1.11 -37.38
N LEU C 444 21.59 1.72 -36.21
CA LEU C 444 20.52 2.69 -35.98
C LEU C 444 20.76 4.01 -36.68
N VAL C 445 21.98 4.28 -37.16
CA VAL C 445 22.33 5.55 -37.80
C VAL C 445 21.94 5.60 -39.28
N PRO C 446 21.11 6.56 -39.69
CA PRO C 446 20.77 6.69 -41.12
C PRO C 446 21.85 7.41 -41.92
N ARG C 447 21.90 7.11 -43.23
CA ARG C 447 22.95 7.66 -44.10
C ARG C 447 22.72 9.11 -44.52
N SER D 3 -16.06 34.52 -7.20
CA SER D 3 -15.30 34.00 -8.32
C SER D 3 -15.98 32.78 -8.91
N VAL D 4 -16.14 32.78 -10.22
CA VAL D 4 -16.58 31.61 -10.95
C VAL D 4 -15.38 31.03 -11.71
N GLY D 5 -15.13 29.72 -11.50
CA GLY D 5 -14.03 29.04 -12.15
C GLY D 5 -14.43 28.28 -13.41
N ILE D 6 -13.49 28.12 -14.33
CA ILE D 6 -13.75 27.29 -15.48
C ILE D 6 -12.47 26.54 -15.88
N VAL D 7 -12.62 25.23 -16.07
CA VAL D 7 -11.48 24.34 -16.37
C VAL D 7 -11.15 24.42 -17.85
N TYR D 8 -9.90 24.76 -18.16
CA TYR D 8 -9.36 24.56 -19.50
C TYR D 8 -7.86 24.78 -19.47
N GLY D 9 -7.24 24.55 -20.62
CA GLY D 9 -5.83 24.66 -20.84
C GLY D 9 -5.57 24.06 -22.19
N ASP D 10 -4.40 24.30 -22.77
CA ASP D 10 -4.23 23.97 -24.18
C ASP D 10 -4.15 22.47 -24.38
N GLN D 11 -3.36 21.78 -23.56
CA GLN D 11 -3.30 20.33 -23.69
C GLN D 11 -4.62 19.69 -23.30
N TYR D 12 -5.32 20.29 -22.34
CA TYR D 12 -6.59 19.74 -21.88
C TYR D 12 -7.62 19.78 -23.01
N ARG D 13 -7.69 20.91 -23.74
CA ARG D 13 -8.60 21.00 -24.87
C ARG D 13 -8.27 19.99 -25.95
N GLN D 14 -6.99 19.74 -26.20
CA GLN D 14 -6.61 18.72 -27.17
C GLN D 14 -7.06 17.32 -26.73
N LEU D 15 -6.79 16.95 -25.48
CA LEU D 15 -7.25 15.65 -24.95
C LEU D 15 -8.77 15.52 -24.98
N CYS D 16 -9.52 16.54 -24.50
CA CYS D 16 -10.98 16.41 -24.56
C CYS D 16 -11.52 16.34 -25.98
N CYS D 17 -10.71 16.68 -27.00
CA CYS D 17 -11.15 16.62 -28.38
C CYS D 17 -10.60 15.43 -29.13
N SER D 18 -9.94 14.50 -28.45
CA SER D 18 -9.34 13.37 -29.14
C SER D 18 -10.24 12.13 -29.18
N SER D 19 -11.56 12.24 -28.77
CA SER D 19 -12.25 10.96 -28.73
C SER D 19 -13.10 10.76 -29.99
N PRO D 20 -13.32 9.51 -30.41
CA PRO D 20 -14.14 9.29 -31.61
C PRO D 20 -15.61 9.63 -31.43
N LYS D 21 -16.14 9.64 -30.19
CA LYS D 21 -17.57 9.86 -29.96
C LYS D 21 -17.93 11.31 -29.69
N PHE D 22 -17.07 12.09 -29.05
CA PHE D 22 -17.42 13.48 -28.81
C PHE D 22 -16.63 14.44 -29.67
N GLY D 23 -15.85 13.93 -30.62
CA GLY D 23 -15.08 14.72 -31.55
C GLY D 23 -14.62 16.02 -30.94
N ASP D 24 -15.00 17.14 -31.57
CA ASP D 24 -14.53 18.45 -31.21
C ASP D 24 -15.55 19.24 -30.36
N ARG D 25 -16.61 18.61 -29.91
CA ARG D 25 -17.58 19.28 -29.04
C ARG D 25 -16.94 20.21 -28.00
N TYR D 26 -15.85 19.80 -27.36
CA TYR D 26 -15.32 20.62 -26.28
C TYR D 26 -14.77 21.94 -26.81
N ALA D 27 -14.30 21.93 -28.06
CA ALA D 27 -13.68 23.10 -28.67
C ALA D 27 -14.74 24.08 -29.16
N LEU D 28 -15.86 23.57 -29.70
CA LEU D 28 -17.04 24.38 -30.00
C LEU D 28 -17.57 25.08 -28.75
N VAL D 29 -17.73 24.33 -27.66
CA VAL D 29 -18.23 24.85 -26.40
C VAL D 29 -17.34 26.00 -25.88
N MET D 30 -16.04 25.73 -25.71
CA MET D 30 -15.18 26.77 -25.13
C MET D 30 -14.92 27.93 -26.10
N ASP D 31 -14.95 27.66 -27.41
CA ASP D 31 -14.82 28.76 -28.39
C ASP D 31 -16.08 29.62 -28.49
N LEU D 32 -17.29 29.07 -28.26
CA LEU D 32 -18.48 29.93 -28.20
C LEU D 32 -18.55 30.74 -26.89
N ILE D 33 -18.20 30.12 -25.76
CA ILE D 33 -18.01 30.85 -24.51
C ILE D 33 -17.02 31.99 -24.70
N ASN D 34 -15.94 31.71 -25.42
CA ASN D 34 -14.95 32.75 -25.68
C ASN D 34 -15.41 33.74 -26.76
N ALA D 35 -16.17 33.27 -27.76
CA ALA D 35 -16.67 34.17 -28.79
C ALA D 35 -17.61 35.19 -28.19
N TYR D 36 -18.29 34.86 -27.10
CA TYR D 36 -19.18 35.76 -26.38
C TYR D 36 -18.48 36.54 -25.26
N LYS D 37 -17.13 36.55 -25.24
CA LYS D 37 -16.33 37.40 -24.33
C LYS D 37 -16.60 37.11 -22.86
N LEU D 38 -17.02 35.87 -22.55
CA LEU D 38 -17.20 35.42 -21.18
C LEU D 38 -15.90 35.07 -20.47
N ILE D 39 -14.81 34.74 -21.18
CA ILE D 39 -13.60 34.25 -20.51
C ILE D 39 -12.99 35.25 -19.53
N PRO D 40 -12.91 36.55 -19.82
CA PRO D 40 -12.35 37.49 -18.82
C PRO D 40 -13.17 37.59 -17.54
N GLU D 41 -14.44 37.22 -17.57
CA GLU D 41 -15.24 37.13 -16.34
C GLU D 41 -14.89 35.90 -15.50
N LEU D 42 -14.18 34.92 -16.04
CA LEU D 42 -14.02 33.62 -15.42
C LEU D 42 -12.59 33.39 -14.93
N SER D 43 -12.47 32.68 -13.82
CA SER D 43 -11.18 32.28 -13.27
C SER D 43 -10.76 30.95 -13.91
N ARG D 44 -9.69 30.95 -14.70
CA ARG D 44 -9.22 29.68 -15.26
C ARG D 44 -8.72 28.76 -14.16
N VAL D 45 -9.35 27.59 -14.04
CA VAL D 45 -8.92 26.53 -13.13
C VAL D 45 -8.12 25.52 -13.96
N PRO D 46 -6.81 25.40 -13.76
CA PRO D 46 -6.00 24.48 -14.59
C PRO D 46 -6.20 23.04 -14.12
N PRO D 47 -6.19 22.07 -15.02
CA PRO D 47 -6.40 20.68 -14.59
C PRO D 47 -5.24 20.12 -13.76
N LEU D 48 -5.58 19.26 -12.81
CA LEU D 48 -4.62 18.79 -11.83
C LEU D 48 -3.55 17.92 -12.50
N GLN D 49 -2.29 18.11 -12.12
CA GLN D 49 -1.27 17.14 -12.50
C GLN D 49 -0.61 16.57 -11.26
N TRP D 50 0.04 15.42 -11.43
CA TRP D 50 0.54 14.59 -10.34
C TRP D 50 2.05 14.52 -10.33
N ASP D 51 2.56 14.15 -9.15
CA ASP D 51 3.99 14.13 -8.91
C ASP D 51 4.63 12.88 -9.46
N SER D 52 3.86 11.85 -9.76
CA SER D 52 4.43 10.57 -10.16
C SER D 52 3.31 9.66 -10.62
N PRO D 53 3.65 8.59 -11.34
CA PRO D 53 2.66 7.52 -11.58
C PRO D 53 1.94 7.01 -10.34
N SER D 54 2.64 6.80 -9.22
CA SER D 54 1.98 6.29 -8.02
C SER D 54 0.91 7.24 -7.51
N ARG D 55 1.19 8.54 -7.60
CA ARG D 55 0.23 9.53 -7.11
C ARG D 55 -1.02 9.54 -7.99
N MET D 56 -0.82 9.56 -9.31
CA MET D 56 -1.96 9.43 -10.20
C MET D 56 -2.75 8.16 -9.91
N TYR D 57 -2.05 7.04 -9.67
CA TYR D 57 -2.73 5.78 -9.44
C TYR D 57 -3.53 5.82 -8.15
N GLU D 58 -2.91 6.29 -7.07
CA GLU D 58 -3.61 6.39 -5.80
C GLU D 58 -4.83 7.31 -5.90
N ALA D 59 -4.77 8.34 -6.75
CA ALA D 59 -5.94 9.21 -6.88
C ALA D 59 -7.06 8.50 -7.62
N VAL D 60 -6.72 7.77 -8.69
CA VAL D 60 -7.76 7.19 -9.53
C VAL D 60 -8.36 5.95 -8.87
N THR D 61 -7.54 5.14 -8.16
CA THR D 61 -8.04 3.95 -7.46
C THR D 61 -8.66 4.25 -6.10
N ALA D 62 -8.78 5.53 -5.73
CA ALA D 62 -9.75 5.96 -4.73
C ALA D 62 -11.17 5.45 -5.04
N PHE D 63 -11.49 5.25 -6.33
CA PHE D 63 -12.76 4.61 -6.68
C PHE D 63 -12.56 3.42 -7.61
N HIS D 64 -11.72 3.58 -8.65
CA HIS D 64 -11.55 2.54 -9.66
C HIS D 64 -10.58 1.46 -9.21
N SER D 65 -10.78 0.24 -9.69
CA SER D 65 -9.88 -0.85 -9.30
C SER D 65 -8.63 -0.78 -10.15
N THR D 66 -7.48 -1.01 -9.51
CA THR D 66 -6.25 -0.81 -10.25
C THR D 66 -6.14 -1.79 -11.42
N GLU D 67 -6.69 -3.00 -11.30
CA GLU D 67 -6.70 -3.89 -12.46
C GLU D 67 -7.46 -3.26 -13.60
N TYR D 68 -8.52 -2.49 -13.27
CA TYR D 68 -9.24 -1.80 -14.33
C TYR D 68 -8.41 -0.64 -14.87
N VAL D 69 -7.75 0.12 -13.99
CA VAL D 69 -6.87 1.19 -14.45
C VAL D 69 -5.74 0.61 -15.29
N ASP D 70 -5.11 -0.48 -14.83
CA ASP D 70 -4.10 -1.19 -15.65
C ASP D 70 -4.67 -1.57 -17.00
N ALA D 71 -5.90 -2.12 -17.02
CA ALA D 71 -6.47 -2.55 -18.30
C ALA D 71 -6.74 -1.36 -19.21
N LEU D 72 -7.20 -0.24 -18.65
CA LEU D 72 -7.48 0.92 -19.50
C LEU D 72 -6.19 1.51 -20.07
N LYS D 73 -5.11 1.52 -19.27
CA LYS D 73 -3.81 1.94 -19.77
C LYS D 73 -3.29 0.97 -20.82
N LYS D 74 -3.49 -0.32 -20.62
CA LYS D 74 -3.01 -1.27 -21.61
C LYS D 74 -3.77 -1.08 -22.91
N LEU D 75 -5.08 -0.86 -22.81
CA LEU D 75 -5.91 -0.54 -23.97
C LEU D 75 -5.34 0.61 -24.79
N GLN D 76 -4.83 1.66 -24.14
CA GLN D 76 -4.24 2.75 -24.91
C GLN D 76 -2.99 2.30 -25.65
N MET D 77 -2.09 1.61 -24.94
CA MET D 77 -0.89 1.05 -25.57
C MET D 77 -1.25 0.23 -26.82
N LEU D 78 -2.21 -0.68 -26.69
CA LEU D 78 -2.56 -1.56 -27.81
C LEU D 78 -3.05 -0.76 -29.01
N HIS D 79 -3.83 0.30 -28.77
CA HIS D 79 -4.35 1.09 -29.86
C HIS D 79 -3.34 2.10 -30.39
N CYS D 80 -2.18 2.29 -29.73
CA CYS D 80 -1.07 3.07 -30.29
C CYS D 80 -0.12 2.23 -31.12
N GLU D 81 -0.23 0.90 -31.09
CA GLU D 81 0.38 0.04 -32.10
C GLU D 81 -0.60 -0.22 -33.24
N GLU D 82 -0.05 -0.66 -34.37
CA GLU D 82 -0.86 -0.97 -35.54
C GLU D 82 -1.44 -2.38 -35.53
N LYS D 83 -0.98 -3.23 -34.62
CA LYS D 83 -1.34 -4.64 -34.63
C LYS D 83 -2.65 -4.89 -33.89
N GLU D 84 -3.42 -5.86 -34.40
CA GLU D 84 -4.62 -6.31 -33.73
C GLU D 84 -4.31 -6.81 -32.31
N LEU D 85 -5.33 -6.77 -31.47
CA LEU D 85 -5.29 -7.39 -30.16
C LEU D 85 -5.29 -8.90 -30.30
N THR D 86 -4.61 -9.56 -29.36
CA THR D 86 -4.66 -11.01 -29.28
C THR D 86 -6.03 -11.45 -28.74
N ALA D 87 -6.33 -12.75 -28.89
CA ALA D 87 -7.55 -13.29 -28.32
C ALA D 87 -7.55 -13.12 -26.79
N ASP D 88 -6.38 -13.29 -26.16
CA ASP D 88 -6.29 -13.13 -24.71
C ASP D 88 -6.59 -11.68 -24.30
N ASP D 89 -6.14 -10.71 -25.09
CA ASP D 89 -6.34 -9.32 -24.71
C ASP D 89 -7.76 -8.85 -24.99
N GLU D 90 -8.41 -9.35 -26.06
CA GLU D 90 -9.84 -9.15 -26.21
C GLU D 90 -10.59 -9.66 -24.99
N LEU D 91 -10.24 -10.86 -24.53
CA LEU D 91 -10.89 -11.40 -23.36
C LEU D 91 -10.69 -10.49 -22.15
N LEU D 92 -9.48 -9.99 -21.95
CA LEU D 92 -9.23 -9.12 -20.83
C LEU D 92 -10.07 -7.85 -20.94
N MET D 93 -10.08 -7.20 -22.12
CA MET D 93 -10.86 -5.99 -22.29
C MET D 93 -12.36 -6.25 -22.06
N ASP D 94 -12.89 -7.34 -22.63
CA ASP D 94 -14.29 -7.70 -22.40
C ASP D 94 -14.61 -7.76 -20.92
N SER D 95 -13.67 -8.22 -20.10
CA SER D 95 -14.01 -8.43 -18.69
C SER D 95 -14.17 -7.09 -17.96
N PHE D 96 -13.71 -6.02 -18.59
CA PHE D 96 -13.93 -4.65 -18.13
C PHE D 96 -14.94 -3.88 -18.98
N SER D 97 -15.70 -4.58 -19.87
CA SER D 97 -16.59 -3.96 -20.88
C SER D 97 -15.87 -2.87 -21.66
N LEU D 98 -14.57 -3.01 -21.86
CA LEU D 98 -13.83 -2.08 -22.72
C LEU D 98 -13.99 -2.60 -24.14
N ASN D 99 -15.13 -2.27 -24.75
CA ASN D 99 -15.56 -2.85 -26.01
C ASN D 99 -16.89 -2.23 -26.41
N TYR D 100 -17.44 -2.61 -27.57
CA TYR D 100 -18.74 -2.14 -28.02
C TYR D 100 -18.88 -0.62 -27.88
N ASP D 101 -19.67 -0.17 -26.89
CA ASP D 101 -19.91 1.25 -26.68
C ASP D 101 -18.71 1.97 -26.07
N CYS D 102 -17.77 1.24 -25.47
CA CYS D 102 -16.53 1.81 -24.95
C CYS D 102 -15.29 1.30 -25.70
N PRO D 103 -15.19 1.59 -26.99
CA PRO D 103 -14.08 1.06 -27.77
C PRO D 103 -12.78 1.71 -27.37
N GLY D 104 -11.68 1.04 -27.67
CA GLY D 104 -10.41 1.67 -27.50
C GLY D 104 -10.11 2.62 -28.62
N PHE D 105 -9.15 3.49 -28.37
CA PHE D 105 -8.65 4.41 -29.38
C PHE D 105 -7.31 4.94 -28.88
N PRO D 106 -6.53 5.62 -29.74
CA PRO D 106 -5.12 5.86 -29.39
C PRO D 106 -4.92 6.70 -28.12
N SER D 107 -5.86 7.52 -27.71
CA SER D 107 -5.66 8.30 -26.49
C SER D 107 -6.74 8.03 -25.44
N VAL D 108 -7.35 6.83 -25.43
CA VAL D 108 -8.50 6.60 -24.55
C VAL D 108 -8.15 6.81 -23.07
N PHE D 109 -6.96 6.43 -22.64
CA PHE D 109 -6.59 6.62 -21.26
C PHE D 109 -6.27 8.08 -20.94
N ASP D 110 -5.60 8.81 -21.84
CA ASP D 110 -5.35 10.23 -21.55
C ASP D 110 -6.63 11.03 -21.62
N TYR D 111 -7.47 10.72 -22.62
CA TYR D 111 -8.78 11.31 -22.78
C TYR D 111 -9.61 11.10 -21.53
N SER D 112 -9.60 9.87 -21.04
CA SER D 112 -10.43 9.54 -19.88
C SER D 112 -9.91 10.22 -18.61
N LEU D 113 -8.61 10.41 -18.52
CA LEU D 113 -7.98 10.93 -17.31
C LEU D 113 -8.02 12.46 -17.26
N ALA D 114 -7.93 13.13 -18.41
CA ALA D 114 -8.13 14.57 -18.45
C ALA D 114 -9.35 14.98 -17.63
N ALA D 115 -10.48 14.31 -17.85
CA ALA D 115 -11.72 14.72 -17.18
C ALA D 115 -11.63 14.51 -15.67
N VAL D 116 -10.92 13.45 -15.22
CA VAL D 116 -10.58 13.31 -13.82
C VAL D 116 -9.71 14.49 -13.35
N GLN D 117 -8.60 14.77 -14.06
CA GLN D 117 -7.75 15.90 -13.71
C GLN D 117 -8.56 17.19 -13.65
N GLY D 118 -9.53 17.32 -14.56
CA GLY D 118 -10.31 18.55 -14.60
C GLY D 118 -11.26 18.65 -13.41
N SER D 119 -12.04 17.59 -13.18
CA SER D 119 -13.01 17.65 -12.09
C SER D 119 -12.36 17.56 -10.69
N LEU D 120 -11.14 17.04 -10.58
CA LEU D 120 -10.47 17.10 -9.28
C LEU D 120 -10.00 18.53 -8.99
N ALA D 121 -9.40 19.19 -9.97
CA ALA D 121 -9.00 20.58 -9.80
C ALA D 121 -10.20 21.46 -9.46
N ALA D 122 -11.34 21.24 -10.14
CA ALA D 122 -12.56 21.98 -9.80
C ALA D 122 -12.94 21.78 -8.34
N ALA D 123 -12.91 20.54 -7.84
CA ALA D 123 -13.22 20.31 -6.43
C ALA D 123 -12.21 21.03 -5.53
N SER D 124 -10.93 20.98 -5.86
CA SER D 124 -9.96 21.67 -5.01
C SER D 124 -10.20 23.17 -4.98
N ALA D 125 -10.53 23.77 -6.13
CA ALA D 125 -10.78 25.21 -6.16
C ALA D 125 -11.97 25.58 -5.30
N LEU D 126 -13.01 24.74 -5.26
CA LEU D 126 -14.08 24.98 -4.30
C LEU D 126 -13.58 24.83 -2.86
N ILE D 127 -12.68 23.88 -2.61
CA ILE D 127 -12.36 23.51 -1.24
C ILE D 127 -11.49 24.59 -0.59
N CYS D 128 -10.43 25.02 -1.29
CA CYS D 128 -9.65 26.16 -0.77
C CYS D 128 -10.40 27.49 -0.87
N ARG D 129 -11.67 27.48 -1.29
CA ARG D 129 -12.53 28.66 -1.44
C ARG D 129 -12.01 29.67 -2.46
N HIS D 130 -11.16 29.27 -3.40
CA HIS D 130 -10.77 30.16 -4.50
C HIS D 130 -11.98 30.54 -5.38
N CYS D 131 -12.88 29.59 -5.64
CA CYS D 131 -14.09 29.86 -6.38
C CYS D 131 -15.30 29.43 -5.56
N GLU D 132 -16.46 30.00 -5.89
CA GLU D 132 -17.70 29.50 -5.31
C GLU D 132 -18.43 28.55 -6.24
N VAL D 133 -18.20 28.67 -7.53
CA VAL D 133 -18.67 27.73 -8.52
C VAL D 133 -17.51 27.45 -9.46
N VAL D 134 -17.38 26.20 -9.89
CA VAL D 134 -16.43 25.84 -10.92
C VAL D 134 -17.17 25.06 -11.99
N ILE D 135 -16.88 25.40 -13.24
CA ILE D 135 -17.51 24.79 -14.40
C ILE D 135 -16.47 23.89 -15.04
N ASN D 136 -16.89 22.66 -15.38
CA ASN D 136 -16.05 21.74 -16.16
C ASN D 136 -16.90 21.09 -17.25
N TRP D 137 -16.77 21.60 -18.47
CA TRP D 137 -17.49 21.06 -19.61
C TRP D 137 -16.77 19.88 -20.25
N GLY D 138 -15.56 19.53 -19.80
CA GLY D 138 -14.88 18.33 -20.20
C GLY D 138 -15.26 17.10 -19.39
N GLY D 139 -16.01 17.28 -18.30
CA GLY D 139 -16.31 16.21 -17.38
C GLY D 139 -17.80 15.89 -17.32
N GLY D 140 -18.14 15.01 -16.39
CA GLY D 140 -19.53 14.64 -16.23
C GLY D 140 -19.86 13.24 -16.72
N TRP D 141 -18.92 12.29 -16.54
CA TRP D 141 -19.02 10.94 -17.11
C TRP D 141 -19.56 9.95 -16.06
N HIS D 142 -20.87 10.05 -15.86
CA HIS D 142 -21.53 9.47 -14.70
C HIS D 142 -21.81 7.97 -14.81
N HIS D 143 -21.61 7.34 -15.97
CA HIS D 143 -21.86 5.90 -16.11
C HIS D 143 -20.70 4.99 -15.69
N ALA D 144 -19.46 5.49 -15.62
CA ALA D 144 -18.33 4.63 -15.29
C ALA D 144 -18.48 4.06 -13.89
N LYS D 145 -18.25 2.76 -13.76
CA LYS D 145 -18.28 2.02 -12.50
C LYS D 145 -16.89 1.55 -12.12
N ARG D 146 -16.79 1.04 -10.89
CA ARG D 146 -15.49 0.75 -10.26
C ARG D 146 -14.51 0.03 -11.18
N SER D 147 -14.98 -1.02 -11.87
CA SER D 147 -14.13 -1.80 -12.77
C SER D 147 -14.78 -1.96 -14.16
N GLU D 148 -15.51 -0.96 -14.61
CA GLU D 148 -16.31 -1.17 -15.81
C GLU D 148 -16.55 0.15 -16.49
N ALA D 149 -16.19 0.21 -17.77
CA ALA D 149 -16.61 1.25 -18.70
C ALA D 149 -18.10 1.11 -19.03
N SER D 150 -18.71 2.21 -19.45
CA SER D 150 -20.14 2.21 -19.70
C SER D 150 -20.54 3.53 -20.31
N GLY D 151 -21.43 3.49 -21.30
CA GLY D 151 -21.95 4.74 -21.86
C GLY D 151 -20.87 5.72 -22.29
N PHE D 152 -19.80 5.20 -22.91
CA PHE D 152 -18.62 6.00 -23.30
C PHE D 152 -18.00 6.75 -22.11
N CYS D 153 -18.18 6.22 -20.90
CA CYS D 153 -17.50 6.73 -19.72
C CYS D 153 -16.49 5.69 -19.25
N TYR D 154 -15.21 6.06 -19.28
CA TYR D 154 -14.15 5.15 -18.87
C TYR D 154 -13.66 5.37 -17.43
N LEU D 155 -13.71 6.61 -16.92
CA LEU D 155 -13.30 6.96 -15.56
C LEU D 155 -14.33 7.91 -14.95
N ASN D 156 -14.80 7.61 -13.74
CA ASN D 156 -15.91 8.39 -13.21
C ASN D 156 -15.33 9.60 -12.48
N ASP D 157 -15.15 10.69 -13.24
CA ASP D 157 -14.56 11.93 -12.72
C ASP D 157 -15.44 12.57 -11.64
N ILE D 158 -16.77 12.39 -11.75
CA ILE D 158 -17.73 12.93 -10.77
C ILE D 158 -17.57 12.23 -9.43
N VAL D 159 -17.57 10.88 -9.45
CA VAL D 159 -17.31 10.10 -8.24
C VAL D 159 -16.02 10.57 -7.57
N LEU D 160 -14.97 10.78 -8.35
CA LEU D 160 -13.70 11.20 -7.76
C LEU D 160 -13.82 12.60 -7.18
N ALA D 161 -14.34 13.56 -7.96
CA ALA D 161 -14.53 14.88 -7.41
C ALA D 161 -15.45 14.85 -6.18
N ILE D 162 -16.59 14.15 -6.26
CA ILE D 162 -17.45 14.10 -5.08
C ILE D 162 -16.71 13.53 -3.89
N HIS D 163 -15.97 12.44 -4.09
CA HIS D 163 -15.20 11.85 -3.01
C HIS D 163 -14.16 12.83 -2.45
N ARG D 164 -13.63 13.72 -3.30
CA ARG D 164 -12.67 14.69 -2.78
C ARG D 164 -13.35 15.81 -1.99
N LEU D 165 -14.63 16.13 -2.29
CA LEU D 165 -15.28 17.19 -1.52
C LEU D 165 -15.75 16.67 -0.16
N VAL D 166 -16.34 15.48 -0.16
CA VAL D 166 -16.89 14.86 1.04
C VAL D 166 -15.77 14.51 2.03
N SER D 167 -14.51 14.54 1.60
CA SER D 167 -13.40 14.18 2.47
C SER D 167 -12.59 15.39 2.91
N SER D 168 -13.22 16.56 2.99
CA SER D 168 -12.47 17.76 3.34
C SER D 168 -12.92 18.40 4.68
N GLN D 178 -20.73 17.83 9.88
CA GLN D 178 -20.71 16.78 8.84
C GLN D 178 -20.71 17.39 7.44
N THR D 179 -19.84 16.86 6.57
CA THR D 179 -19.73 17.35 5.20
C THR D 179 -20.67 16.52 4.32
N ARG D 180 -21.78 17.11 3.89
CA ARG D 180 -22.71 16.44 2.98
C ARG D 180 -22.64 17.06 1.58
N VAL D 181 -22.81 16.19 0.56
CA VAL D 181 -22.87 16.59 -0.84
C VAL D 181 -24.22 16.19 -1.41
N LEU D 182 -24.85 17.12 -2.13
CA LEU D 182 -26.03 16.84 -2.95
C LEU D 182 -25.59 16.75 -4.40
N TYR D 183 -25.92 15.65 -5.08
CA TYR D 183 -25.56 15.45 -6.47
C TYR D 183 -26.84 15.57 -7.31
N VAL D 184 -26.82 16.47 -8.28
CA VAL D 184 -27.96 16.68 -9.16
C VAL D 184 -27.54 16.31 -10.58
N ASP D 185 -28.29 15.36 -11.19
CA ASP D 185 -27.99 14.75 -12.49
C ASP D 185 -29.13 15.06 -13.47
N LEU D 186 -28.96 16.11 -14.29
CA LEU D 186 -29.98 16.60 -15.22
C LEU D 186 -29.92 15.93 -16.60
N ASP D 187 -28.86 15.15 -16.86
CA ASP D 187 -28.75 14.32 -18.05
C ASP D 187 -30.04 13.55 -18.39
N LEU D 188 -30.25 13.32 -19.68
CA LEU D 188 -31.32 12.43 -20.13
C LEU D 188 -31.18 11.01 -19.54
N HIS D 189 -29.97 10.54 -19.28
CA HIS D 189 -29.74 9.17 -18.79
C HIS D 189 -29.55 9.12 -17.27
N HIS D 190 -29.94 8.01 -16.69
CA HIS D 190 -29.80 7.81 -15.25
C HIS D 190 -28.31 7.81 -14.85
N GLY D 191 -27.95 8.64 -13.87
CA GLY D 191 -26.60 8.62 -13.37
C GLY D 191 -26.39 7.42 -12.50
N ASP D 192 -26.22 6.24 -13.12
CA ASP D 192 -26.14 4.99 -12.37
C ASP D 192 -24.79 4.79 -11.68
N GLY D 193 -23.67 5.16 -12.33
CA GLY D 193 -22.37 4.97 -11.71
C GLY D 193 -22.21 5.78 -10.44
N VAL D 194 -22.58 7.06 -10.50
CA VAL D 194 -22.55 7.92 -9.32
C VAL D 194 -23.49 7.39 -8.26
N GLU D 195 -24.74 7.12 -8.63
CA GLU D 195 -25.70 6.57 -7.69
C GLU D 195 -25.17 5.30 -7.03
N GLU D 196 -24.49 4.45 -7.80
CA GLU D 196 -23.99 3.20 -7.25
C GLU D 196 -22.82 3.43 -6.30
N ALA D 197 -21.89 4.30 -6.68
CA ALA D 197 -20.72 4.55 -5.83
C ALA D 197 -21.10 4.96 -4.41
N PHE D 198 -22.21 5.68 -4.24
CA PHE D 198 -22.59 6.22 -2.94
C PHE D 198 -23.85 5.57 -2.39
N TRP D 199 -24.17 4.39 -2.93
CA TRP D 199 -25.34 3.63 -2.56
C TRP D 199 -25.40 3.35 -1.05
N TYR D 200 -24.25 3.09 -0.43
CA TYR D 200 -24.23 2.82 1.00
C TYR D 200 -23.85 4.05 1.81
N SER D 201 -23.68 5.20 1.18
CA SER D 201 -23.22 6.40 1.86
C SER D 201 -24.36 7.39 2.03
N PRO D 202 -24.62 7.87 3.24
CA PRO D 202 -25.63 8.92 3.45
C PRO D 202 -25.14 10.35 3.36
N ARG D 203 -23.83 10.56 3.31
CA ARG D 203 -23.28 11.90 3.21
C ARG D 203 -23.29 12.42 1.77
N VAL D 204 -23.64 11.59 0.80
CA VAL D 204 -23.80 11.98 -0.60
C VAL D 204 -25.22 11.60 -0.99
N VAL D 205 -26.11 12.58 -1.06
CA VAL D 205 -27.45 12.35 -1.58
C VAL D 205 -27.41 12.55 -3.10
N THR D 206 -27.81 11.53 -3.85
CA THR D 206 -27.86 11.60 -5.30
C THR D 206 -29.31 11.71 -5.74
N PHE D 207 -29.53 12.53 -6.75
CA PHE D 207 -30.85 12.72 -7.33
C PHE D 207 -30.63 12.86 -8.82
N SER D 208 -31.18 11.92 -9.57
CA SER D 208 -31.12 11.93 -11.02
C SER D 208 -32.54 12.01 -11.51
N VAL D 209 -32.80 12.94 -12.44
CA VAL D 209 -34.02 12.96 -13.23
C VAL D 209 -33.60 12.60 -14.64
N HIS D 210 -34.39 11.76 -15.30
CA HIS D 210 -33.96 11.15 -16.55
C HIS D 210 -35.18 10.59 -17.24
N HIS D 211 -35.03 10.22 -18.49
CA HIS D 211 -36.00 9.34 -19.13
C HIS D 211 -35.71 7.89 -18.76
N ALA D 212 -36.77 7.10 -18.50
CA ALA D 212 -36.64 5.64 -18.49
C ALA D 212 -37.82 4.96 -19.17
N SER D 213 -37.53 3.91 -19.92
CA SER D 213 -38.52 3.12 -20.66
C SER D 213 -37.86 1.79 -21.01
N PRO D 214 -38.63 0.72 -21.21
CA PRO D 214 -38.00 -0.60 -21.44
C PRO D 214 -37.01 -0.54 -22.59
N GLY D 215 -35.84 -1.15 -22.36
CA GLY D 215 -34.75 -1.23 -23.32
C GLY D 215 -33.90 0.01 -23.44
N PHE D 216 -34.21 1.06 -22.69
CA PHE D 216 -33.52 2.35 -22.81
C PHE D 216 -32.34 2.39 -21.85
N PHE D 217 -31.18 2.82 -22.37
CA PHE D 217 -29.95 2.91 -21.58
C PHE D 217 -30.14 3.78 -20.35
N PRO D 218 -29.51 3.43 -19.19
CA PRO D 218 -28.76 2.19 -18.89
C PRO D 218 -29.66 1.09 -18.32
N GLY D 219 -30.89 1.46 -18.06
CA GLY D 219 -31.86 0.53 -17.56
C GLY D 219 -32.35 0.84 -16.18
N THR D 220 -31.53 1.52 -15.36
CA THR D 220 -31.88 1.75 -13.95
C THR D 220 -32.61 3.09 -13.74
N GLY D 221 -32.71 3.51 -12.48
CA GLY D 221 -33.38 4.76 -12.13
C GLY D 221 -34.90 4.69 -12.15
N THR D 222 -35.47 3.49 -11.97
CA THR D 222 -36.92 3.37 -12.06
C THR D 222 -37.38 2.14 -11.29
N TRP D 223 -38.68 1.83 -11.38
CA TRP D 223 -39.25 0.68 -10.69
C TRP D 223 -38.45 -0.58 -10.99
N ASN D 224 -38.41 -1.49 -10.02
CA ASN D 224 -37.42 -2.55 -10.08
C ASN D 224 -37.94 -3.96 -10.31
N LEU D 231 -45.80 -6.28 -6.90
CA LEU D 231 -45.42 -5.02 -7.51
C LEU D 231 -43.90 -4.81 -7.48
N PRO D 232 -43.37 -4.14 -8.50
CA PRO D 232 -41.98 -3.67 -8.42
C PRO D 232 -41.87 -2.51 -7.43
N ILE D 233 -40.68 -2.38 -6.86
CA ILE D 233 -40.40 -1.35 -5.88
C ILE D 233 -39.42 -0.35 -6.48
N PHE D 234 -39.29 0.79 -5.82
CA PHE D 234 -38.20 1.72 -6.06
C PHE D 234 -37.10 1.48 -5.01
N LEU D 235 -35.97 0.93 -5.43
CA LEU D 235 -34.78 0.90 -4.59
C LEU D 235 -34.20 2.31 -4.44
N ASN D 236 -33.54 2.56 -3.31
CA ASN D 236 -33.11 3.92 -3.01
C ASN D 236 -31.95 4.05 -2.01
N GLY D 237 -31.05 3.07 -1.97
CA GLY D 237 -29.95 3.10 -1.02
C GLY D 237 -29.98 1.82 -0.21
N ALA D 238 -28.85 1.42 0.36
CA ALA D 238 -28.74 0.29 1.28
C ALA D 238 -27.89 0.71 2.48
N GLY D 239 -28.01 -0.06 3.55
CA GLY D 239 -27.20 0.19 4.74
C GLY D 239 -27.53 1.52 5.39
N ARG D 240 -26.50 2.21 5.86
CA ARG D 240 -26.71 3.55 6.38
C ARG D 240 -27.17 4.50 5.28
N GLY D 241 -26.95 4.11 4.03
CA GLY D 241 -27.30 4.89 2.85
C GLY D 241 -28.72 4.75 2.38
N ARG D 242 -29.54 3.97 3.08
CA ARG D 242 -30.93 3.80 2.67
C ARG D 242 -31.60 5.16 2.56
N PHE D 243 -32.48 5.29 1.57
CA PHE D 243 -33.24 6.49 1.23
C PHE D 243 -32.40 7.63 0.69
N SER D 244 -31.11 7.40 0.38
CA SER D 244 -30.20 8.48 -0.03
C SER D 244 -29.99 8.56 -1.54
N ALA D 245 -30.54 7.62 -2.33
CA ALA D 245 -30.55 7.72 -3.79
C ALA D 245 -31.96 8.07 -4.26
N PHE D 246 -32.13 9.26 -4.84
CA PHE D 246 -33.41 9.74 -5.35
C PHE D 246 -33.44 9.62 -6.88
N ASN D 247 -34.65 9.40 -7.41
CA ASN D 247 -34.83 9.18 -8.84
C ASN D 247 -36.20 9.67 -9.29
N LEU D 248 -36.20 10.47 -10.35
CA LEU D 248 -37.42 10.88 -11.07
C LEU D 248 -37.36 10.48 -12.54
N PRO D 249 -37.94 9.32 -12.93
CA PRO D 249 -38.04 8.97 -14.36
C PRO D 249 -39.30 9.53 -14.99
N LEU D 250 -39.13 9.98 -16.22
CA LEU D 250 -40.13 10.74 -16.95
C LEU D 250 -40.28 10.10 -18.32
N GLU D 251 -41.50 10.18 -18.86
CA GLU D 251 -41.76 9.69 -20.19
C GLU D 251 -41.31 10.71 -21.24
N GLU D 252 -41.26 10.26 -22.50
CA GLU D 252 -40.81 11.13 -23.56
C GLU D 252 -41.76 12.31 -23.77
N GLY D 253 -41.28 13.28 -24.54
CA GLY D 253 -42.02 14.46 -24.92
C GLY D 253 -42.07 15.60 -23.92
N ILE D 254 -41.51 15.45 -22.71
CA ILE D 254 -41.71 16.50 -21.70
C ILE D 254 -41.00 17.78 -22.13
N ASN D 255 -41.68 18.91 -21.98
CA ASN D 255 -41.14 20.20 -22.40
C ASN D 255 -40.53 20.92 -21.20
N ASP D 256 -40.06 22.16 -21.45
CA ASP D 256 -39.37 22.94 -20.40
C ASP D 256 -40.20 23.08 -19.13
N LEU D 257 -41.45 23.57 -19.26
CA LEU D 257 -42.24 23.93 -18.09
C LEU D 257 -42.61 22.70 -17.25
N ASP D 258 -43.07 21.61 -17.90
CA ASP D 258 -43.38 20.38 -17.16
C ASP D 258 -42.15 19.81 -16.48
N TRP D 259 -41.03 19.70 -17.20
CA TRP D 259 -39.79 19.27 -16.57
C TRP D 259 -39.40 20.18 -15.40
N SER D 260 -39.60 21.49 -15.56
CA SER D 260 -39.26 22.43 -14.50
C SER D 260 -40.09 22.18 -13.27
N ASN D 261 -41.41 22.04 -13.47
CA ASN D 261 -42.34 21.82 -12.37
C ASN D 261 -42.13 20.48 -11.72
N ALA D 262 -41.69 19.49 -12.49
CA ALA D 262 -41.45 18.16 -11.93
C ALA D 262 -40.22 18.14 -11.06
N ILE D 263 -39.21 18.95 -11.37
CA ILE D 263 -37.94 18.84 -10.67
C ILE D 263 -37.79 19.88 -9.57
N GLY D 264 -38.51 21.02 -9.69
CA GLY D 264 -38.27 22.20 -8.88
C GLY D 264 -38.50 22.01 -7.38
N PRO D 265 -39.69 21.53 -7.03
CA PRO D 265 -39.94 21.21 -5.61
C PRO D 265 -38.98 20.19 -5.04
N ILE D 266 -38.64 19.13 -5.81
CA ILE D 266 -37.65 18.15 -5.33
C ILE D 266 -36.33 18.84 -5.04
N LEU D 267 -35.86 19.69 -5.96
CA LEU D 267 -34.62 20.42 -5.71
C LEU D 267 -34.71 21.24 -4.44
N ASP D 268 -35.78 22.02 -4.27
CA ASP D 268 -35.90 22.90 -3.10
C ASP D 268 -35.99 22.12 -1.78
N SER D 269 -36.69 20.99 -1.78
CA SER D 269 -36.81 20.21 -0.55
C SER D 269 -35.50 19.49 -0.19
N LEU D 270 -34.74 19.02 -1.19
CA LEU D 270 -33.44 18.40 -0.89
C LEU D 270 -32.51 19.41 -0.22
N ASN D 271 -32.48 20.65 -0.71
CA ASN D 271 -31.65 21.68 -0.10
C ASN D 271 -32.08 21.95 1.35
N ILE D 272 -33.38 22.22 1.55
CA ILE D 272 -33.88 22.49 2.90
C ILE D 272 -33.49 21.35 3.84
N VAL D 273 -33.78 20.12 3.47
CA VAL D 273 -33.61 18.98 4.38
C VAL D 273 -32.14 18.55 4.47
N ILE D 274 -31.42 18.50 3.36
CA ILE D 274 -30.06 17.97 3.48
C ILE D 274 -29.07 19.05 3.97
N GLN D 275 -29.29 20.30 3.59
CA GLN D 275 -28.37 21.39 3.89
C GLN D 275 -26.96 21.06 3.42
N PRO D 276 -26.78 20.84 2.12
CA PRO D 276 -25.52 20.32 1.63
C PRO D 276 -24.40 21.32 1.78
N SER D 277 -23.20 20.80 2.06
CA SER D 277 -22.00 21.65 2.06
C SER D 277 -21.54 21.96 0.64
N TYR D 278 -21.82 21.06 -0.33
CA TYR D 278 -21.53 21.29 -1.74
C TYR D 278 -22.64 20.71 -2.59
N VAL D 279 -22.76 21.23 -3.81
CA VAL D 279 -23.69 20.72 -4.81
C VAL D 279 -22.90 20.45 -6.09
N VAL D 280 -23.05 19.23 -6.61
CA VAL D 280 -22.41 18.82 -7.86
C VAL D 280 -23.53 18.54 -8.86
N VAL D 281 -23.46 19.23 -10.00
CA VAL D 281 -24.53 19.20 -11.00
C VAL D 281 -23.97 18.62 -12.29
N GLN D 282 -24.53 17.50 -12.71
CA GLN D 282 -24.26 16.98 -14.06
C GLN D 282 -25.31 17.58 -14.98
N CYS D 283 -24.85 18.28 -16.02
CA CYS D 283 -25.71 19.06 -16.91
CA CYS D 283 -25.72 19.05 -16.92
C CYS D 283 -25.72 18.50 -18.34
N GLY D 284 -25.87 17.17 -18.49
CA GLY D 284 -25.92 16.58 -19.81
C GLY D 284 -26.96 17.22 -20.70
N ALA D 285 -26.56 17.60 -21.91
CA ALA D 285 -27.38 18.40 -22.81
C ALA D 285 -28.23 17.56 -23.76
N ASP D 286 -28.35 16.27 -23.53
CA ASP D 286 -29.11 15.45 -24.45
C ASP D 286 -30.61 15.46 -24.15
N CYS D 287 -31.06 16.26 -23.17
CA CYS D 287 -32.50 16.47 -23.06
C CYS D 287 -33.01 17.49 -24.06
N LEU D 288 -32.14 18.20 -24.76
CA LEU D 288 -32.60 19.23 -25.69
C LEU D 288 -33.54 18.64 -26.74
N ALA D 289 -34.50 19.45 -27.19
CA ALA D 289 -35.43 18.97 -28.22
C ALA D 289 -34.71 18.55 -29.48
N THR D 290 -33.52 19.10 -29.73
CA THR D 290 -32.77 18.88 -30.96
C THR D 290 -31.63 17.89 -30.78
N ASP D 291 -31.48 17.30 -29.61
CA ASP D 291 -30.53 16.22 -29.49
C ASP D 291 -30.99 15.09 -30.39
N PRO D 292 -30.06 14.38 -31.04
CA PRO D 292 -30.46 13.26 -31.90
C PRO D 292 -31.20 12.13 -31.17
N HIS D 293 -31.16 12.06 -29.82
CA HIS D 293 -32.03 11.13 -29.12
C HIS D 293 -33.49 11.49 -29.32
N ARG D 294 -33.80 12.79 -29.31
CA ARG D 294 -35.14 13.31 -29.61
C ARG D 294 -36.17 12.71 -28.66
N ILE D 295 -35.82 12.70 -27.37
CA ILE D 295 -36.70 12.17 -26.33
C ILE D 295 -37.41 13.30 -25.60
N PHE D 296 -36.66 14.26 -25.07
CA PHE D 296 -37.23 15.38 -24.36
C PHE D 296 -37.27 16.59 -25.28
N ARG D 297 -37.92 17.65 -24.80
CA ARG D 297 -38.15 18.88 -25.57
C ARG D 297 -37.60 20.11 -24.85
N LEU D 298 -36.60 19.95 -23.98
CA LEU D 298 -36.06 21.13 -23.33
C LEU D 298 -35.32 22.02 -24.34
N THR D 299 -35.16 23.29 -23.98
CA THR D 299 -34.52 24.29 -24.82
C THR D 299 -33.35 24.93 -24.07
N ASN D 300 -32.71 25.89 -24.74
CA ASN D 300 -31.80 26.83 -24.10
C ASN D 300 -32.39 28.25 -24.04
N PHE D 301 -33.72 28.38 -24.04
CA PHE D 301 -34.31 29.71 -24.13
C PHE D 301 -34.18 30.42 -22.79
N TYR D 302 -33.85 31.72 -22.88
CA TYR D 302 -33.78 32.61 -21.72
C TYR D 302 -34.61 33.85 -22.04
N PRO D 303 -35.95 33.79 -21.87
CA PRO D 303 -36.92 34.85 -22.22
C PRO D 303 -36.47 36.30 -21.99
N LEU D 317 -38.88 29.43 -20.77
CA LEU D 317 -37.61 29.35 -20.01
C LEU D 317 -37.01 27.93 -19.97
N SER D 318 -35.73 27.83 -20.36
CA SER D 318 -35.04 26.55 -20.38
C SER D 318 -35.08 25.85 -19.02
N GLY D 319 -35.55 24.59 -19.03
CA GLY D 319 -35.52 23.80 -17.80
C GLY D 319 -34.14 23.72 -17.18
N TYR D 320 -33.11 23.66 -18.03
CA TYR D 320 -31.73 23.69 -17.53
C TYR D 320 -31.41 24.99 -16.80
N LEU D 321 -31.83 26.13 -17.35
CA LEU D 321 -31.52 27.41 -16.74
C LEU D 321 -32.35 27.62 -15.47
N TYR D 322 -33.61 27.20 -15.48
CA TYR D 322 -34.41 27.17 -14.26
C TYR D 322 -33.71 26.40 -13.13
N ALA D 323 -33.12 25.24 -13.43
CA ALA D 323 -32.56 24.41 -12.36
C ALA D 323 -31.24 24.97 -11.86
N ILE D 324 -30.39 25.44 -12.78
CA ILE D 324 -29.11 26.01 -12.36
C ILE D 324 -29.34 27.24 -11.50
N LYS D 325 -30.20 28.16 -11.97
CA LYS D 325 -30.54 29.35 -11.23
C LYS D 325 -31.12 29.01 -9.85
N LYS D 326 -31.98 27.99 -9.78
CA LYS D 326 -32.50 27.55 -8.49
C LYS D 326 -31.37 27.06 -7.58
N ILE D 327 -30.55 26.12 -8.07
CA ILE D 327 -29.40 25.61 -7.30
C ILE D 327 -28.43 26.74 -6.92
N LEU D 328 -28.13 27.65 -7.87
CA LEU D 328 -27.27 28.79 -7.58
C LEU D 328 -27.89 29.76 -6.58
N SER D 329 -29.22 29.83 -6.50
CA SER D 329 -29.83 30.71 -5.50
C SER D 329 -29.60 30.22 -4.07
N TRP D 330 -29.12 28.99 -3.88
CA TRP D 330 -28.90 28.47 -2.54
C TRP D 330 -27.60 28.96 -1.92
N LYS D 331 -26.69 29.51 -2.73
CA LYS D 331 -25.40 30.04 -2.26
C LYS D 331 -24.49 28.96 -1.65
N VAL D 332 -24.65 27.71 -2.08
CA VAL D 332 -23.76 26.60 -1.72
C VAL D 332 -22.66 26.43 -2.79
N PRO D 333 -21.40 26.20 -2.41
CA PRO D 333 -20.36 26.06 -3.45
C PRO D 333 -20.65 24.87 -4.39
N THR D 334 -20.54 25.14 -5.69
CA THR D 334 -21.16 24.26 -6.67
C THR D 334 -20.23 23.98 -7.86
N LEU D 335 -20.19 22.71 -8.20
CA LEU D 335 -19.44 22.23 -9.34
C LEU D 335 -20.44 21.94 -10.45
N ILE D 336 -20.33 22.67 -11.56
CA ILE D 336 -21.14 22.42 -12.74
C ILE D 336 -20.34 21.60 -13.75
N LEU D 337 -20.88 20.45 -14.16
CA LEU D 337 -20.23 19.51 -15.05
C LEU D 337 -21.03 19.26 -16.33
N GLY D 338 -20.33 18.86 -17.38
CA GLY D 338 -20.97 18.51 -18.63
C GLY D 338 -21.61 17.13 -18.62
N GLY D 339 -21.41 16.38 -19.71
CA GLY D 339 -22.03 15.07 -19.84
C GLY D 339 -22.47 14.80 -21.25
N GLY D 340 -23.59 14.13 -21.43
CA GLY D 340 -24.16 13.93 -22.75
C GLY D 340 -24.44 15.25 -23.48
N GLY D 341 -24.70 15.09 -24.78
CA GLY D 341 -24.85 16.20 -25.70
C GLY D 341 -24.29 15.84 -27.07
N TYR D 342 -25.16 15.39 -27.98
CA TYR D 342 -24.72 14.81 -29.26
C TYR D 342 -25.05 15.67 -30.47
N ASN D 343 -25.85 16.69 -30.30
CA ASN D 343 -25.88 17.80 -31.23
C ASN D 343 -24.86 18.79 -30.68
N PHE D 344 -23.69 18.87 -31.31
CA PHE D 344 -22.58 19.60 -30.64
C PHE D 344 -22.85 21.11 -30.61
N PRO D 345 -23.37 21.73 -31.68
CA PRO D 345 -23.59 23.19 -31.62
C PRO D 345 -24.66 23.60 -30.64
N ASP D 346 -25.74 22.84 -30.53
CA ASP D 346 -26.79 23.17 -29.54
C ASP D 346 -26.31 22.94 -28.11
N THR D 347 -25.51 21.89 -27.87
CA THR D 347 -24.87 21.74 -26.57
C THR D 347 -24.05 22.96 -26.25
N ALA D 348 -23.32 23.45 -27.26
CA ALA D 348 -22.55 24.68 -27.09
C ALA D 348 -23.48 25.84 -26.77
N ARG D 349 -24.67 25.85 -27.38
CA ARG D 349 -25.64 26.91 -27.14
C ARG D 349 -26.23 26.82 -25.75
N LEU D 350 -26.44 25.60 -25.25
CA LEU D 350 -26.90 25.49 -23.88
C LEU D 350 -25.82 25.95 -22.91
N TRP D 351 -24.64 25.35 -22.99
CA TRP D 351 -23.65 25.53 -21.94
C TRP D 351 -23.06 26.94 -21.94
N THR D 352 -23.13 27.63 -23.08
CA THR D 352 -22.82 29.07 -23.10
C THR D 352 -23.80 29.85 -22.20
N ARG D 353 -25.09 29.58 -22.37
CA ARG D 353 -26.09 30.25 -21.54
C ARG D 353 -25.94 29.88 -20.07
N VAL D 354 -25.74 28.59 -19.78
CA VAL D 354 -25.43 28.19 -18.41
C VAL D 354 -24.20 28.93 -17.89
N THR D 355 -23.22 29.18 -18.74
CA THR D 355 -22.01 29.80 -18.23
C THR D 355 -22.22 31.26 -17.88
N ALA D 356 -22.96 31.98 -18.73
CA ALA D 356 -23.20 33.39 -18.45
C ALA D 356 -24.18 33.57 -17.31
N LEU D 357 -25.14 32.65 -17.19
CA LEU D 357 -26.10 32.66 -16.09
C LEU D 357 -25.41 32.50 -14.74
N THR D 358 -24.48 31.54 -14.62
CA THR D 358 -23.63 31.42 -13.44
C THR D 358 -22.87 32.74 -13.16
N ILE D 359 -22.25 33.32 -14.18
CA ILE D 359 -21.52 34.57 -13.99
C ILE D 359 -22.45 35.68 -13.47
N GLU D 360 -23.66 35.78 -14.04
CA GLU D 360 -24.64 36.75 -13.56
C GLU D 360 -25.01 36.49 -12.11
N GLU D 361 -25.37 35.25 -11.81
CA GLU D 361 -25.87 34.91 -10.48
C GLU D 361 -24.79 35.00 -9.42
N VAL D 362 -23.53 34.76 -9.75
CA VAL D 362 -22.55 34.74 -8.68
C VAL D 362 -21.92 36.11 -8.49
N LYS D 363 -21.47 36.74 -9.56
CA LYS D 363 -20.87 38.05 -9.43
C LYS D 363 -21.92 39.15 -9.28
N GLY D 364 -23.16 38.90 -9.72
CA GLY D 364 -24.19 39.93 -9.69
C GLY D 364 -24.13 40.87 -10.87
N LYS D 365 -23.45 40.48 -11.94
CA LYS D 365 -23.03 41.36 -13.02
C LYS D 365 -23.80 40.99 -14.27
N LYS D 366 -24.70 41.88 -14.70
CA LYS D 366 -25.51 41.69 -15.89
C LYS D 366 -24.67 41.21 -17.06
N MET D 367 -25.15 40.15 -17.72
CA MET D 367 -24.47 39.57 -18.88
C MET D 367 -25.40 39.72 -20.06
N THR D 368 -24.94 40.47 -21.07
CA THR D 368 -25.74 40.77 -22.26
C THR D 368 -25.21 39.92 -23.42
N ILE D 369 -25.95 38.88 -23.77
CA ILE D 369 -25.56 37.97 -24.83
C ILE D 369 -26.33 38.31 -26.11
N SER D 370 -25.59 38.59 -27.18
CA SER D 370 -26.23 38.78 -28.48
C SER D 370 -27.03 37.54 -28.89
N PRO D 371 -28.26 37.71 -29.40
CA PRO D 371 -28.97 36.57 -29.98
C PRO D 371 -28.30 36.00 -31.22
N GLU D 372 -27.36 36.74 -31.82
CA GLU D 372 -26.62 36.24 -32.96
C GLU D 372 -25.32 35.60 -32.50
N ILE D 373 -24.98 34.47 -33.11
CA ILE D 373 -23.65 33.89 -32.86
C ILE D 373 -22.60 34.87 -33.36
N PRO D 374 -21.56 35.17 -32.58
CA PRO D 374 -20.46 35.97 -33.10
C PRO D 374 -19.60 35.19 -34.08
N GLU D 375 -18.87 35.95 -34.91
CA GLU D 375 -17.87 35.36 -35.80
C GLU D 375 -16.72 34.77 -34.98
N HIS D 376 -16.37 33.53 -35.26
CA HIS D 376 -15.26 32.84 -34.62
C HIS D 376 -14.96 31.59 -35.45
N SER D 377 -13.93 30.86 -35.03
CA SER D 377 -13.41 29.72 -35.77
C SER D 377 -14.54 28.78 -36.23
N TYR D 378 -15.48 28.48 -35.32
CA TYR D 378 -16.52 27.50 -35.56
C TYR D 378 -17.85 28.11 -35.97
N PHE D 379 -17.90 29.42 -36.15
CA PHE D 379 -19.08 30.09 -36.67
C PHE D 379 -19.88 29.32 -37.73
N SER D 380 -19.22 28.61 -38.65
CA SER D 380 -19.98 27.94 -39.70
C SER D 380 -20.74 26.70 -39.20
N ARG D 381 -20.43 26.17 -38.01
CA ARG D 381 -21.20 25.02 -37.52
C ARG D 381 -22.60 25.40 -37.07
N TYR D 382 -22.84 26.69 -36.75
CA TYR D 382 -24.10 27.15 -36.20
C TYR D 382 -25.08 27.59 -37.29
N GLY D 383 -24.91 27.10 -38.52
CA GLY D 383 -25.88 27.30 -39.58
C GLY D 383 -27.24 26.62 -39.39
N PRO D 384 -28.21 26.99 -40.27
CA PRO D 384 -27.94 28.00 -41.27
C PRO D 384 -28.38 29.36 -40.78
N ASP D 385 -28.80 29.45 -39.51
CA ASP D 385 -29.46 30.65 -38.98
C ASP D 385 -28.57 31.48 -38.06
N PHE D 386 -27.60 30.87 -37.37
CA PHE D 386 -26.59 31.60 -36.63
C PHE D 386 -27.17 32.40 -35.47
N GLU D 387 -28.30 31.95 -34.95
CA GLU D 387 -28.80 32.49 -33.70
C GLU D 387 -28.33 31.61 -32.53
N LEU D 388 -28.45 32.16 -31.32
CA LEU D 388 -28.11 31.44 -30.09
C LEU D 388 -29.24 30.55 -29.56
N ASP D 389 -30.51 30.92 -29.77
CA ASP D 389 -31.61 30.02 -29.46
C ASP D 389 -31.49 28.77 -30.31
N ILE D 390 -31.83 27.62 -29.75
CA ILE D 390 -31.87 26.44 -30.61
C ILE D 390 -33.09 26.54 -31.54
N ASP D 391 -33.00 25.80 -32.66
CA ASP D 391 -34.06 25.84 -33.68
C ASP D 391 -35.14 24.82 -33.32
N TYR D 392 -36.06 25.24 -32.47
CA TYR D 392 -37.15 24.35 -32.09
C TYR D 392 -38.34 25.19 -31.70
N PHE D 393 -39.52 24.73 -32.11
CA PHE D 393 -40.79 25.40 -31.81
C PHE D 393 -41.67 24.46 -31.01
N PRO D 394 -41.95 24.72 -29.72
CA PRO D 394 -42.70 23.79 -28.85
C PRO D 394 -44.05 23.35 -29.41
N ASP D 403 -49.41 14.12 -13.58
CA ASP D 403 -50.25 13.26 -12.74
C ASP D 403 -49.53 11.95 -12.32
N SER D 404 -48.78 11.34 -13.24
CA SER D 404 -47.78 10.37 -12.82
C SER D 404 -46.66 11.06 -12.02
N ILE D 405 -46.44 12.35 -12.29
CA ILE D 405 -45.43 13.12 -11.57
C ILE D 405 -45.88 13.42 -10.14
N GLN D 406 -47.19 13.58 -9.93
CA GLN D 406 -47.71 13.77 -8.59
C GLN D 406 -47.56 12.53 -7.73
N LYS D 407 -47.77 11.35 -8.31
CA LYS D 407 -47.43 10.10 -7.63
C LYS D 407 -45.95 10.05 -7.25
N HIS D 408 -45.06 10.35 -8.21
CA HIS D 408 -43.63 10.40 -7.93
C HIS D 408 -43.28 11.42 -6.86
N HIS D 409 -43.99 12.55 -6.83
CA HIS D 409 -43.75 13.60 -5.85
C HIS D 409 -44.08 13.15 -4.44
N ARG D 410 -45.22 12.49 -4.25
CA ARG D 410 -45.56 11.95 -2.93
C ARG D 410 -44.60 10.85 -2.52
N ARG D 411 -44.15 10.06 -3.49
CA ARG D 411 -43.24 8.96 -3.18
C ARG D 411 -41.91 9.48 -2.70
N ILE D 412 -41.39 10.54 -3.35
CA ILE D 412 -40.08 11.11 -3.07
C ILE D 412 -40.08 11.88 -1.75
N LEU D 413 -41.16 12.63 -1.50
CA LEU D 413 -41.26 13.37 -0.25
C LEU D 413 -41.27 12.41 0.93
N GLU D 414 -41.92 11.26 0.76
CA GLU D 414 -41.88 10.22 1.78
C GLU D 414 -40.46 9.68 1.96
N GLN D 415 -39.75 9.42 0.86
CA GLN D 415 -38.36 8.93 0.96
C GLN D 415 -37.46 9.97 1.66
N LEU D 416 -37.73 11.27 1.45
CA LEU D 416 -36.97 12.35 2.08
C LEU D 416 -37.24 12.42 3.58
N ARG D 417 -38.51 12.27 3.98
CA ARG D 417 -38.85 12.10 5.39
C ARG D 417 -38.13 10.90 5.98
N ASN D 418 -38.18 9.74 5.28
CA ASN D 418 -37.47 8.57 5.76
C ASN D 418 -35.98 8.86 5.92
N TYR D 419 -35.37 9.52 4.93
CA TYR D 419 -33.94 9.84 5.02
C TYR D 419 -33.66 10.79 6.20
N ALA D 420 -34.44 11.87 6.33
CA ALA D 420 -34.35 12.78 7.48
C ALA D 420 -34.52 12.05 8.81
N ASP D 421 -35.53 11.17 8.92
CA ASP D 421 -35.68 10.30 10.08
C ASP D 421 -34.39 9.55 10.36
N LEU D 422 -33.96 8.75 9.40
CA LEU D 422 -32.86 7.82 9.62
C LEU D 422 -31.58 8.56 9.98
N ASN D 423 -31.43 9.81 9.54
CA ASN D 423 -30.19 10.54 9.76
C ASN D 423 -30.33 11.65 10.82
N LYS D 424 -31.32 11.54 11.73
CA LYS D 424 -31.54 12.49 12.82
C LYS D 424 -31.39 13.93 12.35
N LEU D 425 -32.10 14.24 11.27
CA LEU D 425 -32.04 15.54 10.61
C LEU D 425 -33.32 16.29 10.91
N ILE D 426 -33.20 17.46 11.51
CA ILE D 426 -34.36 18.20 11.99
C ILE D 426 -34.89 19.09 10.87
N TYR D 427 -36.18 18.96 10.56
CA TYR D 427 -36.76 19.73 9.46
C TYR D 427 -38.27 19.90 9.63
N ASP D 428 -38.80 20.96 9.04
CA ASP D 428 -40.23 21.27 9.13
C ASP D 428 -40.99 20.51 8.04
N TYR D 429 -41.79 19.51 8.45
CA TYR D 429 -42.59 18.77 7.47
C TYR D 429 -43.54 19.69 6.71
N ASP D 430 -44.02 20.75 7.34
CA ASP D 430 -45.02 21.57 6.66
C ASP D 430 -44.40 22.53 5.64
N GLN D 431 -43.25 23.16 5.96
CA GLN D 431 -42.58 23.97 4.95
C GLN D 431 -42.24 23.14 3.71
N VAL D 432 -41.76 21.91 3.91
CA VAL D 432 -41.35 21.05 2.80
C VAL D 432 -42.55 20.54 2.02
N TYR D 433 -43.55 20.00 2.72
CA TYR D 433 -44.79 19.60 2.08
C TYR D 433 -45.44 20.76 1.33
N GLN D 434 -45.17 22.01 1.75
CA GLN D 434 -45.71 23.19 1.06
C GLN D 434 -45.08 23.40 -0.32
N LEU D 435 -43.89 22.86 -0.55
CA LEU D 435 -43.24 23.03 -1.85
C LEU D 435 -43.98 22.34 -2.99
N TYR D 436 -44.94 21.46 -2.70
CA TYR D 436 -45.69 20.77 -3.74
C TYR D 436 -47.17 21.16 -3.74
ZN ZN E . 21.98 -28.73 0.48
K K F . 26.78 -23.58 1.56
K K G . 26.11 -8.70 0.33
O15 GQE H . 17.29 -33.35 -3.12
C14 GQE H . 18.43 -33.74 -3.34
C16 GQE H . 18.74 -35.20 -3.21
C21 GQE H . 17.84 -35.98 -2.47
C20 GQE H . 18.10 -37.33 -2.27
C19 GQE H . 19.28 -37.88 -2.77
C18 GQE H . 20.18 -37.10 -3.47
C17 GQE H . 19.92 -35.76 -3.69
N13 GQE H . 19.48 -32.79 -3.61
C12 GQE H . 19.19 -31.39 -3.59
C03 GQE H . 18.59 -30.65 -4.60
O02 GQE H . 18.20 -31.23 -5.78
C01 GQE H . 17.84 -30.38 -6.80
C11 GQE H . 19.56 -30.77 -2.40
C06 GQE H . 19.37 -29.40 -2.17
C05 GQE H . 18.77 -28.67 -3.20
C04 GQE H . 18.39 -29.30 -4.38
C07 GQE H . 19.80 -28.78 -0.87
O08 GQE H . 20.03 -29.47 0.11
N09 GQE H . 19.98 -27.36 -0.72
O10 GQE H . 20.38 -26.87 0.42
C1 GOL I . 27.41 -25.97 -8.43
O1 GOL I . 28.66 -26.29 -9.02
C2 GOL I . 27.40 -25.20 -7.10
O2 GOL I . 26.68 -24.00 -7.24
C3 GOL I . 26.75 -26.10 -6.03
O3 GOL I . 26.51 -25.66 -4.69
C1 GOL J . 12.87 -30.47 8.73
O1 GOL J . 13.93 -30.05 9.59
C2 GOL J . 12.38 -29.35 7.79
O2 GOL J . 11.85 -29.87 6.58
C3 GOL J . 11.41 -28.38 8.50
O3 GOL J . 10.70 -27.47 7.67
C1 GOL K . 27.36 -16.41 -8.00
O1 GOL K . 27.75 -16.74 -6.68
C2 GOL K . 28.54 -16.55 -8.95
O2 GOL K . 28.65 -17.91 -9.27
C3 GOL K . 29.87 -16.02 -8.38
O3 GOL K . 30.85 -15.90 -9.41
C1 DMF L . 4.66 -34.97 13.77
C2 DMF L . 5.45 -37.29 14.35
C DMF L . 4.97 -36.66 12.04
O DMF L . 5.02 -37.85 11.71
N DMF L . 5.03 -36.31 13.33
C1 DMF M . 11.37 -17.22 -15.17
C2 DMF M . 10.76 -18.86 -13.33
C DMF M . 9.70 -18.93 -15.52
O DMF M . 9.18 -20.00 -15.23
N DMF M . 10.58 -18.36 -14.70
ZN ZN N . -10.21 -13.04 19.73
K K O . -14.60 -18.29 17.93
K K P . -16.13 -32.25 23.39
O15 GQE Q . -3.34 -8.75 20.49
C14 GQE Q . -3.91 -8.77 19.41
C16 GQE Q . -3.97 -7.47 18.66
C21 GQE Q . -4.19 -6.31 19.40
C20 GQE Q . -4.26 -5.09 18.76
C19 GQE Q . -4.11 -5.00 17.38
C18 GQE Q . -3.90 -6.16 16.64
C17 GQE Q . -3.83 -7.39 17.28
N13 GQE Q . -4.52 -9.98 18.89
C12 GQE Q . -4.62 -11.27 19.57
C03 GQE Q . -3.60 -12.18 19.89
O02 GQE Q . -2.27 -11.97 19.58
C01 GQE Q . -1.45 -13.07 19.67
C11 GQE Q . -5.92 -11.58 19.93
C06 GQE Q . -6.27 -12.75 20.59
C05 GQE Q . -5.25 -13.63 20.91
C04 GQE Q . -3.92 -13.35 20.55
C07 GQE Q . -7.72 -12.99 20.97
O08 GQE Q . -8.50 -12.04 21.11
N09 GQE Q . -8.28 -14.30 21.20
O10 GQE Q . -9.55 -14.40 21.54
C1 GOL R . -9.69 -29.00 13.32
O1 GOL R . -9.41 -30.10 12.44
C2 GOL R . -8.40 -28.74 14.11
O2 GOL R . -7.58 -27.76 13.47
C3 GOL R . -8.59 -28.60 15.62
O3 GOL R . -9.63 -27.71 15.99
C1 GOL S . -10.63 -5.43 30.17
O1 GOL S . -10.41 -4.36 31.09
C2 GOL S . -11.14 -6.76 30.71
O2 GOL S . -10.13 -7.77 30.81
C3 GOL S . -12.27 -7.24 29.81
O3 GOL S . -13.52 -6.75 30.24
C1 GOL T . -32.68 1.44 20.81
O1 GOL T . -31.92 0.32 21.27
C2 GOL T . -32.40 1.92 19.35
O2 GOL T . -31.95 0.95 18.44
C3 GOL T . -31.45 3.12 19.27
O3 GOL T . -30.33 2.87 20.09
C1 GOL U . -16.18 6.66 16.80
O1 GOL U . -16.77 7.42 17.85
C2 GOL U . -15.85 5.26 17.29
O2 GOL U . -14.50 5.01 16.97
C3 GOL U . -16.76 4.27 16.57
O3 GOL U . -17.49 3.47 17.47
C1 DMF V . -21.94 -2.48 38.18
C2 DMF V . -22.40 -0.28 39.35
C DMF V . -20.75 -0.49 37.54
O DMF V . -20.62 0.73 37.46
N DMF V . -21.66 -1.05 38.34
C1 DMF W . -32.05 -4.01 23.06
C2 DMF W . -29.94 -3.22 21.99
C DMF W . -31.56 -1.60 22.78
O DMF W . -31.53 -0.73 21.87
N DMF W . -31.21 -2.89 22.62
ZN ZN X . 11.88 19.19 -12.38
K K Y . 14.44 17.51 -18.83
K K Z . 14.24 25.01 -31.67
O15 GQE AA . 6.17 20.58 -6.49
C14 GQE AA . 6.74 19.53 -6.73
C16 GQE AA . 6.96 18.58 -5.59
C21 GQE AA . 7.58 19.08 -4.44
C20 GQE AA . 7.80 18.26 -3.35
C19 GQE AA . 7.43 16.92 -3.45
C18 GQE AA . 6.84 16.41 -4.60
C17 GQE AA . 6.60 17.24 -5.68
N13 GQE AA . 7.19 19.17 -8.04
C12 GQE AA . 7.14 20.00 -9.21
C03 GQE AA . 6.05 20.64 -9.78
O02 GQE AA . 4.77 20.54 -9.29
C01 GQE AA . 3.80 21.19 -10.03
C11 GQE AA . 8.39 20.18 -9.81
C06 GQE AA . 8.58 20.94 -10.95
C05 GQE AA . 7.47 21.57 -11.50
C04 GQE AA . 6.22 21.41 -10.92
C07 GQE AA . 9.96 21.07 -11.53
O08 GQE AA . 10.97 21.03 -10.83
N09 GQE AA . 10.15 21.20 -12.94
O10 GQE AA . 11.34 21.31 -13.46
C1 GOL BA . 16.14 28.53 -5.90
O1 GOL BA . 16.51 29.63 -6.73
C2 GOL BA . 17.26 28.16 -4.92
O2 GOL BA . 18.06 27.10 -5.42
C3 GOL BA . 16.69 27.88 -3.51
O3 GOL BA . 17.17 28.65 -2.41
C1 DMF CA . 36.28 25.34 -22.85
C2 DMF CA . 34.14 24.21 -22.12
C DMF CA . 36.33 23.49 -21.24
O DMF CA . 36.11 22.28 -21.12
N DMF CA . 35.61 24.31 -22.05
C1 DMF DA . 33.08 15.08 -8.73
C2 DMF DA . 35.41 15.78 -9.50
C DMF DA . 34.94 15.05 -7.22
O DMF DA . 36.16 14.99 -7.02
N DMF DA . 34.50 15.30 -8.44
ZN ZN EA . -26.94 11.14 -21.46
K K FA . -30.02 12.23 -15.18
K K GA . -26.34 7.92 -1.31
O15 GQE HA . -24.33 7.47 -27.91
C14 GQE HA . -25.50 7.81 -27.95
C16 GQE HA . -26.07 8.39 -29.20
C21 GQE HA . -25.22 9.16 -30.00
C20 GQE HA . -25.71 9.73 -31.17
C19 GQE HA . -27.04 9.55 -31.52
C18 GQE HA . -27.89 8.79 -30.71
C17 GQE HA . -27.41 8.22 -29.54
N13 GQE HA . -26.35 7.72 -26.80
C12 GQE HA . -25.91 7.31 -25.51
C03 GQE HA . -25.63 6.01 -25.13
O02 GQE HA . -25.77 4.98 -26.01
C01 GQE HA . -25.52 3.71 -25.53
C11 GQE HA . -25.75 8.36 -24.61
C06 GQE HA . -25.32 8.16 -23.31
C05 GQE HA . -25.05 6.84 -22.92
C04 GQE HA . -25.20 5.78 -23.83
C07 GQE HA . -25.20 9.35 -22.37
O08 GQE HA . -25.11 10.51 -22.80
N09 GQE HA . -25.26 9.16 -20.95
O10 GQE HA . -25.19 10.15 -20.10
C1 DMF IA . -7.93 21.13 -30.46
C2 DMF IA . -9.67 22.19 -31.98
C DMF IA . -9.35 19.78 -31.93
O DMF IA . -10.12 19.72 -32.90
N DMF IA . -9.00 20.99 -31.46
C1 DMF JA . -7.35 23.68 -7.82
C2 DMF JA . -5.74 23.84 -9.77
C DMF JA . -5.72 21.91 -8.28
O DMF JA . -4.56 21.67 -8.58
N DMF JA . -6.26 23.08 -8.61
#